data_6MCB
#
_entry.id   6MCB
#
_cell.length_a   1
_cell.length_b   1
_cell.length_c   1
_cell.angle_alpha   90.00
_cell.angle_beta   90.00
_cell.angle_gamma   90.00
#
_symmetry.space_group_name_H-M   'P 1'
#
loop_
_entity.id
_entity.type
_entity.pdbx_description
1 polymer 'Single guide RNA (116-MER)'
2 polymer 'CRISPR-associated endonuclease Cas9'
3 polymer 'Anti-CRISPR protein AcrIIA2'
#
loop_
_entity_poly.entity_id
_entity_poly.type
_entity_poly.pdbx_seq_one_letter_code
_entity_poly.pdbx_strand_id
1 'polyribonucleotide'
;(GTP)GCGCAUAAAGAUGAGACGCGUUUUAGAGCUAUGCUGUUUUGAAAAAAACAGCAUAGCAAGUUAAAAUAAGGCUAG
UCCGUUAUCAACUUGAAAAAGUGGCACCGAGUCGGUGCUU
;
B
2 'polypeptide(L)'
;MDKKYSIGLDIGTNSVGWAVITDDYKVPSKKFKVLGNTDRHSIKKNLIGALLFDSGETAEATRLKRTARRRYTRRKNRIC
YLQEIFSNEMAKVDDSFFHRLEESFLVEEDKKHERHPIFGNIVDEVAYHEKYPTIYHLRKKLVDSTDKADLRLIYLALAH
MIKFRGHFLIEGDLNPDNSDVDKLFIQLVQTYNQLFEENPINASGVDAKAILSARLSKSRRLENLIAQLPGEKKNGLFGN
LIALSLGLTPNFKSNFDLAEDAKLQLSKDTYDDDLDNLLAQIGDQYADLFLAAKNLSDAILLSDILRVNTEITKAPLSAS
MIKRYDEHHQDLTLLKALVRQQLPEKYKEIFFDQSKNGYAGYIDGGASQEEFYKFIKPILEKMDGTEELLVKLNREDLLR
KQRTFDNGSIPHQIHLGELHAILRRQEDFYPFLKDNREKIEKILTFRIPYYVGPLARGNSRFAWMTRKSEETITPWNFEE
VVDKGASAQSFIERMTNFDKNLPNEKVLPKHSLLYEYFTVYNELTKVKYVTEGMRKPAFLSGEQKKAIVDLLFKTNRKVT
VKQLKEDYFKKIECFDSVEISGVEDRFNASLGTYHDLLKIIKDKDFLDNEENEDILEDIVLTLTLFEDREMIEERLKTYA
HLFDDKVMKQLKRRRYTGWGRLSRKLINGIRDKQSGKTILDFLKSDGFANRNFMQLIHDDSLTFKEDIQKAQVSGQGDSL
HEHIANLAGSPAIKKGILQTVKVVDELVKVMGRHKPENIVIEMARENQTTQKGQKNSRERMKRIEEGIKELGSQILKEHP
VENTQLQNEKLYLYYLQNGRDMYVDQELDINRLSDYDVDHIVPQSFLKDDSIDNKVLTRSDKNRGKSDNVPSEEVVKKMK
NYWRQLLNAKLITQRKFDNLTKAERGGLSELDKAGFIKRQLVETRQITKHVAQILDSRMNTKYDENDKLIREVKVITLKS
KLVSDFRKDFQFYKVREINNYHHAHDAYLNAVVGTALIKKYPKLESEFVYGDYKVYDVRKMIAKSEQEIGKATAKYFFYS
NIMNFFKTEITLANGEIRKRPLIETNGETGEIVWDKGRDFATVRKVLSMPQVNIVKKTEVQTGGFSKESILPKRNSDKLI
ARKKDWDPKKYGGFDSPTVAYSVLVVAKVEKGKSKKLKSVKELLGITIMERSSFEKNPIDFLEAKGYKEVKKDLIIKLPK
YSLFELENGRKRMLASAGELQKGNELALPSKYVNFLYLASHYEKLKGSPEDNEQKQLFVEQHKHYLDEIIEQISEFSKRV
ILADANLDKVLSAYNKHRDKPIREQAENIIHLFTLTNLGAPAAFKYFDTTIDRKRYTSTKEVLDATLIHQSITGLYETRI
DLSQLGGD
;
A
3 'polypeptide(L)'
;MTLTRAQKKYAEAMHEFINMVDDFEESTPDFAKEVLHDSDYVVITKNEKYAVALCSLSTDECEYDTNLYLDEKLVDYSTV
DVNGVTYYINIVETNDIDDLEIATDEDEMKSGNQEIILKSELK
;
C
#
# COMPACT_ATOMS: atom_id res chain seq x y z
N LYS B 3 17.82 -14.09 39.50
CA LYS B 3 16.97 -12.91 39.51
C LYS B 3 15.89 -13.01 38.45
N LYS B 4 14.63 -12.93 38.88
CA LYS B 4 13.52 -12.93 37.94
C LYS B 4 13.51 -11.61 37.18
N TYR B 5 13.01 -11.64 35.96
CA TYR B 5 12.95 -10.45 35.13
C TYR B 5 11.87 -10.65 34.08
N SER B 6 11.64 -9.63 33.28
CA SER B 6 10.69 -9.71 32.19
C SER B 6 11.28 -8.98 31.00
N ILE B 7 10.60 -9.07 29.86
CA ILE B 7 11.06 -8.42 28.64
C ILE B 7 9.84 -7.78 27.99
N GLY B 8 9.94 -6.48 27.71
CA GLY B 8 8.89 -5.79 27.01
C GLY B 8 9.29 -5.56 25.55
N LEU B 9 8.35 -5.77 24.65
CA LEU B 9 8.68 -5.69 23.23
C LEU B 9 7.68 -4.81 22.51
N ASP B 10 8.20 -3.86 21.73
CA ASP B 10 7.43 -3.05 20.81
C ASP B 10 7.85 -3.39 19.39
N ILE B 11 6.96 -4.08 18.67
CA ILE B 11 7.24 -4.52 17.30
C ILE B 11 6.63 -3.53 16.34
N GLY B 12 7.41 -3.08 15.38
CA GLY B 12 6.89 -2.18 14.37
C GLY B 12 7.44 -2.53 13.02
N THR B 13 7.10 -1.75 12.00
CA THR B 13 7.62 -2.02 10.67
C THR B 13 9.05 -1.59 10.51
N ASN B 14 9.42 -0.45 11.10
CA ASN B 14 10.77 0.09 10.98
C ASN B 14 11.55 0.03 12.28
N SER B 15 11.00 -0.59 13.31
CA SER B 15 11.63 -0.51 14.63
C SER B 15 11.17 -1.65 15.50
N VAL B 16 12.10 -2.24 16.21
CA VAL B 16 11.80 -3.19 17.27
C VAL B 16 12.32 -2.59 18.56
N GLY B 17 11.42 -2.35 19.51
CA GLY B 17 11.79 -1.80 20.78
C GLY B 17 11.79 -2.89 21.84
N TRP B 18 12.86 -2.96 22.61
CA TRP B 18 13.04 -4.02 23.58
C TRP B 18 13.48 -3.44 24.92
N ALA B 19 12.89 -3.94 25.99
CA ALA B 19 13.18 -3.37 27.29
C ALA B 19 13.06 -4.45 28.34
N VAL B 20 14.02 -4.47 29.26
CA VAL B 20 14.13 -5.50 30.27
C VAL B 20 13.85 -4.86 31.62
N ILE B 21 12.97 -5.46 32.41
CA ILE B 21 12.65 -4.92 33.72
C ILE B 21 12.80 -6.01 34.77
N THR B 22 12.80 -5.59 36.02
CA THR B 22 12.93 -6.45 37.19
C THR B 22 11.67 -6.33 38.03
N ASP B 23 11.75 -6.84 39.27
CA ASP B 23 10.65 -6.68 40.23
C ASP B 23 10.36 -5.21 40.51
N ASP B 24 11.38 -4.45 40.87
CA ASP B 24 11.21 -3.05 41.25
C ASP B 24 11.18 -2.11 40.05
N TYR B 25 10.92 -2.62 38.85
CA TYR B 25 10.65 -1.91 37.60
C TYR B 25 11.84 -1.13 37.06
N LYS B 26 13.00 -1.17 37.71
CA LYS B 26 14.19 -0.57 37.13
C LYS B 26 14.66 -1.41 35.96
N VAL B 27 15.13 -0.76 34.91
CA VAL B 27 15.86 -1.48 33.88
C VAL B 27 17.22 -1.81 34.49
N PRO B 28 17.83 -2.92 34.15
CA PRO B 28 19.09 -3.28 34.81
C PRO B 28 20.26 -2.46 34.32
N SER B 29 21.45 -2.82 34.78
CA SER B 29 22.64 -2.02 34.51
C SER B 29 23.81 -2.99 34.60
N LYS B 30 24.33 -3.43 33.46
CA LYS B 30 25.24 -4.57 33.42
C LYS B 30 26.47 -4.25 32.60
N LYS B 31 27.63 -4.22 33.26
CA LYS B 31 28.89 -3.89 32.62
C LYS B 31 29.28 -4.99 31.64
N PHE B 32 29.43 -4.63 30.37
CA PHE B 32 29.59 -5.59 29.29
C PHE B 32 31.02 -5.61 28.77
N LYS B 33 31.51 -6.82 28.54
CA LYS B 33 32.82 -7.02 27.92
C LYS B 33 32.78 -6.52 26.48
N VAL B 34 33.91 -6.00 26.01
CA VAL B 34 34.03 -5.46 24.66
C VAL B 34 35.28 -6.05 24.02
N LEU B 35 35.10 -6.75 22.92
CA LEU B 35 36.23 -7.31 22.19
C LEU B 35 36.84 -6.26 21.26
N GLY B 36 37.71 -6.71 20.37
CA GLY B 36 38.38 -5.83 19.44
C GLY B 36 39.79 -5.52 19.90
N ASN B 37 40.22 -4.29 19.62
CA ASN B 37 41.57 -3.90 20.00
C ASN B 37 41.65 -2.48 20.56
N THR B 38 40.53 -1.85 20.86
CA THR B 38 40.59 -0.57 21.54
C THR B 38 40.90 -0.78 23.02
N ASP B 39 41.13 0.33 23.73
CA ASP B 39 41.52 0.26 25.13
C ASP B 39 40.37 0.39 26.10
N ARG B 40 39.14 0.53 25.63
CA ARG B 40 38.00 0.42 26.53
C ARG B 40 37.56 -1.04 26.58
N HIS B 41 37.71 -1.65 27.75
CA HIS B 41 37.51 -3.08 27.92
C HIS B 41 36.22 -3.44 28.63
N SER B 42 35.43 -2.45 29.04
CA SER B 42 34.18 -2.71 29.73
C SER B 42 33.26 -1.53 29.50
N ILE B 43 32.09 -1.77 28.91
CA ILE B 43 31.11 -0.71 28.71
C ILE B 43 29.91 -1.00 29.56
N LYS B 44 29.58 -0.07 30.46
CA LYS B 44 28.30 -0.12 31.15
C LYS B 44 27.21 0.24 30.16
N LYS B 45 26.13 -0.53 30.14
CA LYS B 45 25.00 -0.22 29.26
C LYS B 45 23.69 -0.49 29.97
N ASN B 46 22.71 0.36 29.72
CA ASN B 46 21.37 0.08 30.18
C ASN B 46 20.73 -0.96 29.29
N LEU B 47 19.99 -1.87 29.90
CA LEU B 47 19.28 -2.91 29.15
C LEU B 47 17.93 -2.42 28.66
N ILE B 48 17.92 -1.27 28.03
CA ILE B 48 16.78 -0.77 27.30
C ILE B 48 17.34 -0.28 25.97
N GLY B 49 16.54 -0.35 24.93
CA GLY B 49 17.03 0.09 23.64
C GLY B 49 16.09 -0.32 22.54
N ALA B 50 16.49 -0.04 21.32
CA ALA B 50 15.67 -0.44 20.20
C ALA B 50 16.56 -0.84 19.05
N LEU B 51 15.96 -1.52 18.10
CA LEU B 51 16.64 -1.87 16.85
C LEU B 51 15.94 -1.10 15.75
N LEU B 52 16.73 -0.39 14.94
CA LEU B 52 16.19 0.39 13.84
C LEU B 52 16.66 -0.21 12.53
N PHE B 53 15.71 -0.43 11.63
CA PHE B 53 15.98 -1.10 10.38
C PHE B 53 14.97 -0.59 9.37
N ASP B 54 15.44 -0.35 8.16
CA ASP B 54 14.53 0.09 7.12
C ASP B 54 13.64 -1.05 6.67
N SER B 55 12.48 -0.69 6.11
CA SER B 55 11.34 -1.58 6.00
C SER B 55 11.62 -2.77 5.11
N GLY B 56 10.99 -3.89 5.45
CA GLY B 56 11.07 -5.05 4.60
C GLY B 56 10.21 -4.85 3.37
N GLU B 57 10.84 -4.67 2.22
CA GLU B 57 10.09 -4.43 1.00
C GLU B 57 9.49 -5.72 0.49
N THR B 58 8.26 -5.63 -0.03
CA THR B 58 7.53 -6.79 -0.47
C THR B 58 8.10 -7.33 -1.77
N ALA B 59 7.72 -8.55 -2.12
CA ALA B 59 8.38 -9.28 -3.20
C ALA B 59 7.74 -9.06 -4.55
N GLU B 60 6.82 -8.12 -4.68
CA GLU B 60 6.12 -8.03 -5.96
C GLU B 60 6.85 -7.14 -6.94
N ALA B 61 7.76 -6.29 -6.45
CA ALA B 61 8.65 -5.57 -7.36
C ALA B 61 9.56 -6.53 -8.10
N THR B 62 10.05 -7.55 -7.39
CA THR B 62 10.84 -8.58 -8.04
C THR B 62 9.99 -9.40 -8.99
N ARG B 63 8.72 -9.62 -8.66
CA ARG B 63 7.85 -10.36 -9.58
C ARG B 63 7.63 -9.58 -10.87
N LEU B 64 7.50 -8.26 -10.77
CA LEU B 64 7.38 -7.44 -11.97
C LEU B 64 8.64 -7.49 -12.81
N LYS B 65 9.81 -7.36 -12.17
CA LYS B 65 11.05 -7.41 -12.93
C LYS B 65 11.32 -8.80 -13.49
N ARG B 66 10.86 -9.84 -12.81
CA ARG B 66 11.12 -11.21 -13.27
C ARG B 66 10.21 -11.58 -14.42
N THR B 67 8.93 -11.24 -14.34
CA THR B 67 8.10 -11.51 -15.50
C THR B 67 8.47 -10.62 -16.68
N ALA B 68 9.04 -9.45 -16.44
CA ALA B 68 9.57 -8.67 -17.56
C ALA B 68 10.79 -9.36 -18.18
N ARG B 69 11.67 -9.92 -17.35
CA ARG B 69 12.82 -10.68 -17.86
C ARG B 69 12.36 -11.87 -18.67
N ARG B 70 11.33 -12.55 -18.20
CA ARG B 70 10.82 -13.70 -18.93
C ARG B 70 10.23 -13.29 -20.26
N ARG B 71 9.38 -12.26 -20.28
CA ARG B 71 8.73 -11.89 -21.54
C ARG B 71 9.71 -11.36 -22.57
N TYR B 72 10.79 -10.71 -22.11
CA TYR B 72 11.84 -10.32 -23.02
C TYR B 72 12.59 -11.54 -23.57
N THR B 73 12.81 -12.56 -22.73
CA THR B 73 13.51 -13.75 -23.21
C THR B 73 12.62 -14.57 -24.15
N ARG B 74 11.32 -14.64 -23.87
CA ARG B 74 10.42 -15.34 -24.78
C ARG B 74 10.30 -14.63 -26.10
N ARG B 75 10.31 -13.28 -26.10
CA ARG B 75 10.19 -12.56 -27.36
C ARG B 75 11.46 -12.69 -28.19
N LYS B 76 12.63 -12.62 -27.54
CA LYS B 76 13.88 -12.90 -28.23
C LYS B 76 13.90 -14.31 -28.79
N ASN B 77 13.33 -15.27 -28.08
CA ASN B 77 13.33 -16.60 -28.66
C ASN B 77 12.29 -16.77 -29.75
N ARG B 78 11.22 -15.98 -29.77
CA ARG B 78 10.36 -15.98 -30.96
C ARG B 78 11.10 -15.47 -32.18
N ILE B 79 11.88 -14.40 -32.00
CA ILE B 79 12.75 -13.91 -33.07
C ILE B 79 13.75 -14.97 -33.50
N CYS B 80 14.33 -15.70 -32.55
CA CYS B 80 15.32 -16.69 -32.90
C CYS B 80 14.68 -17.90 -33.58
N TYR B 81 13.42 -18.20 -33.25
CA TYR B 81 12.70 -19.25 -33.97
C TYR B 81 12.48 -18.86 -35.42
N LEU B 82 12.08 -17.61 -35.65
CA LEU B 82 11.87 -17.18 -37.03
C LEU B 82 13.18 -17.12 -37.80
N GLN B 83 14.26 -16.73 -37.13
CA GLN B 83 15.56 -16.70 -37.80
C GLN B 83 16.05 -18.10 -38.12
N GLU B 84 15.87 -19.06 -37.22
CA GLU B 84 16.37 -20.40 -37.52
C GLU B 84 15.46 -21.08 -38.54
N ILE B 85 14.25 -20.58 -38.73
CA ILE B 85 13.52 -20.98 -39.93
C ILE B 85 14.21 -20.40 -41.16
N PHE B 86 14.24 -19.07 -41.29
CA PHE B 86 14.66 -18.40 -42.53
C PHE B 86 16.12 -18.60 -42.92
N SER B 87 16.96 -19.07 -42.00
CA SER B 87 18.41 -18.89 -42.12
C SER B 87 19.03 -19.60 -43.32
N ASN B 88 18.48 -20.74 -43.73
CA ASN B 88 19.05 -21.48 -44.85
C ASN B 88 18.91 -20.72 -46.16
N GLU B 89 17.69 -20.37 -46.53
CA GLU B 89 17.55 -19.65 -47.79
C GLU B 89 17.88 -18.18 -47.64
N MET B 90 18.02 -17.67 -46.41
CA MET B 90 18.64 -16.36 -46.26
C MET B 90 20.11 -16.39 -46.61
N ALA B 91 20.84 -17.38 -46.09
CA ALA B 91 22.23 -17.56 -46.51
C ALA B 91 22.35 -17.87 -48.00
N LYS B 92 21.29 -18.40 -48.61
CA LYS B 92 21.22 -18.38 -50.07
C LYS B 92 21.09 -16.96 -50.62
N VAL B 93 20.27 -16.10 -50.00
CA VAL B 93 19.99 -14.78 -50.56
C VAL B 93 21.00 -13.73 -50.11
N ASP B 94 21.10 -13.49 -48.80
CA ASP B 94 22.05 -12.50 -48.29
C ASP B 94 22.85 -13.12 -47.16
N ASP B 95 24.17 -13.01 -47.25
CA ASP B 95 25.08 -13.77 -46.41
C ASP B 95 24.96 -13.37 -44.94
N SER B 96 25.25 -12.12 -44.63
CA SER B 96 25.35 -11.68 -43.25
C SER B 96 24.19 -10.79 -42.83
N PHE B 97 22.97 -11.07 -43.30
CA PHE B 97 21.83 -10.21 -42.99
C PHE B 97 21.42 -10.34 -41.53
N PHE B 98 21.32 -11.56 -41.03
CA PHE B 98 20.99 -11.74 -39.63
C PHE B 98 22.13 -11.32 -38.74
N HIS B 99 23.36 -11.41 -39.24
CA HIS B 99 24.49 -10.83 -38.52
C HIS B 99 24.33 -9.32 -38.37
N ARG B 100 23.97 -8.64 -39.46
CA ARG B 100 23.83 -7.19 -39.40
C ARG B 100 22.65 -6.77 -38.54
N LEU B 101 21.58 -7.55 -38.52
CA LEU B 101 20.53 -7.19 -37.57
C LEU B 101 20.93 -7.50 -36.14
N GLU B 102 21.85 -8.45 -35.94
CA GLU B 102 22.30 -8.73 -34.59
C GLU B 102 23.19 -7.63 -34.06
N GLU B 103 23.94 -6.95 -34.92
CA GLU B 103 24.85 -5.89 -34.50
C GLU B 103 24.38 -4.51 -34.94
N SER B 104 23.07 -4.37 -35.16
CA SER B 104 22.49 -3.09 -35.58
C SER B 104 22.68 -1.99 -34.57
N PHE B 105 22.91 -2.34 -33.32
CA PHE B 105 23.10 -1.38 -32.26
C PHE B 105 24.46 -0.70 -32.30
N LEU B 106 25.43 -1.26 -33.02
CA LEU B 106 26.81 -0.86 -32.80
C LEU B 106 27.20 0.41 -33.57
N VAL B 107 28.15 1.15 -33.00
CA VAL B 107 28.87 2.21 -33.70
C VAL B 107 29.62 1.62 -34.89
N GLU B 108 29.84 2.44 -35.93
CA GLU B 108 30.45 2.01 -37.19
C GLU B 108 31.82 1.37 -37.00
N GLU B 109 32.60 1.78 -36.00
CA GLU B 109 33.86 1.10 -35.74
C GLU B 109 33.64 -0.29 -35.18
N ASP B 110 32.73 -0.44 -34.21
CA ASP B 110 32.48 -1.76 -33.65
C ASP B 110 31.73 -2.66 -34.62
N LYS B 111 30.97 -2.08 -35.54
CA LYS B 111 30.17 -2.86 -36.46
C LYS B 111 31.09 -3.46 -37.52
N LYS B 112 31.25 -4.78 -37.50
CA LYS B 112 32.21 -5.44 -38.38
C LYS B 112 31.60 -5.89 -39.70
N HIS B 113 30.56 -5.20 -40.14
CA HIS B 113 29.98 -5.40 -41.47
C HIS B 113 29.70 -4.01 -42.03
N GLU B 114 28.89 -3.95 -43.08
CA GLU B 114 28.45 -2.65 -43.56
C GLU B 114 27.48 -2.03 -42.57
N ARG B 115 27.29 -0.73 -42.72
CA ARG B 115 26.54 0.04 -41.74
C ARG B 115 25.03 -0.14 -41.89
N HIS B 116 24.54 -0.32 -43.10
CA HIS B 116 23.09 -0.37 -43.32
C HIS B 116 22.57 -1.77 -43.05
N PRO B 117 21.65 -1.95 -42.10
CA PRO B 117 21.20 -3.30 -41.74
C PRO B 117 20.49 -4.04 -42.86
N ILE B 118 19.42 -3.46 -43.37
CA ILE B 118 18.79 -4.04 -44.53
C ILE B 118 19.65 -3.72 -45.73
N PHE B 119 19.68 -4.63 -46.72
CA PHE B 119 20.11 -4.36 -48.08
C PHE B 119 21.60 -4.04 -48.27
N GLY B 120 22.36 -3.92 -47.19
CA GLY B 120 23.80 -3.81 -47.29
C GLY B 120 24.37 -2.44 -47.56
N ASN B 121 24.34 -1.98 -48.80
CA ASN B 121 25.13 -0.83 -49.19
C ASN B 121 24.33 0.46 -49.04
N ILE B 122 24.87 1.56 -49.56
CA ILE B 122 24.32 2.89 -49.28
C ILE B 122 23.05 3.16 -50.08
N VAL B 123 22.98 2.74 -51.34
CA VAL B 123 21.90 3.16 -52.22
C VAL B 123 20.61 2.45 -51.86
N ASP B 124 20.69 1.15 -51.62
CA ASP B 124 19.51 0.33 -51.51
C ASP B 124 18.75 0.60 -50.22
N GLU B 125 19.47 0.94 -49.15
CA GLU B 125 18.81 1.29 -47.89
C GLU B 125 18.03 2.59 -48.00
N VAL B 126 18.60 3.57 -48.72
CA VAL B 126 17.93 4.84 -48.97
C VAL B 126 16.69 4.62 -49.83
N ALA B 127 16.82 3.81 -50.88
CA ALA B 127 15.67 3.49 -51.72
C ALA B 127 14.61 2.73 -50.95
N TYR B 128 15.02 1.90 -50.00
CA TYR B 128 14.06 1.21 -49.14
C TYR B 128 13.29 2.18 -48.26
N HIS B 129 13.97 3.14 -47.63
CA HIS B 129 13.23 4.05 -46.77
C HIS B 129 12.39 5.04 -47.56
N GLU B 130 12.79 5.34 -48.79
CA GLU B 130 11.91 6.16 -49.62
C GLU B 130 10.69 5.38 -50.08
N LYS B 131 10.86 4.08 -50.39
CA LYS B 131 9.73 3.29 -50.84
C LYS B 131 8.83 2.89 -49.68
N TYR B 132 9.39 2.69 -48.50
CA TYR B 132 8.62 2.31 -47.32
C TYR B 132 9.05 3.19 -46.17
N PRO B 133 8.34 4.27 -45.89
CA PRO B 133 8.84 5.20 -44.87
C PRO B 133 8.63 4.69 -43.46
N THR B 134 7.57 3.96 -43.19
CA THR B 134 7.48 3.17 -41.99
C THR B 134 7.47 1.70 -42.39
N ILE B 135 7.27 0.83 -41.42
CA ILE B 135 7.16 -0.59 -41.74
C ILE B 135 5.71 -0.98 -42.00
N TYR B 136 4.76 -0.14 -41.63
CA TYR B 136 3.38 -0.42 -41.97
C TYR B 136 3.12 -0.20 -43.44
N HIS B 137 3.92 0.63 -44.09
CA HIS B 137 3.91 0.66 -45.54
C HIS B 137 4.41 -0.65 -46.13
N LEU B 138 5.46 -1.21 -45.54
CA LEU B 138 5.99 -2.48 -45.99
C LEU B 138 4.99 -3.60 -45.80
N ARG B 139 4.33 -3.59 -44.66
CA ARG B 139 3.37 -4.61 -44.30
C ARG B 139 2.10 -4.47 -45.13
N LYS B 140 1.63 -3.25 -45.34
CA LYS B 140 0.51 -2.98 -46.23
C LYS B 140 0.85 -3.18 -47.68
N LYS B 141 2.12 -3.29 -48.03
CA LYS B 141 2.48 -3.71 -49.38
C LYS B 141 2.45 -5.22 -49.49
N LEU B 142 3.08 -5.91 -48.54
CA LEU B 142 3.21 -7.36 -48.63
C LEU B 142 1.87 -8.07 -48.47
N VAL B 143 0.93 -7.47 -47.76
CA VAL B 143 -0.43 -7.99 -47.81
C VAL B 143 -1.06 -7.70 -49.16
N ASP B 144 -1.02 -6.45 -49.59
CA ASP B 144 -1.71 -6.02 -50.81
C ASP B 144 -0.80 -6.05 -52.02
N SER B 145 -0.21 -7.21 -52.30
CA SER B 145 0.54 -7.39 -53.53
C SER B 145 0.36 -8.82 -54.00
N THR B 146 0.71 -9.05 -55.25
CA THR B 146 0.64 -10.37 -55.82
C THR B 146 1.98 -10.87 -56.33
N ASP B 147 2.86 -9.96 -56.78
CA ASP B 147 4.19 -10.37 -57.15
C ASP B 147 5.04 -10.67 -55.91
N LYS B 148 6.22 -11.25 -56.15
CA LYS B 148 7.10 -11.65 -55.08
C LYS B 148 7.73 -10.44 -54.42
N ALA B 149 8.37 -10.68 -53.29
CA ALA B 149 9.07 -9.62 -52.58
C ALA B 149 10.40 -10.18 -52.12
N ASP B 150 11.29 -9.28 -51.73
CA ASP B 150 12.60 -9.70 -51.28
C ASP B 150 12.50 -10.40 -49.94
N LEU B 151 13.33 -11.42 -49.76
CA LEU B 151 13.14 -12.34 -48.65
C LEU B 151 13.50 -11.72 -47.30
N ARG B 152 14.61 -10.99 -47.23
CA ARG B 152 14.94 -10.28 -45.99
C ARG B 152 13.93 -9.21 -45.69
N LEU B 153 13.30 -8.67 -46.72
CA LEU B 153 12.24 -7.69 -46.53
C LEU B 153 10.99 -8.37 -45.98
N ILE B 154 10.72 -9.60 -46.43
CA ILE B 154 9.62 -10.37 -45.84
C ILE B 154 9.94 -10.73 -44.40
N TYR B 155 11.22 -11.01 -44.10
CA TYR B 155 11.63 -11.28 -42.73
C TYR B 155 11.40 -10.06 -41.84
N LEU B 156 11.70 -8.87 -42.35
CA LEU B 156 11.42 -7.66 -41.60
C LEU B 156 9.94 -7.51 -41.29
N ALA B 157 9.09 -7.79 -42.28
CA ALA B 157 7.66 -7.77 -42.04
C ALA B 157 7.26 -8.76 -40.96
N LEU B 158 7.68 -10.02 -41.10
CA LEU B 158 7.20 -11.05 -40.19
C LEU B 158 7.80 -10.92 -38.80
N ALA B 159 9.06 -10.48 -38.71
CA ALA B 159 9.66 -10.24 -37.42
C ALA B 159 9.04 -9.06 -36.74
N HIS B 160 8.58 -8.07 -37.49
CA HIS B 160 7.78 -7.04 -36.84
C HIS B 160 6.40 -7.54 -36.47
N MET B 161 5.88 -8.56 -37.15
CA MET B 161 4.62 -9.13 -36.72
C MET B 161 4.77 -9.86 -35.39
N ILE B 162 5.83 -10.66 -35.26
CA ILE B 162 5.92 -11.60 -34.15
C ILE B 162 6.74 -11.04 -33.00
N LYS B 163 7.41 -9.89 -33.14
CA LYS B 163 7.78 -9.18 -31.93
C LYS B 163 6.57 -8.54 -31.30
N PHE B 164 5.94 -7.64 -32.04
CA PHE B 164 4.89 -6.79 -31.51
C PHE B 164 3.58 -7.38 -32.03
N ARG B 165 2.93 -8.18 -31.20
CA ARG B 165 1.80 -8.99 -31.66
C ARG B 165 0.48 -8.75 -30.96
N GLY B 166 0.38 -7.83 -30.02
CA GLY B 166 -0.92 -7.44 -29.49
C GLY B 166 -1.46 -8.41 -28.46
N HIS B 167 -2.47 -7.95 -27.74
CA HIS B 167 -2.96 -8.68 -26.58
C HIS B 167 -3.73 -9.93 -26.99
N PHE B 168 -3.63 -10.95 -26.15
CA PHE B 168 -4.38 -12.19 -26.34
C PHE B 168 -5.69 -12.21 -25.59
N LEU B 169 -6.16 -11.05 -25.11
CA LEU B 169 -7.15 -11.01 -24.03
C LEU B 169 -8.52 -11.47 -24.47
N ILE B 170 -8.86 -11.37 -25.72
CA ILE B 170 -10.09 -11.99 -26.17
C ILE B 170 -9.73 -13.28 -26.87
N GLU B 171 -10.57 -14.30 -26.70
CA GLU B 171 -10.22 -15.66 -27.07
C GLU B 171 -11.15 -16.15 -28.16
N GLY B 172 -10.58 -16.81 -29.16
CA GLY B 172 -11.32 -17.24 -30.32
C GLY B 172 -10.89 -16.51 -31.56
N ASP B 173 -11.85 -15.98 -32.31
CA ASP B 173 -11.56 -15.07 -33.39
C ASP B 173 -12.30 -13.76 -33.16
N LEU B 174 -12.11 -12.84 -34.09
CA LEU B 174 -12.76 -11.55 -34.04
C LEU B 174 -14.19 -11.63 -34.52
N ASN B 175 -15.04 -12.33 -33.79
CA ASN B 175 -16.44 -12.26 -34.12
C ASN B 175 -17.02 -10.95 -33.61
N PRO B 176 -18.16 -10.51 -34.14
CA PRO B 176 -18.75 -9.25 -33.64
C PRO B 176 -19.31 -9.30 -32.23
N ASP B 177 -19.30 -10.46 -31.57
CA ASP B 177 -19.78 -10.55 -30.20
C ASP B 177 -18.77 -10.06 -29.18
N ASN B 178 -17.49 -9.98 -29.54
CA ASN B 178 -16.51 -9.41 -28.62
C ASN B 178 -15.73 -8.24 -29.20
N SER B 179 -16.06 -7.78 -30.40
CA SER B 179 -15.40 -6.56 -30.88
C SER B 179 -16.30 -5.52 -31.53
N ASP B 180 -17.44 -5.89 -32.11
CA ASP B 180 -18.35 -4.88 -32.63
C ASP B 180 -19.05 -4.22 -31.46
N VAL B 181 -18.85 -2.90 -31.31
CA VAL B 181 -19.18 -2.23 -30.07
C VAL B 181 -20.67 -2.07 -29.85
N ASP B 182 -21.51 -2.39 -30.83
CA ASP B 182 -22.93 -2.52 -30.57
C ASP B 182 -23.19 -3.67 -29.62
N LYS B 183 -22.54 -4.82 -29.86
CA LYS B 183 -22.69 -5.96 -28.97
C LYS B 183 -22.07 -5.71 -27.61
N LEU B 184 -20.95 -5.00 -27.55
CA LEU B 184 -20.32 -4.71 -26.26
C LEU B 184 -21.16 -3.73 -25.45
N PHE B 185 -21.71 -2.72 -26.10
CA PHE B 185 -22.54 -1.76 -25.39
C PHE B 185 -23.86 -2.38 -24.95
N ILE B 186 -24.46 -3.23 -25.78
CA ILE B 186 -25.68 -3.87 -25.33
C ILE B 186 -25.37 -4.91 -24.27
N GLN B 187 -24.14 -5.44 -24.23
CA GLN B 187 -23.75 -6.31 -23.13
C GLN B 187 -23.61 -5.51 -21.83
N LEU B 188 -23.10 -4.28 -21.93
CA LEU B 188 -23.04 -3.42 -20.75
C LEU B 188 -24.43 -3.04 -20.25
N VAL B 189 -25.35 -2.79 -21.17
CA VAL B 189 -26.73 -2.50 -20.79
C VAL B 189 -27.38 -3.72 -20.13
N GLN B 190 -27.11 -4.93 -20.67
CA GLN B 190 -27.59 -6.16 -20.06
C GLN B 190 -27.04 -6.35 -18.65
N THR B 191 -25.76 -6.01 -18.47
CA THR B 191 -25.15 -6.08 -17.14
C THR B 191 -25.79 -5.09 -16.18
N TYR B 192 -26.05 -3.88 -16.65
CA TYR B 192 -26.61 -2.84 -15.80
C TYR B 192 -28.05 -3.16 -15.40
N ASN B 193 -28.86 -3.65 -16.34
CA ASN B 193 -30.23 -4.02 -16.00
C ASN B 193 -30.27 -5.30 -15.19
N GLN B 194 -29.31 -6.20 -15.41
CA GLN B 194 -29.19 -7.38 -14.57
C GLN B 194 -28.81 -7.01 -13.15
N LEU B 195 -28.12 -5.90 -12.98
CA LEU B 195 -27.72 -5.52 -11.63
C LEU B 195 -28.82 -4.73 -10.93
N PHE B 196 -29.27 -3.62 -11.51
CA PHE B 196 -30.14 -2.72 -10.75
C PHE B 196 -31.60 -3.16 -10.72
N GLU B 197 -32.25 -3.17 -11.89
CA GLU B 197 -33.63 -3.55 -12.17
C GLU B 197 -34.64 -2.52 -11.64
N GLU B 198 -34.18 -1.57 -10.83
CA GLU B 198 -34.91 -0.33 -10.58
C GLU B 198 -34.09 0.82 -11.10
N ASN B 199 -34.78 1.78 -11.71
CA ASN B 199 -34.27 2.59 -12.82
C ASN B 199 -33.50 1.71 -13.81
N PRO B 200 -34.16 0.85 -14.60
CA PRO B 200 -33.43 0.13 -15.65
C PRO B 200 -33.38 0.95 -16.92
N ILE B 201 -32.20 1.07 -17.51
CA ILE B 201 -32.05 1.91 -18.70
C ILE B 201 -32.34 1.07 -19.93
N ASN B 202 -32.95 1.70 -20.92
CA ASN B 202 -33.47 0.99 -22.08
C ASN B 202 -32.70 1.45 -23.31
N ALA B 203 -32.00 0.53 -23.94
CA ALA B 203 -31.09 0.83 -25.04
C ALA B 203 -31.61 0.26 -26.35
N SER B 204 -32.91 0.38 -26.59
CA SER B 204 -33.51 -0.19 -27.78
C SER B 204 -33.18 0.62 -29.03
N GLY B 205 -33.23 1.94 -28.93
CA GLY B 205 -33.08 2.77 -30.10
C GLY B 205 -31.72 3.38 -30.29
N VAL B 206 -30.79 3.11 -29.37
CA VAL B 206 -29.46 3.69 -29.50
C VAL B 206 -28.69 3.00 -30.63
N ASP B 207 -27.72 3.73 -31.16
CA ASP B 207 -26.82 3.23 -32.21
C ASP B 207 -25.42 3.48 -31.66
N ALA B 208 -24.91 2.54 -30.87
CA ALA B 208 -23.67 2.78 -30.17
C ALA B 208 -22.46 2.75 -31.08
N LYS B 209 -22.55 2.07 -32.22
CA LYS B 209 -21.42 2.02 -33.14
C LYS B 209 -21.20 3.37 -33.81
N ALA B 210 -22.23 3.91 -34.44
CA ALA B 210 -22.11 5.15 -35.20
C ALA B 210 -22.04 6.39 -34.31
N ILE B 211 -22.10 6.24 -33.00
CA ILE B 211 -21.98 7.35 -32.07
C ILE B 211 -20.70 7.24 -31.25
N LEU B 212 -20.51 6.10 -30.58
CA LEU B 212 -19.32 5.86 -29.80
C LEU B 212 -18.10 5.52 -30.65
N SER B 213 -18.24 5.33 -31.95
CA SER B 213 -17.09 5.00 -32.77
C SER B 213 -16.84 6.01 -33.89
N ALA B 214 -17.73 6.96 -34.08
CA ALA B 214 -17.59 7.93 -35.15
C ALA B 214 -16.50 8.94 -34.84
N ARG B 215 -16.09 9.67 -35.88
CA ARG B 215 -15.07 10.69 -35.74
C ARG B 215 -15.63 11.93 -35.05
N LEU B 216 -15.24 12.13 -33.80
CA LEU B 216 -15.61 13.31 -33.03
C LEU B 216 -14.61 13.43 -31.88
N SER B 217 -14.75 14.49 -31.08
CA SER B 217 -14.01 14.57 -29.85
C SER B 217 -14.68 13.70 -28.79
N LYS B 218 -13.97 13.40 -27.71
CA LYS B 218 -14.38 12.35 -26.79
C LYS B 218 -15.59 12.75 -25.97
N SER B 219 -15.59 13.96 -25.42
CA SER B 219 -16.72 14.40 -24.60
C SER B 219 -17.95 14.63 -25.45
N ARG B 220 -17.77 15.18 -26.65
CA ARG B 220 -18.88 15.32 -27.58
C ARG B 220 -19.41 13.97 -28.02
N ARG B 221 -18.52 12.99 -28.14
CA ARG B 221 -18.93 11.61 -28.36
C ARG B 221 -19.73 11.09 -27.18
N LEU B 222 -19.42 11.55 -25.96
CA LEU B 222 -20.12 11.08 -24.78
C LEU B 222 -21.55 11.61 -24.74
N GLU B 223 -21.73 12.92 -24.91
CA GLU B 223 -23.05 13.49 -24.65
C GLU B 223 -24.09 13.13 -25.70
N ASN B 224 -23.67 12.78 -26.91
CA ASN B 224 -24.62 12.31 -27.93
C ASN B 224 -25.30 11.03 -27.47
N LEU B 225 -24.55 10.16 -26.79
CA LEU B 225 -25.09 8.87 -26.38
C LEU B 225 -26.12 9.03 -25.27
N ILE B 226 -25.85 9.91 -24.30
CA ILE B 226 -26.83 10.15 -23.26
C ILE B 226 -28.01 10.95 -23.82
N ALA B 227 -27.78 11.70 -24.89
CA ALA B 227 -28.91 12.31 -25.59
C ALA B 227 -29.79 11.27 -26.28
N GLN B 228 -29.21 10.13 -26.67
CA GLN B 228 -30.01 9.10 -27.33
C GLN B 228 -30.99 8.44 -26.37
N LEU B 229 -30.48 7.78 -25.33
CA LEU B 229 -31.34 7.17 -24.33
C LEU B 229 -32.05 8.27 -23.54
N PRO B 230 -33.22 7.99 -22.92
CA PRO B 230 -34.04 9.08 -22.35
C PRO B 230 -33.40 9.85 -21.21
N GLY B 231 -32.28 9.38 -20.68
CA GLY B 231 -31.43 10.28 -19.95
C GLY B 231 -31.30 9.88 -18.50
N GLU B 232 -30.07 9.59 -18.08
CA GLU B 232 -29.80 9.40 -16.67
C GLU B 232 -29.12 10.63 -16.09
N LYS B 233 -27.94 10.97 -16.59
CA LYS B 233 -27.20 12.21 -16.37
C LYS B 233 -25.92 12.06 -17.17
N LYS B 234 -25.20 13.16 -17.31
CA LYS B 234 -23.81 13.09 -17.75
C LYS B 234 -22.88 12.80 -16.60
N ASN B 235 -23.39 12.77 -15.37
CA ASN B 235 -22.63 12.38 -14.20
C ASN B 235 -23.29 11.25 -13.44
N GLY B 236 -24.24 10.56 -14.07
CA GLY B 236 -24.86 9.38 -13.48
C GLY B 236 -23.90 8.22 -13.52
N LEU B 237 -24.37 7.06 -13.03
CA LEU B 237 -23.50 5.89 -13.04
C LEU B 237 -23.25 5.42 -14.46
N PHE B 238 -24.30 5.36 -15.28
CA PHE B 238 -24.11 4.88 -16.63
C PHE B 238 -23.38 5.91 -17.48
N GLY B 239 -23.60 7.18 -17.21
CA GLY B 239 -22.90 8.21 -17.96
C GLY B 239 -21.41 8.26 -17.61
N ASN B 240 -21.10 8.19 -16.32
CA ASN B 240 -19.69 8.13 -15.92
C ASN B 240 -19.07 6.80 -16.32
N LEU B 241 -19.89 5.79 -16.54
CA LEU B 241 -19.38 4.49 -16.94
C LEU B 241 -19.03 4.50 -18.43
N ILE B 242 -19.86 5.12 -19.26
CA ILE B 242 -19.48 5.41 -20.64
C ILE B 242 -18.27 6.33 -20.70
N ALA B 243 -18.17 7.26 -19.75
CA ALA B 243 -16.99 8.12 -19.67
C ALA B 243 -15.73 7.33 -19.41
N LEU B 244 -15.80 6.37 -18.49
CA LEU B 244 -14.70 5.44 -18.27
C LEU B 244 -14.43 4.62 -19.52
N SER B 245 -15.49 4.27 -20.26
CA SER B 245 -15.34 3.50 -21.48
C SER B 245 -14.77 4.31 -22.64
N LEU B 246 -14.72 5.62 -22.54
CA LEU B 246 -14.19 6.38 -23.66
C LEU B 246 -12.75 6.82 -23.46
N GLY B 247 -12.25 6.84 -22.24
CA GLY B 247 -10.88 7.21 -21.96
C GLY B 247 -10.74 8.42 -21.08
N LEU B 248 -11.77 9.26 -20.98
CA LEU B 248 -11.70 10.44 -20.13
C LEU B 248 -12.17 10.10 -18.73
N THR B 249 -11.59 10.77 -17.74
CA THR B 249 -11.74 10.40 -16.34
C THR B 249 -13.13 10.76 -15.85
N PRO B 250 -13.90 9.83 -15.33
CA PRO B 250 -15.09 10.18 -14.56
C PRO B 250 -14.72 10.24 -13.09
N ASN B 251 -15.69 10.63 -12.28
CA ASN B 251 -15.50 10.74 -10.85
C ASN B 251 -16.70 10.08 -10.18
N PHE B 252 -16.49 8.90 -9.62
CA PHE B 252 -17.59 8.06 -9.15
C PHE B 252 -18.07 8.40 -7.75
N LYS B 253 -17.59 9.47 -7.13
CA LYS B 253 -17.97 9.73 -5.75
C LYS B 253 -19.38 10.28 -5.66
N SER B 254 -19.97 10.68 -6.78
CA SER B 254 -21.33 11.18 -6.74
C SER B 254 -22.35 10.11 -7.10
N ASN B 255 -21.89 9.03 -7.74
CA ASN B 255 -22.83 8.03 -8.24
C ASN B 255 -23.24 7.08 -7.13
N PHE B 256 -22.28 6.65 -6.33
CA PHE B 256 -22.51 5.76 -5.20
C PHE B 256 -22.59 6.50 -3.89
N ASP B 257 -22.31 7.82 -3.92
CA ASP B 257 -22.16 8.69 -2.76
C ASP B 257 -21.11 8.15 -1.79
N LEU B 258 -19.87 8.08 -2.24
CA LEU B 258 -18.78 7.69 -1.35
C LEU B 258 -18.35 8.86 -0.48
N ALA B 259 -17.24 8.67 0.22
CA ALA B 259 -16.68 9.76 1.01
C ALA B 259 -15.60 10.52 0.23
N GLU B 260 -14.53 9.82 -0.15
CA GLU B 260 -13.42 10.51 -0.77
C GLU B 260 -13.57 10.54 -2.29
N ASP B 261 -12.77 11.39 -2.92
CA ASP B 261 -12.78 11.57 -4.36
C ASP B 261 -12.05 10.42 -5.01
N ALA B 262 -12.76 9.66 -5.84
CA ALA B 262 -12.21 8.49 -6.50
C ALA B 262 -12.37 8.62 -8.01
N LYS B 263 -11.26 8.85 -8.69
CA LYS B 263 -11.21 9.06 -10.13
C LYS B 263 -10.56 7.85 -10.79
N LEU B 264 -11.22 7.27 -11.78
CA LEU B 264 -10.74 6.07 -12.44
C LEU B 264 -10.49 6.38 -13.91
N GLN B 265 -9.25 6.57 -14.31
CA GLN B 265 -8.97 6.67 -15.73
C GLN B 265 -8.52 5.31 -16.25
N LEU B 266 -9.11 4.91 -17.38
CA LEU B 266 -8.83 3.58 -17.91
C LEU B 266 -7.41 3.50 -18.44
N SER B 267 -6.97 4.53 -19.16
CA SER B 267 -5.71 4.51 -19.89
C SER B 267 -4.50 4.80 -19.01
N LYS B 268 -4.68 4.98 -17.71
CA LYS B 268 -3.55 5.22 -16.85
C LYS B 268 -2.79 3.93 -16.60
N ASP B 269 -1.56 4.07 -16.12
CA ASP B 269 -0.79 2.91 -15.72
C ASP B 269 -1.07 2.48 -14.29
N THR B 270 -2.01 3.13 -13.62
CA THR B 270 -2.44 2.76 -12.29
C THR B 270 -3.95 2.62 -12.21
N TYR B 271 -4.57 2.11 -13.28
CA TYR B 271 -6.01 1.95 -13.27
C TYR B 271 -6.45 0.85 -12.32
N ASP B 272 -6.02 -0.38 -12.56
CA ASP B 272 -6.66 -1.53 -11.90
C ASP B 272 -6.28 -1.69 -10.44
N ASP B 273 -5.51 -0.77 -9.86
CA ASP B 273 -5.41 -0.65 -8.41
C ASP B 273 -6.32 0.43 -7.87
N ASP B 274 -6.51 1.52 -8.60
CA ASP B 274 -7.56 2.45 -8.26
C ASP B 274 -8.93 1.80 -8.37
N LEU B 275 -9.07 0.86 -9.30
CA LEU B 275 -10.33 0.15 -9.45
C LEU B 275 -10.62 -0.72 -8.26
N ASP B 276 -9.68 -1.55 -7.79
CA ASP B 276 -10.06 -2.46 -6.71
C ASP B 276 -10.08 -1.76 -5.36
N ASN B 277 -9.32 -0.66 -5.19
CA ASN B 277 -9.56 0.05 -3.93
C ASN B 277 -10.74 1.00 -4.01
N LEU B 278 -11.34 1.16 -5.20
CA LEU B 278 -12.72 1.64 -5.23
C LEU B 278 -13.71 0.52 -4.99
N LEU B 279 -13.38 -0.69 -5.46
CA LEU B 279 -14.25 -1.85 -5.25
C LEU B 279 -14.35 -2.24 -3.79
N ALA B 280 -13.33 -1.91 -3.00
CA ALA B 280 -13.41 -2.11 -1.56
C ALA B 280 -14.49 -1.28 -0.90
N GLN B 281 -14.82 -0.11 -1.46
CA GLN B 281 -15.82 0.74 -0.85
C GLN B 281 -17.24 0.46 -1.33
N ILE B 282 -17.41 -0.29 -2.41
CA ILE B 282 -18.71 -0.39 -3.07
C ILE B 282 -19.29 -1.80 -3.05
N GLY B 283 -18.51 -2.81 -2.68
CA GLY B 283 -18.94 -4.19 -2.82
C GLY B 283 -18.53 -4.76 -4.17
N ASP B 284 -18.13 -6.02 -4.20
CA ASP B 284 -17.54 -6.60 -5.40
C ASP B 284 -18.57 -7.19 -6.35
N GLN B 285 -19.82 -6.76 -6.26
CA GLN B 285 -20.83 -7.09 -7.26
C GLN B 285 -20.77 -6.19 -8.47
N TYR B 286 -19.86 -5.21 -8.48
CA TYR B 286 -19.69 -4.24 -9.55
C TYR B 286 -18.51 -4.50 -10.44
N ALA B 287 -17.64 -5.45 -10.10
CA ALA B 287 -16.42 -5.64 -10.89
C ALA B 287 -16.72 -6.19 -12.27
N ASP B 288 -17.85 -6.87 -12.45
CA ASP B 288 -18.25 -7.26 -13.78
C ASP B 288 -18.71 -6.06 -14.60
N LEU B 289 -19.35 -5.08 -13.94
CA LEU B 289 -19.73 -3.85 -14.63
C LEU B 289 -18.51 -3.06 -15.03
N PHE B 290 -17.51 -3.00 -14.17
CA PHE B 290 -16.29 -2.29 -14.53
C PHE B 290 -15.44 -3.07 -15.54
N LEU B 291 -15.53 -4.39 -15.57
CA LEU B 291 -14.82 -5.12 -16.61
C LEU B 291 -15.54 -4.99 -17.94
N ALA B 292 -16.87 -4.87 -17.90
CA ALA B 292 -17.60 -4.55 -19.11
C ALA B 292 -17.27 -3.16 -19.61
N ALA B 293 -17.04 -2.23 -18.68
CA ALA B 293 -16.51 -0.92 -19.04
C ALA B 293 -15.16 -1.03 -19.73
N LYS B 294 -14.26 -1.85 -19.19
CA LYS B 294 -12.92 -1.92 -19.74
C LYS B 294 -12.89 -2.58 -21.11
N ASN B 295 -13.63 -3.68 -21.30
CA ASN B 295 -13.53 -4.32 -22.60
C ASN B 295 -14.38 -3.60 -23.65
N LEU B 296 -15.41 -2.87 -23.21
CA LEU B 296 -16.03 -1.91 -24.12
C LEU B 296 -15.06 -0.80 -24.50
N SER B 297 -14.20 -0.38 -23.58
CA SER B 297 -13.24 0.67 -23.90
C SER B 297 -12.20 0.18 -24.89
N ASP B 298 -11.75 -1.06 -24.74
CA ASP B 298 -10.82 -1.61 -25.72
C ASP B 298 -11.50 -1.85 -27.06
N ALA B 299 -12.80 -2.15 -27.07
CA ALA B 299 -13.49 -2.31 -28.34
C ALA B 299 -13.65 -0.98 -29.07
N ILE B 300 -14.04 0.07 -28.34
CA ILE B 300 -14.08 1.44 -28.88
C ILE B 300 -12.73 1.84 -29.40
N LEU B 301 -11.69 1.62 -28.61
CA LEU B 301 -10.38 2.13 -28.97
C LEU B 301 -9.76 1.32 -30.09
N LEU B 302 -10.12 0.03 -30.20
CA LEU B 302 -9.73 -0.76 -31.36
C LEU B 302 -10.40 -0.24 -32.61
N SER B 303 -11.71 0.05 -32.54
CA SER B 303 -12.36 0.65 -33.69
C SER B 303 -11.91 2.08 -33.94
N ASP B 304 -11.18 2.68 -33.00
CA ASP B 304 -10.53 3.97 -33.18
C ASP B 304 -9.19 3.86 -33.89
N ILE B 305 -8.39 2.81 -33.64
CA ILE B 305 -7.20 2.63 -34.49
C ILE B 305 -7.60 2.20 -35.88
N LEU B 306 -8.37 1.11 -35.99
CA LEU B 306 -8.82 0.58 -37.26
C LEU B 306 -9.91 1.47 -37.84
N ARG B 307 -9.60 2.11 -38.97
CA ARG B 307 -10.56 2.95 -39.65
C ARG B 307 -10.66 2.67 -41.14
N VAL B 308 -9.88 1.73 -41.68
CA VAL B 308 -9.93 1.39 -43.09
C VAL B 308 -10.90 0.23 -43.28
N ASN B 309 -12.02 0.51 -43.94
CA ASN B 309 -13.04 -0.52 -44.13
C ASN B 309 -13.57 -0.55 -45.55
N THR B 310 -13.30 0.47 -46.37
CA THR B 310 -13.74 0.44 -47.76
C THR B 310 -12.79 -0.42 -48.60
N GLU B 311 -11.51 -0.06 -48.60
CA GLU B 311 -10.48 -0.96 -49.12
C GLU B 311 -10.17 -1.99 -48.03
N ILE B 312 -11.05 -3.00 -47.97
CA ILE B 312 -11.12 -3.93 -46.86
C ILE B 312 -10.11 -5.06 -47.05
N THR B 313 -9.21 -4.90 -48.00
CA THR B 313 -8.31 -5.96 -48.48
C THR B 313 -7.29 -6.34 -47.42
N LYS B 314 -7.73 -7.14 -46.45
CA LYS B 314 -6.91 -8.06 -45.67
C LYS B 314 -5.84 -7.38 -44.82
N ALA B 315 -5.92 -6.07 -44.60
CA ALA B 315 -4.93 -5.38 -43.77
C ALA B 315 -5.60 -4.21 -43.08
N PRO B 316 -6.34 -4.47 -42.02
CA PRO B 316 -7.13 -3.38 -41.43
C PRO B 316 -6.31 -2.55 -40.47
N LEU B 317 -5.12 -3.03 -40.10
CA LEU B 317 -4.24 -2.27 -39.24
C LEU B 317 -3.22 -1.46 -40.02
N SER B 318 -2.52 -2.09 -40.96
CA SER B 318 -1.43 -1.46 -41.67
C SER B 318 -1.92 -0.34 -42.56
N ALA B 319 -3.09 -0.51 -43.16
CA ALA B 319 -3.70 0.57 -43.91
C ALA B 319 -4.11 1.72 -43.01
N SER B 320 -4.54 1.43 -41.78
CA SER B 320 -4.90 2.49 -40.85
C SER B 320 -3.68 3.27 -40.40
N MET B 321 -2.55 2.59 -40.18
CA MET B 321 -1.37 3.33 -39.75
C MET B 321 -0.70 4.05 -40.89
N ILE B 322 -0.86 3.61 -42.14
CA ILE B 322 -0.32 4.48 -43.18
C ILE B 322 -1.26 5.63 -43.49
N LYS B 323 -2.57 5.49 -43.22
CA LYS B 323 -3.40 6.69 -43.25
C LYS B 323 -3.00 7.67 -42.17
N ARG B 324 -2.64 7.17 -41.00
CA ARG B 324 -2.21 8.07 -39.94
C ARG B 324 -0.83 8.66 -40.23
N TYR B 325 0.04 7.92 -40.92
CA TYR B 325 1.30 8.50 -41.39
C TYR B 325 1.06 9.61 -42.40
N ASP B 326 0.17 9.39 -43.37
CA ASP B 326 0.00 10.41 -44.39
C ASP B 326 -0.73 11.62 -43.86
N GLU B 327 -1.66 11.45 -42.91
CA GLU B 327 -2.31 12.65 -42.39
C GLU B 327 -1.39 13.36 -41.39
N HIS B 328 -0.51 12.62 -40.73
CA HIS B 328 0.58 13.22 -39.96
C HIS B 328 1.46 14.08 -40.85
N HIS B 329 1.82 13.57 -42.02
CA HIS B 329 2.71 14.28 -42.92
C HIS B 329 2.06 15.53 -43.48
N GLN B 330 0.79 15.43 -43.89
CA GLN B 330 0.14 16.60 -44.46
C GLN B 330 -0.14 17.65 -43.39
N ASP B 331 -0.41 17.24 -42.14
CA ASP B 331 -0.58 18.24 -41.10
C ASP B 331 0.75 18.80 -40.63
N LEU B 332 1.85 18.07 -40.77
CA LEU B 332 3.15 18.65 -40.51
C LEU B 332 3.51 19.71 -41.54
N THR B 333 3.29 19.43 -42.83
CA THR B 333 3.59 20.46 -43.83
C THR B 333 2.68 21.65 -43.67
N LEU B 334 1.41 21.40 -43.34
CA LEU B 334 0.46 22.49 -43.08
C LEU B 334 0.91 23.34 -41.90
N LEU B 335 1.30 22.71 -40.80
CA LEU B 335 1.62 23.48 -39.62
C LEU B 335 3.00 24.15 -39.72
N LYS B 336 3.94 23.56 -40.48
CA LYS B 336 5.23 24.23 -40.70
C LYS B 336 5.05 25.45 -41.58
N ALA B 337 4.30 25.31 -42.67
CA ALA B 337 4.04 26.46 -43.52
C ALA B 337 3.19 27.50 -42.81
N LEU B 338 2.36 27.07 -41.88
CA LEU B 338 1.48 28.01 -41.20
C LEU B 338 2.21 28.76 -40.09
N VAL B 339 3.17 28.10 -39.43
CA VAL B 339 4.03 28.81 -38.48
C VAL B 339 4.91 29.82 -39.20
N ARG B 340 5.59 29.41 -40.28
CA ARG B 340 6.39 30.38 -41.01
C ARG B 340 5.57 31.43 -41.75
N GLN B 341 4.27 31.20 -41.93
CA GLN B 341 3.42 32.28 -42.39
C GLN B 341 3.15 33.28 -41.27
N GLN B 342 2.66 32.80 -40.13
CA GLN B 342 2.04 33.70 -39.16
C GLN B 342 2.85 33.94 -37.90
N LEU B 343 3.83 33.10 -37.58
CA LEU B 343 4.70 33.31 -36.43
C LEU B 343 6.13 32.96 -36.81
N PRO B 344 6.90 33.90 -37.34
CA PRO B 344 8.28 33.58 -37.71
C PRO B 344 9.17 33.32 -36.52
N GLU B 345 8.83 33.87 -35.36
CA GLU B 345 9.43 33.42 -34.12
C GLU B 345 8.51 32.35 -33.55
N LYS B 346 9.06 31.53 -32.65
CA LYS B 346 8.54 30.21 -32.30
C LYS B 346 8.34 29.37 -33.55
N TYR B 347 9.42 29.24 -34.31
CA TYR B 347 9.61 28.15 -35.23
C TYR B 347 10.87 27.36 -34.90
N LYS B 348 11.95 28.06 -34.53
CA LYS B 348 13.09 27.37 -33.94
C LYS B 348 12.75 26.80 -32.58
N GLU B 349 11.79 27.40 -31.88
CA GLU B 349 11.37 26.88 -30.59
C GLU B 349 10.31 25.80 -30.72
N ILE B 350 9.91 25.44 -31.94
CA ILE B 350 8.93 24.39 -32.15
C ILE B 350 9.55 23.20 -32.87
N PHE B 351 10.33 23.46 -33.91
CA PHE B 351 10.78 22.40 -34.77
C PHE B 351 12.28 22.13 -34.71
N PHE B 352 13.07 23.00 -34.08
CA PHE B 352 14.47 22.70 -33.80
C PHE B 352 14.74 22.54 -32.31
N ASP B 353 13.69 22.45 -31.50
CA ASP B 353 13.83 22.68 -30.07
C ASP B 353 14.47 21.51 -29.34
N GLN B 354 13.77 20.37 -29.32
CA GLN B 354 14.23 19.08 -28.75
C GLN B 354 14.32 19.14 -27.23
N SER B 355 13.79 20.18 -26.59
CA SER B 355 13.81 20.20 -25.13
C SER B 355 12.61 20.85 -24.45
N LYS B 356 11.62 21.34 -25.18
CA LYS B 356 10.61 22.22 -24.57
C LYS B 356 9.22 21.84 -25.09
N ASN B 357 8.95 20.53 -25.15
CA ASN B 357 7.64 19.96 -25.50
C ASN B 357 7.14 20.38 -26.87
N GLY B 358 8.00 20.85 -27.75
CA GLY B 358 7.58 21.26 -29.08
C GLY B 358 7.45 20.05 -29.96
N TYR B 359 7.55 20.27 -31.27
CA TYR B 359 7.52 19.12 -32.15
C TYR B 359 8.85 18.40 -32.19
N ALA B 360 9.95 19.13 -32.13
CA ALA B 360 11.24 18.45 -32.05
C ALA B 360 11.45 17.81 -30.68
N GLY B 361 10.71 18.24 -29.67
CA GLY B 361 10.66 17.46 -28.45
C GLY B 361 9.73 16.28 -28.56
N TYR B 362 8.72 16.38 -29.41
CA TYR B 362 7.78 15.29 -29.63
C TYR B 362 8.37 14.19 -30.48
N ILE B 363 9.41 14.47 -31.25
CA ILE B 363 10.00 13.44 -32.10
C ILE B 363 11.41 13.11 -31.67
N ASP B 364 12.32 14.07 -31.78
CA ASP B 364 13.71 13.78 -31.48
C ASP B 364 13.93 13.68 -29.98
N GLY B 365 13.35 14.59 -29.21
CA GLY B 365 13.50 14.56 -27.78
C GLY B 365 12.51 13.64 -27.13
N GLY B 366 12.51 13.67 -25.80
CA GLY B 366 11.57 12.88 -25.06
C GLY B 366 10.43 13.70 -24.50
N ALA B 367 9.28 13.64 -25.18
CA ALA B 367 8.09 14.37 -24.73
C ALA B 367 6.87 13.61 -25.21
N SER B 368 5.82 13.63 -24.40
CA SER B 368 4.69 12.74 -24.60
C SER B 368 3.83 13.20 -25.76
N GLN B 369 2.68 12.57 -25.91
CA GLN B 369 1.68 13.12 -26.80
C GLN B 369 0.90 14.23 -26.12
N GLU B 370 0.38 13.95 -24.92
CA GLU B 370 -0.50 14.93 -24.30
C GLU B 370 0.28 16.09 -23.71
N GLU B 371 1.56 15.91 -23.42
CA GLU B 371 2.43 17.05 -23.15
C GLU B 371 2.54 17.95 -24.38
N PHE B 372 2.69 17.35 -25.56
CA PHE B 372 2.74 18.10 -26.80
C PHE B 372 1.42 18.80 -27.08
N TYR B 373 0.31 18.18 -26.71
CA TYR B 373 -0.96 18.85 -26.99
C TYR B 373 -1.25 19.97 -25.99
N LYS B 374 -0.88 19.79 -24.72
CA LYS B 374 -0.94 20.90 -23.77
C LYS B 374 -0.02 22.04 -24.19
N PHE B 375 1.09 21.71 -24.85
CA PHE B 375 1.97 22.75 -25.36
C PHE B 375 1.38 23.47 -26.56
N ILE B 376 0.85 22.73 -27.53
CA ILE B 376 0.56 23.31 -28.83
C ILE B 376 -0.92 23.70 -28.96
N LYS B 377 -1.73 23.42 -27.95
CA LYS B 377 -3.10 23.95 -27.97
C LYS B 377 -3.16 25.48 -27.81
N PRO B 378 -2.32 26.15 -26.96
CA PRO B 378 -2.29 27.61 -27.04
C PRO B 378 -1.84 28.19 -28.36
N ILE B 379 -0.70 27.76 -28.90
CA ILE B 379 -0.14 28.43 -30.06
C ILE B 379 -0.76 27.91 -31.35
N LEU B 380 -1.77 27.05 -31.24
CA LEU B 380 -2.67 26.82 -32.35
C LEU B 380 -4.04 27.39 -32.11
N GLU B 381 -4.37 27.75 -30.88
CA GLU B 381 -5.54 28.58 -30.67
C GLU B 381 -5.27 30.01 -31.11
N LYS B 382 -4.01 30.43 -31.06
CA LYS B 382 -3.65 31.82 -31.30
C LYS B 382 -3.66 32.18 -32.79
N MET B 383 -3.29 31.25 -33.66
CA MET B 383 -2.99 31.60 -35.05
C MET B 383 -4.27 31.80 -35.84
N ASP B 384 -4.12 32.33 -37.05
CA ASP B 384 -5.26 32.88 -37.77
C ASP B 384 -6.08 31.79 -38.46
N GLY B 385 -5.52 31.15 -39.47
CA GLY B 385 -6.25 30.07 -40.09
C GLY B 385 -5.86 28.73 -39.53
N THR B 386 -6.57 28.28 -38.50
CA THR B 386 -6.28 26.99 -37.87
C THR B 386 -7.64 26.34 -37.64
N GLU B 387 -8.14 25.68 -38.67
CA GLU B 387 -9.38 24.96 -38.60
C GLU B 387 -9.10 23.53 -39.06
N GLU B 388 -9.78 22.59 -38.41
CA GLU B 388 -9.50 21.16 -38.48
C GLU B 388 -8.05 20.82 -38.10
N LEU B 389 -7.40 21.69 -37.32
CA LEU B 389 -6.19 21.38 -36.58
C LEU B 389 -6.44 21.59 -35.10
N LEU B 390 -7.66 21.95 -34.73
CA LEU B 390 -8.13 21.93 -33.36
C LEU B 390 -9.21 20.90 -33.11
N VAL B 391 -10.05 20.59 -34.11
CA VAL B 391 -10.98 19.49 -33.90
C VAL B 391 -10.23 18.16 -33.89
N LYS B 392 -9.09 18.06 -34.59
CA LYS B 392 -8.30 16.85 -34.44
C LYS B 392 -7.27 16.99 -33.33
N LEU B 393 -7.31 18.07 -32.57
CA LEU B 393 -6.63 18.07 -31.29
C LEU B 393 -7.58 17.70 -30.17
N ASN B 394 -8.84 18.11 -30.26
CA ASN B 394 -9.80 17.72 -29.25
C ASN B 394 -10.23 16.27 -29.39
N ARG B 395 -10.01 15.68 -30.56
CA ARG B 395 -10.17 14.25 -30.77
C ARG B 395 -8.86 13.49 -30.67
N GLU B 396 -7.76 14.19 -30.36
CA GLU B 396 -6.40 13.66 -30.24
C GLU B 396 -6.00 12.86 -31.48
N ASP B 397 -5.87 13.55 -32.60
CA ASP B 397 -5.37 12.84 -33.77
C ASP B 397 -4.45 13.66 -34.67
N LEU B 398 -4.20 14.94 -34.38
CA LEU B 398 -3.21 15.63 -35.20
C LEU B 398 -1.84 15.18 -34.74
N LEU B 399 -0.98 14.91 -35.73
CA LEU B 399 0.43 14.61 -35.53
C LEU B 399 0.62 13.40 -34.63
N ARG B 400 -0.29 12.44 -34.73
CA ARG B 400 -0.27 11.28 -33.87
C ARG B 400 0.68 10.26 -34.46
N LYS B 401 1.45 9.61 -33.61
CA LYS B 401 2.44 8.65 -34.10
C LYS B 401 1.78 7.34 -34.48
N GLN B 402 2.60 6.37 -34.86
CA GLN B 402 2.14 5.00 -35.05
C GLN B 402 2.36 4.17 -33.80
N ARG B 403 3.60 4.10 -33.32
CA ARG B 403 3.90 3.37 -32.11
C ARG B 403 3.57 4.26 -30.92
N THR B 404 2.30 4.31 -30.58
CA THR B 404 1.84 5.09 -29.45
C THR B 404 1.49 4.18 -28.30
N PHE B 405 0.93 4.77 -27.25
CA PHE B 405 0.51 4.04 -26.08
C PHE B 405 -0.80 3.32 -26.28
N ASP B 406 -1.59 3.71 -27.28
CA ASP B 406 -2.91 3.13 -27.41
C ASP B 406 -2.92 1.84 -28.20
N ASN B 407 -1.77 1.35 -28.65
CA ASN B 407 -1.74 0.06 -29.32
C ASN B 407 -1.77 -1.11 -28.36
N GLY B 408 -2.01 -0.87 -27.07
CA GLY B 408 -2.25 -1.95 -26.15
C GLY B 408 -3.64 -2.53 -26.21
N SER B 409 -4.42 -2.16 -27.22
CA SER B 409 -5.75 -2.68 -27.41
C SER B 409 -5.91 -3.46 -28.70
N ILE B 410 -4.88 -3.52 -29.54
CA ILE B 410 -4.92 -4.33 -30.75
C ILE B 410 -4.91 -5.80 -30.37
N PRO B 411 -5.94 -6.57 -30.68
CA PRO B 411 -5.91 -7.99 -30.38
C PRO B 411 -4.97 -8.69 -31.33
N HIS B 412 -4.49 -9.86 -30.91
CA HIS B 412 -3.46 -10.53 -31.70
C HIS B 412 -4.01 -11.11 -32.98
N GLN B 413 -5.33 -11.25 -33.10
CA GLN B 413 -5.92 -11.81 -34.30
C GLN B 413 -5.77 -10.88 -35.50
N ILE B 414 -5.55 -9.58 -35.29
CA ILE B 414 -5.37 -8.69 -36.42
C ILE B 414 -3.99 -8.88 -37.04
N HIS B 415 -2.98 -8.92 -36.18
CA HIS B 415 -1.65 -9.37 -36.57
C HIS B 415 -1.70 -10.77 -37.17
N LEU B 416 -2.56 -11.64 -36.66
CA LEU B 416 -2.68 -12.98 -37.24
C LEU B 416 -3.31 -12.94 -38.62
N GLY B 417 -4.29 -12.07 -38.81
CA GLY B 417 -4.95 -11.98 -40.10
C GLY B 417 -4.06 -11.47 -41.19
N GLU B 418 -3.33 -10.39 -40.92
CA GLU B 418 -2.43 -9.93 -41.98
C GLU B 418 -1.14 -10.73 -42.00
N LEU B 419 -0.82 -11.48 -40.93
CA LEU B 419 0.28 -12.42 -41.00
C LEU B 419 -0.06 -13.59 -41.91
N HIS B 420 -1.26 -14.15 -41.72
CA HIS B 420 -1.82 -15.16 -42.61
C HIS B 420 -1.84 -14.68 -44.05
N ALA B 421 -2.17 -13.40 -44.26
CA ALA B 421 -2.19 -12.86 -45.61
C ALA B 421 -0.79 -12.74 -46.21
N ILE B 422 0.21 -12.32 -45.44
CA ILE B 422 1.57 -12.27 -45.95
C ILE B 422 2.06 -13.67 -46.29
N LEU B 423 1.75 -14.64 -45.43
CA LEU B 423 2.23 -16.00 -45.66
C LEU B 423 1.55 -16.67 -46.83
N ARG B 424 0.31 -16.30 -47.17
CA ARG B 424 -0.25 -16.96 -48.34
C ARG B 424 -0.26 -16.09 -49.59
N ARG B 425 0.24 -14.86 -49.53
CA ARG B 425 0.58 -14.22 -50.80
C ARG B 425 1.97 -14.63 -51.27
N GLN B 426 2.84 -15.02 -50.37
CA GLN B 426 4.22 -15.31 -50.71
C GLN B 426 4.51 -16.80 -50.83
N GLU B 427 3.52 -17.66 -50.53
CA GLU B 427 3.79 -19.09 -50.52
C GLU B 427 3.94 -19.64 -51.93
N ASP B 428 3.42 -18.94 -52.93
CA ASP B 428 3.58 -19.44 -54.29
C ASP B 428 4.99 -19.23 -54.80
N PHE B 429 5.60 -18.10 -54.48
CA PHE B 429 6.96 -17.81 -54.89
C PHE B 429 7.98 -18.49 -54.01
N TYR B 430 7.72 -18.57 -52.73
CA TYR B 430 8.62 -19.25 -51.81
C TYR B 430 7.96 -20.52 -51.35
N PRO B 431 8.38 -21.70 -51.81
CA PRO B 431 7.82 -22.95 -51.29
C PRO B 431 8.24 -23.20 -49.88
N PHE B 432 9.30 -22.54 -49.45
CA PHE B 432 9.79 -22.52 -48.08
C PHE B 432 8.70 -22.14 -47.08
N LEU B 433 7.80 -21.26 -47.46
CA LEU B 433 6.76 -20.80 -46.57
C LEU B 433 5.45 -21.55 -46.75
N LYS B 434 5.29 -22.24 -47.87
CA LYS B 434 4.13 -23.12 -48.02
C LYS B 434 4.26 -24.35 -47.14
N ASP B 435 5.48 -24.69 -46.76
CA ASP B 435 5.74 -25.79 -45.84
C ASP B 435 5.67 -25.37 -44.38
N ASN B 436 5.93 -24.10 -44.08
CA ASN B 436 6.04 -23.64 -42.70
C ASN B 436 5.02 -22.59 -42.33
N ARG B 437 3.90 -22.49 -43.03
CA ARG B 437 2.97 -21.40 -42.70
C ARG B 437 2.28 -21.65 -41.36
N GLU B 438 1.96 -22.90 -41.06
CA GLU B 438 1.40 -23.22 -39.76
C GLU B 438 2.44 -23.08 -38.68
N LYS B 439 3.70 -23.33 -39.01
CA LYS B 439 4.81 -23.06 -38.10
C LYS B 439 4.87 -21.58 -37.72
N ILE B 440 4.75 -20.69 -38.71
CA ILE B 440 4.85 -19.25 -38.44
C ILE B 440 3.68 -18.78 -37.58
N GLU B 441 2.46 -19.17 -37.98
CA GLU B 441 1.29 -18.77 -37.20
C GLU B 441 1.27 -19.38 -35.82
N LYS B 442 1.98 -20.49 -35.61
CA LYS B 442 2.08 -21.01 -34.26
C LYS B 442 3.17 -20.30 -33.47
N ILE B 443 4.17 -19.73 -34.15
CA ILE B 443 5.11 -18.86 -33.41
C ILE B 443 4.38 -17.61 -32.94
N LEU B 444 3.45 -17.11 -33.76
CA LEU B 444 2.72 -15.90 -33.39
C LEU B 444 1.74 -16.15 -32.25
N THR B 445 0.78 -17.05 -32.45
CA THR B 445 -0.37 -17.15 -31.58
C THR B 445 -0.18 -18.14 -30.46
N PHE B 446 1.03 -18.35 -30.02
CA PHE B 446 1.27 -19.27 -28.91
C PHE B 446 1.47 -18.50 -27.63
N ARG B 447 0.56 -18.70 -26.70
CA ARG B 447 0.63 -18.15 -25.36
C ARG B 447 0.81 -19.30 -24.41
N ILE B 448 1.92 -19.30 -23.68
CA ILE B 448 2.16 -20.23 -22.58
C ILE B 448 1.04 -20.00 -21.58
N PRO B 449 0.23 -20.98 -21.28
CA PRO B 449 -0.99 -20.71 -20.53
C PRO B 449 -0.70 -20.46 -19.07
N TYR B 450 -1.70 -20.07 -18.29
CA TYR B 450 -1.45 -19.77 -16.89
C TYR B 450 -1.06 -21.02 -16.11
N TYR B 451 -1.69 -22.15 -16.41
CA TYR B 451 -1.48 -23.33 -15.59
C TYR B 451 -0.13 -23.99 -15.84
N VAL B 452 0.46 -23.78 -17.01
CA VAL B 452 1.71 -24.43 -17.34
C VAL B 452 2.88 -23.78 -16.62
N GLY B 453 2.98 -22.47 -16.66
CA GLY B 453 4.03 -21.80 -15.95
C GLY B 453 5.34 -21.88 -16.69
N PRO B 454 6.44 -21.59 -15.99
CA PRO B 454 7.73 -21.50 -16.67
C PRO B 454 8.21 -22.84 -17.16
N LEU B 455 8.72 -22.85 -18.39
CA LEU B 455 9.06 -24.09 -19.07
C LEU B 455 10.43 -24.60 -18.64
N ALA B 456 10.55 -24.86 -17.35
CA ALA B 456 11.83 -25.22 -16.80
C ALA B 456 12.06 -26.72 -16.90
N ARG B 457 13.29 -27.12 -16.62
CA ARG B 457 13.65 -28.52 -16.59
C ARG B 457 14.30 -28.83 -15.25
N GLY B 458 13.62 -28.40 -14.19
CA GLY B 458 13.95 -28.72 -12.83
C GLY B 458 14.66 -27.63 -12.07
N ASN B 459 15.29 -26.69 -12.75
CA ASN B 459 16.21 -25.77 -12.10
C ASN B 459 15.53 -24.50 -11.60
N SER B 460 14.26 -24.31 -11.90
CA SER B 460 13.55 -23.16 -11.37
C SER B 460 13.16 -23.37 -9.93
N ARG B 461 12.74 -22.28 -9.30
CA ARG B 461 12.08 -22.32 -8.00
C ARG B 461 10.59 -22.14 -8.14
N PHE B 462 10.11 -21.91 -9.35
CA PHE B 462 8.82 -21.33 -9.62
C PHE B 462 7.98 -22.18 -10.53
N ALA B 463 8.50 -23.30 -10.99
CA ALA B 463 7.94 -24.04 -12.10
C ALA B 463 7.20 -25.27 -11.61
N TRP B 464 6.22 -25.69 -12.38
CA TRP B 464 5.58 -26.98 -12.14
C TRP B 464 5.28 -27.70 -13.43
N MET B 465 6.04 -27.40 -14.46
CA MET B 465 6.07 -28.19 -15.68
C MET B 465 6.49 -29.63 -15.41
N THR B 466 5.61 -30.56 -15.73
CA THR B 466 5.96 -31.97 -15.80
C THR B 466 5.62 -32.47 -17.20
N ARG B 467 6.53 -33.22 -17.79
CA ARG B 467 6.55 -33.40 -19.23
C ARG B 467 6.15 -34.82 -19.64
N LYS B 468 5.60 -34.92 -20.85
CA LYS B 468 5.27 -36.20 -21.45
C LYS B 468 6.37 -36.68 -22.39
N SER B 469 7.51 -36.02 -22.40
CA SER B 469 8.66 -36.38 -23.21
C SER B 469 9.87 -35.66 -22.64
N GLU B 470 10.99 -35.73 -23.35
CA GLU B 470 12.21 -35.01 -22.95
C GLU B 470 12.87 -34.43 -24.20
N GLU B 471 12.47 -33.23 -24.59
CA GLU B 471 13.18 -32.46 -25.60
C GLU B 471 12.88 -30.99 -25.36
N THR B 472 13.26 -30.14 -26.31
CA THR B 472 13.10 -28.70 -26.18
C THR B 472 11.68 -28.30 -26.55
N ILE B 473 11.03 -27.56 -25.65
CA ILE B 473 9.64 -27.13 -25.83
C ILE B 473 9.65 -25.92 -26.76
N THR B 474 9.30 -26.12 -28.00
CA THR B 474 9.04 -25.04 -28.91
C THR B 474 7.54 -24.95 -29.10
N PRO B 475 6.98 -23.87 -29.66
CA PRO B 475 5.52 -23.77 -29.74
C PRO B 475 4.87 -24.79 -30.66
N TRP B 476 5.64 -25.40 -31.55
CA TRP B 476 5.20 -26.57 -32.31
C TRP B 476 4.76 -27.69 -31.40
N ASN B 477 5.69 -28.21 -30.62
CA ASN B 477 5.46 -29.41 -29.85
C ASN B 477 5.10 -29.10 -28.41
N PHE B 478 4.39 -28.02 -28.16
CA PHE B 478 3.94 -27.77 -26.80
C PHE B 478 2.84 -28.73 -26.39
N GLU B 479 2.12 -29.28 -27.36
CA GLU B 479 1.00 -30.17 -27.06
C GLU B 479 1.49 -31.57 -26.70
N GLU B 480 2.41 -32.11 -27.49
CA GLU B 480 2.93 -33.44 -27.25
C GLU B 480 4.21 -33.45 -26.42
N VAL B 481 4.42 -32.44 -25.59
CA VAL B 481 5.48 -32.51 -24.59
C VAL B 481 4.90 -32.28 -23.21
N VAL B 482 4.04 -31.28 -23.07
CA VAL B 482 3.56 -30.90 -21.75
C VAL B 482 2.44 -31.84 -21.31
N ASP B 483 2.64 -32.50 -20.17
CA ASP B 483 1.57 -33.27 -19.56
C ASP B 483 0.58 -32.29 -18.94
N LYS B 484 -0.44 -31.92 -19.70
CA LYS B 484 -1.30 -30.80 -19.32
C LYS B 484 -2.22 -31.15 -18.17
N GLY B 485 -2.62 -32.41 -18.04
CA GLY B 485 -3.43 -32.80 -16.89
C GLY B 485 -2.65 -32.72 -15.60
N ALA B 486 -1.43 -33.26 -15.60
CA ALA B 486 -0.61 -33.19 -14.40
C ALA B 486 -0.08 -31.78 -14.16
N SER B 487 0.13 -31.01 -15.23
CA SER B 487 0.55 -29.62 -15.05
C SER B 487 -0.57 -28.80 -14.45
N ALA B 488 -1.82 -29.06 -14.87
CA ALA B 488 -2.95 -28.38 -14.28
C ALA B 488 -3.19 -28.81 -12.85
N GLN B 489 -2.91 -30.08 -12.52
CA GLN B 489 -3.08 -30.53 -11.15
C GLN B 489 -2.04 -29.90 -10.23
N SER B 490 -0.78 -29.88 -10.66
CA SER B 490 0.23 -29.20 -9.86
C SER B 490 -0.01 -27.69 -9.82
N PHE B 491 -0.63 -27.13 -10.86
CA PHE B 491 -1.05 -25.73 -10.82
C PHE B 491 -2.10 -25.49 -9.75
N ILE B 492 -3.05 -26.41 -9.61
CA ILE B 492 -4.08 -26.26 -8.58
C ILE B 492 -3.45 -26.32 -7.19
N GLU B 493 -2.55 -27.27 -6.97
CA GLU B 493 -1.95 -27.33 -5.64
C GLU B 493 -0.86 -26.28 -5.42
N ARG B 494 -0.40 -25.60 -6.47
CA ARG B 494 0.46 -24.44 -6.22
C ARG B 494 -0.35 -23.18 -5.97
N MET B 495 -1.49 -23.03 -6.63
CA MET B 495 -2.15 -21.75 -6.73
C MET B 495 -3.49 -21.75 -6.03
N THR B 496 -3.78 -22.76 -5.23
CA THR B 496 -4.80 -22.63 -4.21
C THR B 496 -4.22 -21.89 -3.02
N ASN B 497 -5.07 -21.57 -2.07
CA ASN B 497 -4.62 -20.85 -0.89
C ASN B 497 -5.06 -21.59 0.36
N PHE B 498 -4.17 -21.61 1.33
CA PHE B 498 -4.46 -22.30 2.58
C PHE B 498 -5.30 -21.42 3.48
N ASP B 499 -6.13 -22.08 4.28
CA ASP B 499 -7.07 -21.38 5.14
C ASP B 499 -6.37 -20.87 6.39
N LYS B 500 -6.78 -19.69 6.85
CA LYS B 500 -6.12 -19.06 8.00
C LYS B 500 -6.44 -19.76 9.31
N ASN B 501 -7.70 -20.11 9.57
CA ASN B 501 -8.04 -20.76 10.83
C ASN B 501 -8.32 -22.25 10.68
N LEU B 502 -7.94 -22.86 9.58
CA LEU B 502 -7.96 -24.31 9.44
C LEU B 502 -6.94 -24.68 8.39
N PRO B 503 -5.65 -24.72 8.71
CA PRO B 503 -4.61 -24.94 7.70
C PRO B 503 -4.56 -26.40 7.25
N ASN B 504 -3.65 -26.65 6.31
CA ASN B 504 -3.63 -27.88 5.49
C ASN B 504 -4.98 -28.12 4.84
N GLU B 505 -5.54 -27.06 4.26
CA GLU B 505 -6.86 -27.12 3.66
C GLU B 505 -6.96 -26.02 2.60
N LYS B 506 -7.64 -26.32 1.50
CA LYS B 506 -7.80 -25.34 0.44
C LYS B 506 -9.04 -24.50 0.70
N VAL B 507 -8.91 -23.19 0.47
CA VAL B 507 -10.05 -22.30 0.65
C VAL B 507 -11.04 -22.49 -0.48
N LEU B 508 -12.25 -22.00 -0.26
CA LEU B 508 -13.21 -21.94 -1.34
C LEU B 508 -12.90 -20.77 -2.25
N PRO B 509 -13.34 -20.82 -3.50
CA PRO B 509 -13.42 -19.61 -4.31
C PRO B 509 -14.40 -18.61 -3.72
N LYS B 510 -14.18 -17.34 -4.09
CA LYS B 510 -14.92 -16.24 -3.50
C LYS B 510 -16.39 -16.27 -3.88
N HIS B 511 -16.71 -16.82 -5.04
CA HIS B 511 -18.09 -16.98 -5.48
C HIS B 511 -18.53 -18.44 -5.42
N SER B 512 -18.08 -19.17 -4.41
CA SER B 512 -18.54 -20.52 -4.19
C SER B 512 -19.98 -20.49 -3.70
N LEU B 513 -20.77 -21.47 -4.12
CA LEU B 513 -22.21 -21.40 -3.85
C LEU B 513 -22.51 -21.59 -2.38
N LEU B 514 -21.81 -22.52 -1.72
CA LEU B 514 -22.06 -22.67 -0.30
C LEU B 514 -21.42 -21.54 0.47
N TYR B 515 -20.40 -20.89 -0.10
CA TYR B 515 -19.86 -19.69 0.54
C TYR B 515 -20.86 -18.56 0.51
N GLU B 516 -21.69 -18.51 -0.52
CA GLU B 516 -22.72 -17.49 -0.56
C GLU B 516 -23.88 -17.84 0.36
N TYR B 517 -24.20 -19.13 0.50
CA TYR B 517 -25.09 -19.56 1.58
C TYR B 517 -24.55 -19.15 2.94
N PHE B 518 -23.24 -19.30 3.12
CA PHE B 518 -22.59 -18.90 4.36
C PHE B 518 -22.73 -17.41 4.63
N THR B 519 -22.50 -16.58 3.61
CA THR B 519 -22.54 -15.15 3.90
C THR B 519 -23.97 -14.62 4.00
N VAL B 520 -24.94 -15.26 3.34
CA VAL B 520 -26.33 -14.88 3.55
C VAL B 520 -26.79 -15.26 4.95
N TYR B 521 -26.35 -16.42 5.45
CA TYR B 521 -26.68 -16.76 6.82
C TYR B 521 -25.91 -15.94 7.84
N ASN B 522 -24.67 -15.54 7.53
CA ASN B 522 -23.93 -14.67 8.43
C ASN B 522 -24.49 -13.25 8.44
N GLU B 523 -25.26 -12.86 7.42
CA GLU B 523 -25.98 -11.60 7.58
C GLU B 523 -27.32 -11.79 8.28
N LEU B 524 -28.05 -12.86 7.94
CA LEU B 524 -29.37 -13.05 8.51
C LEU B 524 -29.36 -13.52 9.95
N THR B 525 -28.21 -13.89 10.49
CA THR B 525 -28.18 -14.25 11.90
C THR B 525 -28.29 -13.05 12.82
N LYS B 526 -28.15 -11.82 12.31
CA LYS B 526 -28.19 -10.63 13.15
C LYS B 526 -29.33 -9.69 12.78
N VAL B 527 -30.34 -10.16 12.06
CA VAL B 527 -31.51 -9.35 11.77
C VAL B 527 -32.62 -9.73 12.75
N LYS B 528 -33.22 -8.70 13.37
CA LYS B 528 -34.16 -8.87 14.47
C LYS B 528 -35.40 -8.05 14.19
N TYR B 529 -36.58 -8.65 14.37
CA TYR B 529 -37.83 -8.06 13.94
C TYR B 529 -38.77 -7.87 15.13
N VAL B 530 -39.51 -6.77 15.11
CA VAL B 530 -40.38 -6.36 16.22
C VAL B 530 -41.78 -6.23 15.65
N THR B 531 -42.63 -7.23 15.89
CA THR B 531 -43.99 -7.17 15.40
C THR B 531 -44.82 -6.20 16.25
N GLU B 532 -46.06 -5.96 15.83
CA GLU B 532 -46.92 -4.99 16.47
C GLU B 532 -47.48 -5.59 17.76
N GLY B 533 -46.85 -5.24 18.88
CA GLY B 533 -47.44 -5.55 20.18
C GLY B 533 -46.70 -6.50 21.09
N MET B 534 -45.37 -6.54 21.03
CA MET B 534 -44.61 -7.34 21.97
C MET B 534 -43.49 -6.59 22.67
N ARG B 535 -42.94 -5.56 22.02
CA ARG B 535 -41.86 -4.70 22.55
C ARG B 535 -40.63 -5.51 22.96
N LYS B 536 -40.28 -6.49 22.12
CA LYS B 536 -39.11 -7.32 22.38
C LYS B 536 -38.47 -7.69 21.05
N PRO B 537 -37.34 -7.07 20.68
CA PRO B 537 -36.69 -7.44 19.41
C PRO B 537 -36.08 -8.82 19.42
N ALA B 538 -36.67 -9.71 18.63
CA ALA B 538 -36.26 -11.10 18.55
C ALA B 538 -35.70 -11.38 17.15
N PHE B 539 -34.63 -12.16 17.10
CA PHE B 539 -34.05 -12.55 15.82
C PHE B 539 -34.90 -13.62 15.15
N LEU B 540 -34.58 -13.87 13.87
CA LEU B 540 -35.36 -14.81 13.10
C LEU B 540 -35.08 -16.24 13.52
N SER B 541 -36.10 -17.09 13.41
CA SER B 541 -36.01 -18.48 13.80
C SER B 541 -35.54 -19.32 12.61
N GLY B 542 -35.67 -20.64 12.74
CA GLY B 542 -35.15 -21.53 11.71
C GLY B 542 -36.01 -21.54 10.46
N GLU B 543 -37.31 -21.81 10.64
CA GLU B 543 -38.19 -21.93 9.48
C GLU B 543 -38.41 -20.58 8.81
N GLN B 544 -38.27 -19.49 9.56
CA GLN B 544 -38.39 -18.17 8.96
C GLN B 544 -37.19 -17.87 8.07
N LYS B 545 -35.98 -18.22 8.51
CA LYS B 545 -34.80 -18.08 7.65
C LYS B 545 -34.89 -18.98 6.43
N LYS B 546 -35.37 -20.21 6.63
CA LYS B 546 -35.55 -21.13 5.51
C LYS B 546 -36.56 -20.58 4.52
N ALA B 547 -37.62 -19.96 5.03
CA ALA B 547 -38.65 -19.39 4.17
C ALA B 547 -38.11 -18.20 3.37
N ILE B 548 -37.32 -17.33 4.00
CA ILE B 548 -36.87 -16.14 3.27
C ILE B 548 -35.78 -16.49 2.27
N VAL B 549 -34.91 -17.43 2.61
CA VAL B 549 -33.87 -17.82 1.66
C VAL B 549 -34.47 -18.59 0.50
N ASP B 550 -35.44 -19.47 0.77
CA ASP B 550 -36.11 -20.15 -0.32
C ASP B 550 -37.11 -19.28 -1.05
N LEU B 551 -37.44 -18.09 -0.56
CA LEU B 551 -38.45 -17.26 -1.19
C LEU B 551 -37.90 -16.07 -1.95
N LEU B 552 -37.05 -15.25 -1.35
CA LEU B 552 -36.68 -13.98 -1.97
C LEU B 552 -35.24 -13.90 -2.43
N PHE B 553 -34.29 -14.53 -1.72
CA PHE B 553 -32.91 -14.59 -2.20
C PHE B 553 -32.79 -15.43 -3.46
N LYS B 554 -33.56 -16.50 -3.56
CA LYS B 554 -33.55 -17.33 -4.76
C LYS B 554 -34.48 -16.79 -5.84
N THR B 555 -35.10 -15.64 -5.61
CA THR B 555 -35.91 -14.97 -6.62
C THR B 555 -35.25 -13.73 -7.18
N ASN B 556 -34.74 -12.85 -6.32
CA ASN B 556 -34.04 -11.66 -6.74
C ASN B 556 -32.63 -11.66 -6.16
N ARG B 557 -31.72 -10.99 -6.85
CA ARG B 557 -30.30 -11.06 -6.52
C ARG B 557 -30.00 -10.28 -5.25
N LYS B 558 -30.20 -8.98 -5.30
CA LYS B 558 -30.05 -8.14 -4.11
C LYS B 558 -31.45 -7.80 -3.62
N VAL B 559 -31.70 -8.03 -2.34
CA VAL B 559 -32.99 -7.72 -1.74
C VAL B 559 -32.79 -6.69 -0.66
N THR B 560 -33.48 -5.57 -0.78
CA THR B 560 -33.46 -4.49 0.18
C THR B 560 -34.51 -4.72 1.25
N VAL B 561 -34.58 -3.80 2.22
CA VAL B 561 -35.50 -3.97 3.33
C VAL B 561 -36.93 -3.79 2.90
N LYS B 562 -37.18 -3.00 1.85
CA LYS B 562 -38.53 -2.80 1.34
C LYS B 562 -39.07 -4.08 0.76
N GLN B 563 -38.29 -4.73 -0.11
CA GLN B 563 -38.70 -5.99 -0.70
C GLN B 563 -38.77 -7.09 0.35
N LEU B 564 -37.91 -7.01 1.37
CA LEU B 564 -37.95 -7.92 2.51
C LEU B 564 -39.30 -7.88 3.20
N LYS B 565 -39.70 -6.69 3.68
CA LYS B 565 -40.96 -6.59 4.41
C LYS B 565 -42.15 -6.83 3.49
N GLU B 566 -42.06 -6.37 2.23
CA GLU B 566 -43.14 -6.48 1.26
C GLU B 566 -43.43 -7.93 0.92
N ASP B 567 -42.40 -8.72 0.64
CA ASP B 567 -42.60 -10.09 0.23
C ASP B 567 -42.63 -11.09 1.38
N TYR B 568 -42.23 -10.69 2.59
CA TYR B 568 -42.29 -11.67 3.67
C TYR B 568 -43.18 -11.25 4.82
N PHE B 569 -42.98 -10.07 5.38
CA PHE B 569 -43.81 -9.71 6.51
C PHE B 569 -45.16 -9.20 6.05
N LYS B 570 -45.22 -8.51 4.92
CA LYS B 570 -46.48 -8.11 4.30
C LYS B 570 -47.16 -9.25 3.56
N LYS B 571 -46.39 -10.06 2.82
CA LYS B 571 -47.01 -11.09 1.99
C LYS B 571 -47.23 -12.39 2.73
N ILE B 572 -46.23 -12.92 3.42
CA ILE B 572 -46.33 -14.21 4.10
C ILE B 572 -46.86 -14.05 5.52
N GLU B 573 -46.22 -13.20 6.32
CA GLU B 573 -46.64 -13.00 7.70
C GLU B 573 -47.88 -12.12 7.82
N CYS B 574 -48.22 -11.38 6.75
CA CYS B 574 -49.38 -10.49 6.68
C CYS B 574 -49.35 -9.43 7.78
N PHE B 575 -48.19 -8.82 7.96
CA PHE B 575 -48.00 -7.75 8.93
C PHE B 575 -47.87 -6.44 8.17
N ASP B 576 -48.54 -5.39 8.69
CA ASP B 576 -48.58 -4.13 7.98
C ASP B 576 -47.25 -3.39 8.05
N SER B 577 -46.63 -3.36 9.22
CA SER B 577 -45.29 -2.80 9.37
C SER B 577 -44.59 -3.41 10.56
N VAL B 578 -43.40 -3.95 10.33
CA VAL B 578 -42.54 -4.52 11.36
C VAL B 578 -41.15 -3.92 11.20
N GLU B 579 -40.65 -3.27 12.24
CA GLU B 579 -39.38 -2.57 12.15
C GLU B 579 -38.23 -3.58 12.18
N ILE B 580 -37.23 -3.35 11.35
CA ILE B 580 -36.19 -4.32 11.04
C ILE B 580 -34.84 -3.68 11.39
N SER B 581 -34.07 -4.36 12.23
CA SER B 581 -32.99 -3.70 12.96
C SER B 581 -31.64 -3.75 12.26
N GLY B 582 -31.13 -4.95 11.98
CA GLY B 582 -29.71 -5.11 11.70
C GLY B 582 -29.27 -4.65 10.32
N VAL B 583 -30.17 -4.69 9.35
CA VAL B 583 -29.87 -4.32 7.97
C VAL B 583 -30.35 -2.89 7.72
N GLU B 584 -29.46 -2.06 7.17
CA GLU B 584 -29.79 -0.64 7.03
C GLU B 584 -30.72 -0.40 5.86
N ASP B 585 -30.24 -0.58 4.64
CA ASP B 585 -31.08 -0.42 3.46
C ASP B 585 -31.17 -1.70 2.63
N ARG B 586 -30.04 -2.30 2.26
CA ARG B 586 -30.01 -3.49 1.44
C ARG B 586 -29.24 -4.57 2.16
N PHE B 587 -29.59 -5.81 1.85
CA PHE B 587 -28.81 -6.94 2.31
C PHE B 587 -27.44 -6.92 1.67
N ASN B 588 -26.40 -6.85 2.50
CA ASN B 588 -25.04 -6.75 2.00
C ASN B 588 -24.61 -8.03 1.29
N ALA B 589 -25.08 -9.17 1.77
CA ALA B 589 -24.81 -10.45 1.15
C ALA B 589 -25.86 -10.77 0.09
N SER B 590 -25.43 -11.47 -0.95
CA SER B 590 -26.33 -11.78 -2.05
C SER B 590 -25.89 -13.08 -2.71
N LEU B 591 -26.87 -13.82 -3.22
CA LEU B 591 -26.59 -15.08 -3.90
C LEU B 591 -26.33 -14.81 -5.38
N GLY B 592 -25.20 -14.13 -5.63
CA GLY B 592 -24.86 -13.77 -6.99
C GLY B 592 -24.52 -14.97 -7.84
N THR B 593 -23.82 -15.94 -7.26
CA THR B 593 -23.49 -17.16 -7.97
C THR B 593 -24.73 -17.97 -8.29
N TYR B 594 -25.71 -17.97 -7.37
CA TYR B 594 -26.93 -18.74 -7.58
C TYR B 594 -27.73 -18.23 -8.76
N HIS B 595 -27.94 -16.92 -8.83
CA HIS B 595 -28.71 -16.38 -9.94
C HIS B 595 -27.92 -16.39 -11.24
N ASP B 596 -26.59 -16.26 -11.17
CA ASP B 596 -25.77 -16.43 -12.37
C ASP B 596 -25.94 -17.83 -12.94
N LEU B 597 -25.80 -18.86 -12.09
CA LEU B 597 -25.93 -20.22 -12.57
C LEU B 597 -27.38 -20.55 -12.95
N LEU B 598 -28.35 -19.87 -12.34
CA LEU B 598 -29.74 -20.09 -12.73
C LEU B 598 -30.03 -19.51 -14.11
N LYS B 599 -29.46 -18.36 -14.43
CA LYS B 599 -29.69 -17.84 -15.77
C LYS B 599 -28.76 -18.48 -16.79
N ILE B 600 -27.72 -19.19 -16.34
CA ILE B 600 -26.90 -19.94 -17.29
C ILE B 600 -27.59 -21.25 -17.66
N ILE B 601 -27.84 -22.12 -16.69
CA ILE B 601 -28.27 -23.47 -17.03
C ILE B 601 -29.78 -23.68 -16.94
N LYS B 602 -30.55 -22.65 -16.60
CA LYS B 602 -31.99 -22.56 -16.85
C LYS B 602 -32.79 -23.67 -16.14
N ASP B 603 -32.38 -23.96 -14.91
CA ASP B 603 -32.99 -25.08 -14.19
C ASP B 603 -32.91 -24.78 -12.69
N LYS B 604 -34.02 -24.30 -12.13
CA LYS B 604 -34.06 -24.03 -10.69
C LYS B 604 -34.05 -25.33 -9.90
N ASP B 605 -34.69 -26.37 -10.42
CA ASP B 605 -34.86 -27.62 -9.69
C ASP B 605 -33.53 -28.36 -9.55
N PHE B 606 -32.60 -28.13 -10.49
CA PHE B 606 -31.27 -28.73 -10.38
C PHE B 606 -30.48 -28.09 -9.25
N LEU B 607 -30.62 -26.79 -9.06
CA LEU B 607 -29.81 -26.09 -8.07
C LEU B 607 -30.41 -26.16 -6.67
N ASP B 608 -31.70 -26.48 -6.55
CA ASP B 608 -32.29 -26.66 -5.24
C ASP B 608 -31.96 -28.01 -4.63
N ASN B 609 -31.36 -28.92 -5.40
CA ASN B 609 -30.94 -30.20 -4.87
C ASN B 609 -29.68 -30.02 -4.03
N GLU B 610 -29.65 -30.69 -2.89
CA GLU B 610 -28.44 -30.71 -2.06
C GLU B 610 -27.40 -31.68 -2.57
N GLU B 611 -27.75 -32.52 -3.54
CA GLU B 611 -26.82 -33.52 -4.03
C GLU B 611 -25.77 -32.92 -4.95
N ASN B 612 -26.11 -31.87 -5.68
CA ASN B 612 -25.26 -31.37 -6.74
C ASN B 612 -24.20 -30.41 -6.26
N GLU B 613 -23.95 -30.32 -4.96
CA GLU B 613 -23.09 -29.27 -4.45
C GLU B 613 -21.62 -29.54 -4.76
N ASP B 614 -21.24 -30.81 -4.87
CA ASP B 614 -19.89 -31.09 -5.32
C ASP B 614 -19.74 -30.84 -6.82
N ILE B 615 -20.80 -31.09 -7.60
CA ILE B 615 -20.79 -30.75 -9.02
C ILE B 615 -20.61 -29.25 -9.20
N LEU B 616 -21.45 -28.46 -8.51
CA LEU B 616 -21.41 -27.02 -8.67
C LEU B 616 -20.15 -26.42 -8.10
N GLU B 617 -19.60 -27.00 -7.03
CA GLU B 617 -18.37 -26.44 -6.49
C GLU B 617 -17.17 -26.81 -7.36
N ASP B 618 -17.19 -27.98 -8.01
CA ASP B 618 -16.13 -28.27 -8.97
C ASP B 618 -16.22 -27.35 -10.18
N ILE B 619 -17.44 -27.01 -10.59
CA ILE B 619 -17.63 -26.07 -11.70
C ILE B 619 -17.09 -24.70 -11.34
N VAL B 620 -17.45 -24.19 -10.15
CA VAL B 620 -16.98 -22.86 -9.74
C VAL B 620 -15.48 -22.86 -9.49
N LEU B 621 -14.92 -23.97 -9.02
CA LEU B 621 -13.48 -24.04 -8.82
C LEU B 621 -12.74 -24.08 -10.15
N THR B 622 -13.33 -24.73 -11.15
CA THR B 622 -12.72 -24.73 -12.48
C THR B 622 -12.75 -23.35 -13.10
N LEU B 623 -13.87 -22.65 -12.97
CA LEU B 623 -13.96 -21.31 -13.52
C LEU B 623 -13.08 -20.33 -12.76
N THR B 624 -12.86 -20.57 -11.47
CA THR B 624 -12.03 -19.66 -10.70
C THR B 624 -10.57 -19.85 -11.03
N LEU B 625 -10.12 -21.09 -11.13
CA LEU B 625 -8.68 -21.32 -11.28
C LEU B 625 -8.17 -21.03 -12.68
N PHE B 626 -8.92 -21.42 -13.70
CA PHE B 626 -8.37 -21.47 -15.04
C PHE B 626 -8.99 -20.39 -15.91
N GLU B 627 -8.19 -19.89 -16.82
CA GLU B 627 -8.59 -18.88 -17.78
C GLU B 627 -8.81 -19.50 -19.14
N ASP B 628 -8.30 -20.71 -19.33
CA ASP B 628 -8.02 -21.22 -20.66
C ASP B 628 -9.21 -22.04 -21.14
N ARG B 629 -9.53 -21.90 -22.42
CA ARG B 629 -10.73 -22.56 -22.93
C ARG B 629 -10.56 -24.07 -22.95
N GLU B 630 -9.34 -24.55 -23.17
CA GLU B 630 -9.13 -25.99 -23.33
C GLU B 630 -9.23 -26.71 -22.00
N MET B 631 -8.55 -26.20 -20.97
CA MET B 631 -8.64 -26.88 -19.69
C MET B 631 -9.88 -26.51 -18.90
N ILE B 632 -10.73 -25.66 -19.44
CA ILE B 632 -12.06 -25.55 -18.86
C ILE B 632 -13.02 -26.49 -19.57
N GLU B 633 -12.90 -26.63 -20.90
CA GLU B 633 -13.77 -27.57 -21.56
C GLU B 633 -13.42 -29.01 -21.24
N GLU B 634 -12.17 -29.30 -20.85
CA GLU B 634 -11.85 -30.68 -20.53
C GLU B 634 -12.08 -31.01 -19.06
N ARG B 635 -12.04 -30.01 -18.18
CA ARG B 635 -12.45 -30.20 -16.80
C ARG B 635 -13.95 -30.03 -16.64
N LEU B 636 -14.65 -29.75 -17.73
CA LEU B 636 -16.09 -29.82 -17.74
C LEU B 636 -16.65 -30.88 -18.69
N LYS B 637 -15.81 -31.61 -19.43
CA LYS B 637 -16.28 -32.80 -20.12
C LYS B 637 -16.77 -33.88 -19.17
N THR B 638 -16.28 -33.89 -17.93
CA THR B 638 -16.87 -34.70 -16.88
C THR B 638 -18.31 -34.28 -16.64
N TYR B 639 -18.61 -32.99 -16.76
CA TYR B 639 -19.94 -32.49 -16.52
C TYR B 639 -20.71 -32.18 -17.80
N ALA B 640 -20.31 -32.78 -18.91
CA ALA B 640 -21.13 -32.69 -20.11
C ALA B 640 -22.32 -33.66 -20.07
N HIS B 641 -22.37 -34.53 -19.07
CA HIS B 641 -23.43 -35.52 -18.97
C HIS B 641 -24.76 -34.89 -18.60
N LEU B 642 -24.72 -33.71 -17.97
CA LEU B 642 -25.91 -33.11 -17.42
C LEU B 642 -26.40 -31.91 -18.22
N PHE B 643 -25.59 -31.40 -19.13
CA PHE B 643 -25.77 -30.08 -19.72
C PHE B 643 -25.85 -30.22 -21.22
N ASP B 644 -26.84 -29.59 -21.83
CA ASP B 644 -27.19 -29.90 -23.22
C ASP B 644 -26.46 -29.02 -24.23
N ASP B 645 -25.15 -28.87 -24.06
CA ASP B 645 -24.13 -28.49 -25.06
C ASP B 645 -24.30 -27.08 -25.62
N LYS B 646 -25.35 -26.35 -25.27
CA LYS B 646 -25.45 -24.94 -25.60
C LYS B 646 -25.27 -24.07 -24.37
N VAL B 647 -25.58 -24.62 -23.19
CA VAL B 647 -25.15 -23.98 -21.97
C VAL B 647 -23.68 -24.22 -21.72
N MET B 648 -23.11 -25.27 -22.31
CA MET B 648 -21.70 -25.55 -22.12
C MET B 648 -20.81 -24.54 -22.84
N LYS B 649 -21.22 -24.11 -24.03
CA LYS B 649 -20.53 -23.00 -24.67
C LYS B 649 -20.92 -21.66 -24.07
N GLN B 650 -21.87 -21.65 -23.15
CA GLN B 650 -22.25 -20.47 -22.38
C GLN B 650 -21.62 -20.46 -21.01
N LEU B 651 -21.50 -21.62 -20.37
CA LEU B 651 -20.95 -21.67 -19.02
C LEU B 651 -19.43 -21.66 -19.03
N LYS B 652 -18.81 -22.10 -20.12
CA LYS B 652 -17.36 -21.99 -20.24
C LYS B 652 -16.92 -20.53 -20.41
N ARG B 653 -17.80 -19.67 -20.89
CA ARG B 653 -17.51 -18.24 -20.99
C ARG B 653 -17.47 -17.59 -19.62
N ARG B 654 -18.20 -18.14 -18.65
CA ARG B 654 -18.31 -17.55 -17.33
C ARG B 654 -16.96 -17.59 -16.62
N ARG B 655 -16.62 -16.49 -15.96
CA ARG B 655 -15.33 -16.38 -15.29
C ARG B 655 -15.57 -15.94 -13.87
N TYR B 656 -14.57 -16.18 -13.02
CA TYR B 656 -14.55 -15.66 -11.67
C TYR B 656 -13.12 -15.30 -11.35
N THR B 657 -12.93 -14.72 -10.17
CA THR B 657 -11.59 -14.46 -9.67
C THR B 657 -11.61 -14.46 -8.16
N GLY B 658 -10.43 -14.44 -7.59
CA GLY B 658 -10.30 -14.30 -6.15
C GLY B 658 -10.62 -15.57 -5.41
N TRP B 659 -10.48 -15.50 -4.09
CA TRP B 659 -10.72 -16.65 -3.25
C TRP B 659 -11.47 -16.21 -2.01
N GLY B 660 -12.29 -17.11 -1.50
CA GLY B 660 -13.00 -16.84 -0.28
C GLY B 660 -12.08 -16.85 0.93
N ARG B 661 -12.60 -16.36 2.04
CA ARG B 661 -11.78 -16.30 3.24
C ARG B 661 -11.70 -17.66 3.92
N LEU B 662 -12.68 -18.52 3.68
CA LEU B 662 -12.83 -19.75 4.46
C LEU B 662 -12.75 -20.97 3.56
N SER B 663 -12.80 -22.13 4.19
CA SER B 663 -12.72 -23.41 3.50
C SER B 663 -13.95 -24.25 3.78
N ARG B 664 -14.11 -25.31 3.00
CA ARG B 664 -15.34 -26.09 3.10
C ARG B 664 -15.37 -26.96 4.34
N LYS B 665 -14.20 -27.43 4.80
CA LYS B 665 -14.14 -28.22 6.03
C LYS B 665 -14.34 -27.38 7.28
N LEU B 666 -14.49 -26.08 7.14
CA LEU B 666 -14.69 -25.15 8.25
C LEU B 666 -16.11 -24.61 8.29
N ILE B 667 -16.84 -24.66 7.18
CA ILE B 667 -18.19 -24.11 7.13
C ILE B 667 -19.21 -25.22 7.29
N ASN B 668 -19.22 -26.16 6.34
CA ASN B 668 -20.09 -27.31 6.42
C ASN B 668 -19.32 -28.55 6.85
N GLY B 669 -18.19 -28.34 7.51
CA GLY B 669 -17.24 -29.40 7.81
C GLY B 669 -17.34 -29.91 9.22
N ILE B 670 -16.48 -29.36 10.10
CA ILE B 670 -16.43 -29.78 11.49
C ILE B 670 -17.77 -29.55 12.19
N ARG B 671 -18.06 -30.42 13.16
CA ARG B 671 -19.37 -30.46 13.79
C ARG B 671 -19.20 -30.42 15.30
N ASP B 672 -20.28 -30.07 15.98
CA ASP B 672 -20.31 -30.01 17.43
C ASP B 672 -20.78 -31.35 17.97
N LYS B 673 -20.17 -31.76 19.09
CA LYS B 673 -20.42 -33.11 19.61
C LYS B 673 -21.80 -33.23 20.23
N GLN B 674 -22.40 -32.11 20.61
CA GLN B 674 -23.67 -32.11 21.32
C GLN B 674 -24.88 -32.10 20.40
N SER B 675 -24.72 -31.66 19.15
CA SER B 675 -25.83 -31.61 18.20
C SER B 675 -25.49 -32.15 16.82
N GLY B 676 -24.21 -32.24 16.46
CA GLY B 676 -23.86 -32.66 15.12
C GLY B 676 -24.12 -31.61 14.08
N LYS B 677 -24.10 -30.34 14.46
CA LYS B 677 -24.48 -29.24 13.59
C LYS B 677 -23.24 -28.54 13.08
N THR B 678 -23.23 -28.26 11.78
CA THR B 678 -22.17 -27.46 11.18
C THR B 678 -22.44 -25.99 11.43
N ILE B 679 -21.52 -25.14 10.96
CA ILE B 679 -21.68 -23.70 11.07
C ILE B 679 -22.91 -23.26 10.28
N LEU B 680 -23.09 -23.83 9.09
CA LEU B 680 -24.26 -23.54 8.28
C LEU B 680 -25.53 -24.05 8.95
N ASP B 681 -25.43 -25.19 9.64
CA ASP B 681 -26.59 -25.75 10.32
C ASP B 681 -26.93 -24.97 11.58
N PHE B 682 -25.94 -24.39 12.26
CA PHE B 682 -26.25 -23.47 13.34
C PHE B 682 -26.88 -22.19 12.82
N LEU B 683 -26.35 -21.64 11.74
CA LEU B 683 -26.86 -20.38 11.27
C LEU B 683 -28.22 -20.51 10.59
N LYS B 684 -28.62 -21.72 10.21
CA LYS B 684 -30.02 -21.90 9.83
C LYS B 684 -30.93 -21.94 11.06
N SER B 685 -30.67 -22.86 11.99
CA SER B 685 -31.59 -23.05 13.12
C SER B 685 -30.75 -23.11 14.40
N ASP B 686 -30.48 -21.94 14.97
CA ASP B 686 -29.74 -21.85 16.23
C ASP B 686 -30.66 -21.89 17.44
N GLY B 687 -31.98 -21.89 17.22
CA GLY B 687 -32.90 -21.80 18.33
C GLY B 687 -33.35 -20.37 18.53
N PHE B 688 -33.25 -19.92 19.79
CA PHE B 688 -33.70 -18.57 20.12
C PHE B 688 -32.56 -17.57 20.00
N ALA B 689 -31.35 -17.97 20.37
CA ALA B 689 -30.20 -17.08 20.42
C ALA B 689 -29.36 -17.30 19.17
N ASN B 690 -29.56 -16.44 18.17
CA ASN B 690 -28.77 -16.53 16.94
C ASN B 690 -27.45 -15.80 17.11
N ARG B 691 -26.35 -16.51 16.94
CA ARG B 691 -25.00 -15.95 16.99
C ARG B 691 -24.49 -15.79 15.57
N ASN B 692 -23.35 -15.12 15.43
CA ASN B 692 -22.69 -15.03 14.13
C ASN B 692 -21.41 -15.86 14.14
N PHE B 693 -20.79 -15.93 12.95
CA PHE B 693 -19.64 -16.80 12.72
C PHE B 693 -18.46 -16.48 13.62
N MET B 694 -18.18 -15.18 13.84
CA MET B 694 -17.08 -14.80 14.72
C MET B 694 -17.34 -15.22 16.15
N GLN B 695 -18.60 -15.17 16.59
CA GLN B 695 -18.94 -15.71 17.89
C GLN B 695 -18.85 -17.23 17.91
N LEU B 696 -19.25 -17.90 16.83
CA LEU B 696 -19.15 -19.37 16.81
C LEU B 696 -17.71 -19.86 16.79
N ILE B 697 -16.77 -19.03 16.36
CA ILE B 697 -15.38 -19.48 16.43
C ILE B 697 -14.69 -18.89 17.66
N HIS B 698 -15.30 -17.89 18.30
CA HIS B 698 -14.79 -17.39 19.56
C HIS B 698 -15.59 -17.87 20.75
N ASP B 699 -16.32 -18.98 20.63
CA ASP B 699 -17.12 -19.48 21.74
C ASP B 699 -16.38 -20.63 22.40
N ASP B 700 -15.92 -20.41 23.63
CA ASP B 700 -15.27 -21.44 24.41
C ASP B 700 -16.26 -22.51 24.87
N SER B 701 -17.55 -22.16 24.92
CA SER B 701 -18.59 -23.15 25.17
C SER B 701 -18.66 -24.19 24.07
N LEU B 702 -18.66 -23.73 22.81
CA LEU B 702 -18.71 -24.65 21.69
C LEU B 702 -17.32 -25.19 21.38
N THR B 703 -17.30 -26.29 20.62
CA THR B 703 -16.10 -27.05 20.33
C THR B 703 -15.20 -26.36 19.29
N PHE B 704 -15.71 -25.32 18.63
CA PHE B 704 -15.19 -24.92 17.33
C PHE B 704 -13.86 -24.19 17.43
N LYS B 705 -13.66 -23.40 18.49
CA LYS B 705 -12.35 -22.80 18.73
C LYS B 705 -11.31 -23.86 19.03
N GLU B 706 -11.69 -24.88 19.79
CA GLU B 706 -10.78 -25.99 20.06
C GLU B 706 -10.52 -26.80 18.80
N ASP B 707 -11.50 -26.88 17.91
CA ASP B 707 -11.29 -27.59 16.64
C ASP B 707 -10.35 -26.83 15.73
N ILE B 708 -10.38 -25.50 15.80
CA ILE B 708 -9.38 -24.68 15.14
C ILE B 708 -8.01 -24.90 15.77
N GLN B 709 -7.97 -25.02 17.10
CA GLN B 709 -6.71 -25.27 17.80
C GLN B 709 -6.17 -26.67 17.50
N LYS B 710 -7.05 -27.59 17.11
CA LYS B 710 -6.61 -28.91 16.65
C LYS B 710 -5.79 -28.81 15.37
N ALA B 711 -6.10 -27.82 14.53
CA ALA B 711 -5.40 -27.72 13.25
C ALA B 711 -4.24 -26.74 13.32
N GLN B 712 -4.27 -25.81 14.28
CA GLN B 712 -3.19 -24.82 14.36
C GLN B 712 -1.90 -25.42 14.89
N VAL B 713 -1.95 -26.63 15.44
CA VAL B 713 -0.74 -27.35 15.81
C VAL B 713 0.01 -27.78 14.56
N SER B 714 -0.73 -28.16 13.52
CA SER B 714 -0.11 -28.75 12.32
C SER B 714 0.62 -27.71 11.49
N GLY B 715 0.17 -26.46 11.51
CA GLY B 715 0.75 -25.44 10.67
C GLY B 715 1.94 -24.73 11.29
N GLN B 716 2.99 -25.47 11.62
CA GLN B 716 4.17 -24.92 12.26
C GLN B 716 5.40 -25.68 11.81
N GLY B 717 6.22 -25.04 10.98
CA GLY B 717 7.46 -25.66 10.56
C GLY B 717 8.48 -25.71 11.69
N ASP B 718 9.48 -26.59 11.52
CA ASP B 718 10.48 -26.75 12.56
C ASP B 718 11.47 -25.59 12.56
N SER B 719 11.70 -25.00 11.39
CA SER B 719 12.58 -23.85 11.27
C SER B 719 11.80 -22.58 11.60
N LEU B 720 12.54 -21.55 11.99
CA LEU B 720 11.92 -20.30 12.37
C LEU B 720 11.42 -19.53 11.15
N HIS B 721 12.23 -19.51 10.09
CA HIS B 721 11.97 -18.62 8.97
C HIS B 721 10.76 -19.07 8.17
N GLU B 722 10.59 -20.39 8.03
CA GLU B 722 9.40 -20.91 7.36
C GLU B 722 8.16 -20.70 8.21
N HIS B 723 8.33 -20.70 9.53
CA HIS B 723 7.21 -20.45 10.44
C HIS B 723 6.74 -19.00 10.33
N ILE B 724 7.69 -18.08 10.18
CA ILE B 724 7.34 -16.67 10.03
C ILE B 724 6.79 -16.41 8.65
N ALA B 725 7.29 -17.14 7.65
CA ALA B 725 6.76 -17.04 6.29
C ALA B 725 5.34 -17.58 6.23
N ASN B 726 4.99 -18.47 7.16
CA ASN B 726 3.64 -19.01 7.25
C ASN B 726 2.64 -18.01 7.82
N LEU B 727 3.10 -16.85 8.30
CA LEU B 727 2.20 -15.86 8.89
C LEU B 727 1.46 -15.11 7.80
N ALA B 728 0.54 -14.24 8.19
CA ALA B 728 -0.22 -13.42 7.26
C ALA B 728 0.11 -11.97 7.57
N GLY B 729 0.74 -11.29 6.62
CA GLY B 729 1.08 -9.90 6.82
C GLY B 729 2.08 -9.45 5.77
N SER B 730 2.46 -8.18 5.87
CA SER B 730 3.47 -7.65 4.97
C SER B 730 4.82 -8.24 5.31
N PRO B 731 5.74 -8.27 4.34
CA PRO B 731 7.12 -8.67 4.67
C PRO B 731 7.86 -7.65 5.52
N ALA B 732 7.37 -6.42 5.61
CA ALA B 732 7.91 -5.47 6.56
C ALA B 732 7.61 -5.89 7.99
N ILE B 733 6.34 -6.21 8.28
CA ILE B 733 6.01 -6.60 9.64
C ILE B 733 6.57 -7.97 9.96
N LYS B 734 6.76 -8.83 8.95
CA LYS B 734 7.41 -10.11 9.19
C LYS B 734 8.90 -9.95 9.41
N LYS B 735 9.51 -8.92 8.81
CA LYS B 735 10.87 -8.57 9.18
C LYS B 735 10.93 -8.11 10.63
N GLY B 736 9.92 -7.37 11.07
CA GLY B 736 9.88 -6.95 12.47
C GLY B 736 9.72 -8.11 13.43
N ILE B 737 8.89 -9.10 13.07
CA ILE B 737 8.67 -10.27 13.93
C ILE B 737 9.94 -11.11 14.02
N LEU B 738 10.60 -11.34 12.89
CA LEU B 738 11.84 -12.11 12.92
C LEU B 738 12.93 -11.38 13.69
N GLN B 739 13.02 -10.06 13.55
CA GLN B 739 14.06 -9.36 14.29
C GLN B 739 13.75 -9.33 15.78
N THR B 740 12.48 -9.32 16.18
CA THR B 740 12.23 -9.34 17.63
C THR B 740 12.46 -10.73 18.20
N VAL B 741 12.35 -11.78 17.39
CA VAL B 741 12.71 -13.11 17.90
C VAL B 741 14.22 -13.24 18.01
N LYS B 742 14.96 -12.65 17.07
CA LYS B 742 16.42 -12.52 17.19
C LYS B 742 16.80 -11.78 18.45
N VAL B 743 16.05 -10.71 18.76
CA VAL B 743 16.31 -9.90 19.95
C VAL B 743 16.00 -10.67 21.22
N VAL B 744 14.92 -11.46 21.24
CA VAL B 744 14.58 -12.24 22.43
C VAL B 744 15.62 -13.30 22.71
N ASP B 745 16.08 -14.02 21.68
CA ASP B 745 17.10 -15.05 21.90
C ASP B 745 18.43 -14.44 22.32
N GLU B 746 18.81 -13.32 21.68
CA GLU B 746 20.05 -12.66 22.04
C GLU B 746 19.96 -12.06 23.44
N LEU B 747 18.77 -11.64 23.82
CA LEU B 747 18.59 -10.95 25.08
C LEU B 747 18.51 -11.93 26.23
N VAL B 748 17.90 -13.10 26.03
CA VAL B 748 17.96 -14.11 27.07
C VAL B 748 19.35 -14.72 27.12
N LYS B 749 20.12 -14.65 26.04
CA LYS B 749 21.54 -14.96 26.13
C LYS B 749 22.28 -13.94 26.98
N VAL B 750 21.80 -12.70 27.02
CA VAL B 750 22.45 -11.68 27.85
C VAL B 750 22.21 -11.96 29.32
N MET B 751 20.95 -12.08 29.73
CA MET B 751 20.58 -12.13 31.14
C MET B 751 20.88 -13.51 31.70
N GLY B 752 22.16 -13.77 32.00
CA GLY B 752 22.62 -14.98 32.68
C GLY B 752 22.27 -16.31 32.07
N ARG B 753 21.89 -16.29 30.79
CA ARG B 753 21.23 -17.38 30.07
C ARG B 753 20.05 -17.93 30.87
N HIS B 754 19.25 -17.04 31.42
CA HIS B 754 18.00 -17.40 32.05
C HIS B 754 16.84 -17.07 31.14
N LYS B 755 15.70 -17.52 31.51
CA LYS B 755 14.50 -17.15 30.80
C LYS B 755 13.71 -16.12 31.60
N PRO B 756 12.95 -15.26 30.94
CA PRO B 756 12.18 -14.27 31.68
C PRO B 756 10.97 -14.84 32.39
N GLU B 757 10.22 -13.99 33.08
CA GLU B 757 8.91 -14.43 33.54
C GLU B 757 7.81 -14.00 32.61
N ASN B 758 8.02 -12.93 31.85
CA ASN B 758 7.01 -12.44 30.92
C ASN B 758 7.65 -11.86 29.68
N ILE B 759 7.06 -12.15 28.54
CA ILE B 759 7.29 -11.41 27.31
C ILE B 759 6.00 -10.68 27.04
N VAL B 760 6.04 -9.36 27.08
CA VAL B 760 4.84 -8.59 26.79
C VAL B 760 4.96 -7.96 25.41
N ILE B 761 3.89 -8.04 24.63
CA ILE B 761 3.90 -7.74 23.21
C ILE B 761 2.81 -6.73 22.94
N GLU B 762 3.13 -5.67 22.19
CA GLU B 762 2.13 -4.95 21.43
C GLU B 762 2.68 -4.73 20.04
N MET B 763 1.78 -4.66 19.07
CA MET B 763 2.18 -4.51 17.67
C MET B 763 1.02 -3.87 16.94
N ALA B 764 1.15 -2.57 16.66
CA ALA B 764 0.12 -1.82 15.94
C ALA B 764 0.80 -1.19 14.74
N ARG B 765 0.66 -1.83 13.58
CA ARG B 765 1.43 -1.47 12.40
C ARG B 765 0.64 -1.84 11.17
N GLU B 766 1.33 -1.85 10.01
CA GLU B 766 0.75 -2.07 8.68
C GLU B 766 -0.41 -1.10 8.41
N ASN B 767 -0.24 0.15 8.84
CA ASN B 767 -1.30 1.14 8.79
C ASN B 767 -1.27 1.85 7.44
N GLN B 768 -2.45 1.99 6.84
CA GLN B 768 -2.63 2.72 5.59
C GLN B 768 -3.85 3.63 5.68
N THR B 769 -4.10 4.20 6.85
CA THR B 769 -5.24 5.07 7.08
C THR B 769 -4.89 6.55 6.98
N THR B 770 -3.66 6.88 6.58
CA THR B 770 -3.12 8.25 6.48
C THR B 770 -3.24 9.03 7.79
N GLN B 771 -3.18 8.31 8.92
CA GLN B 771 -3.22 8.83 10.30
C GLN B 771 -4.49 9.62 10.65
N LYS B 772 -5.50 9.57 9.78
CA LYS B 772 -6.80 10.23 9.94
C LYS B 772 -6.67 11.74 10.19
N GLY B 773 -5.96 12.41 9.28
CA GLY B 773 -5.88 13.85 9.33
C GLY B 773 -6.76 14.54 8.30
N GLN B 774 -6.70 14.03 7.06
CA GLN B 774 -7.44 14.60 5.96
C GLN B 774 -8.35 13.61 5.25
N LYS B 775 -8.09 12.30 5.39
CA LYS B 775 -9.00 11.29 4.87
C LYS B 775 -10.21 11.08 5.76
N ASN B 776 -10.23 11.67 6.96
CA ASN B 776 -11.36 11.52 7.86
C ASN B 776 -12.37 12.65 7.77
N SER B 777 -11.93 13.91 7.60
CA SER B 777 -12.83 15.05 7.73
C SER B 777 -13.85 15.10 6.61
N ARG B 778 -13.53 14.50 5.45
CA ARG B 778 -14.50 14.40 4.37
C ARG B 778 -15.67 13.51 4.75
N GLU B 779 -15.41 12.38 5.42
CA GLU B 779 -16.53 11.53 5.81
C GLU B 779 -17.21 12.07 7.06
N ARG B 780 -16.51 12.90 7.84
CA ARG B 780 -17.17 13.66 8.90
C ARG B 780 -18.21 14.62 8.34
N MET B 781 -17.85 15.39 7.32
CA MET B 781 -18.81 16.28 6.68
C MET B 781 -19.87 15.49 5.90
N LYS B 782 -19.50 14.31 5.39
CA LYS B 782 -20.47 13.42 4.76
C LYS B 782 -21.57 13.00 5.74
N ARG B 783 -21.16 12.58 6.95
CA ARG B 783 -22.12 12.24 8.00
C ARG B 783 -23.00 13.42 8.35
N ILE B 784 -22.38 14.60 8.52
CA ILE B 784 -23.13 15.81 8.89
C ILE B 784 -24.15 16.16 7.80
N GLU B 785 -23.73 16.15 6.55
CA GLU B 785 -24.58 16.64 5.48
C GLU B 785 -25.69 15.65 5.12
N GLU B 786 -25.43 14.34 5.18
CA GLU B 786 -26.54 13.43 4.90
C GLU B 786 -27.47 13.33 6.10
N GLY B 787 -26.96 13.62 7.31
CA GLY B 787 -27.85 13.72 8.45
C GLY B 787 -28.79 14.90 8.35
N ILE B 788 -28.27 16.06 7.95
CA ILE B 788 -29.12 17.22 7.73
C ILE B 788 -30.03 17.00 6.52
N LYS B 789 -29.58 16.19 5.55
CA LYS B 789 -30.43 15.78 4.44
C LYS B 789 -31.61 14.94 4.90
N GLU B 790 -31.38 14.02 5.84
CA GLU B 790 -32.46 13.12 6.25
C GLU B 790 -33.40 13.75 7.24
N LEU B 791 -32.90 14.52 8.21
CA LEU B 791 -33.80 15.10 9.20
C LEU B 791 -34.57 16.29 8.60
N GLY B 792 -33.89 17.15 7.86
CA GLY B 792 -34.53 18.26 7.18
C GLY B 792 -34.53 19.58 7.93
N SER B 793 -33.72 19.72 8.97
CA SER B 793 -33.59 20.97 9.71
C SER B 793 -32.23 21.56 9.36
N GLN B 794 -32.23 22.77 8.80
CA GLN B 794 -31.01 23.36 8.28
C GLN B 794 -30.13 23.88 9.41
N ILE B 795 -28.84 23.54 9.34
CA ILE B 795 -27.85 24.12 10.23
C ILE B 795 -26.83 24.92 9.45
N LEU B 796 -26.35 24.40 8.31
CA LEU B 796 -25.42 25.13 7.47
C LEU B 796 -26.11 26.13 6.54
N LYS B 797 -27.39 26.39 6.74
CA LYS B 797 -27.99 27.64 6.30
C LYS B 797 -27.79 28.74 7.34
N GLU B 798 -27.21 28.41 8.49
CA GLU B 798 -26.99 29.36 9.57
C GLU B 798 -25.55 29.46 10.02
N HIS B 799 -24.83 28.35 10.17
CA HIS B 799 -23.43 28.36 10.59
C HIS B 799 -22.67 27.27 9.87
N PRO B 800 -22.10 27.55 8.70
CA PRO B 800 -21.28 26.58 8.00
C PRO B 800 -19.82 26.67 8.39
N VAL B 801 -19.19 25.50 8.52
CA VAL B 801 -17.76 25.37 8.73
C VAL B 801 -17.23 24.27 7.81
N GLU B 802 -16.16 24.60 7.08
CA GLU B 802 -15.55 23.65 6.16
C GLU B 802 -14.58 22.74 6.92
N ASN B 803 -14.06 21.72 6.21
CA ASN B 803 -13.24 20.67 6.82
C ASN B 803 -11.83 21.13 7.21
N THR B 804 -11.46 22.38 6.95
CA THR B 804 -10.16 22.87 7.42
C THR B 804 -10.14 23.05 8.93
N GLN B 805 -11.30 23.21 9.55
CA GLN B 805 -11.40 23.49 10.98
C GLN B 805 -11.97 22.32 11.78
N LEU B 806 -12.32 21.22 11.12
CA LEU B 806 -13.11 20.16 11.74
C LEU B 806 -12.23 19.10 12.42
N GLN B 807 -11.01 19.46 12.80
CA GLN B 807 -10.28 18.64 13.76
C GLN B 807 -10.69 18.98 15.19
N ASN B 808 -11.40 20.08 15.40
CA ASN B 808 -11.96 20.40 16.70
C ASN B 808 -13.11 19.44 16.98
N GLU B 809 -13.05 18.79 18.13
CA GLU B 809 -14.02 17.74 18.42
C GLU B 809 -15.33 18.30 18.96
N LYS B 810 -15.25 19.40 19.71
CA LYS B 810 -16.44 20.02 20.27
C LYS B 810 -17.34 20.61 19.18
N LEU B 811 -16.73 21.12 18.10
CA LEU B 811 -17.51 21.64 16.98
C LEU B 811 -18.26 20.52 16.27
N TYR B 812 -17.61 19.37 16.09
CA TYR B 812 -18.25 18.22 15.46
C TYR B 812 -19.37 17.68 16.31
N LEU B 813 -19.18 17.68 17.63
CA LEU B 813 -20.25 17.28 18.54
C LEU B 813 -21.37 18.32 18.56
N TYR B 814 -21.04 19.60 18.31
CA TYR B 814 -22.09 20.60 18.14
C TYR B 814 -22.95 20.32 16.91
N TYR B 815 -22.30 19.96 15.81
CA TYR B 815 -23.07 19.71 14.60
C TYR B 815 -23.89 18.43 14.68
N LEU B 816 -23.39 17.39 15.34
CA LEU B 816 -24.11 16.11 15.34
C LEU B 816 -25.37 16.11 16.18
N GLN B 817 -25.47 16.97 17.19
CA GLN B 817 -26.72 17.08 17.91
C GLN B 817 -27.53 18.30 17.45
N ASN B 818 -27.37 18.67 16.18
CA ASN B 818 -28.33 19.48 15.42
C ASN B 818 -28.44 20.91 15.97
N GLY B 819 -27.36 21.38 16.58
CA GLY B 819 -27.44 22.67 17.24
C GLY B 819 -28.23 22.67 18.52
N ARG B 820 -28.51 21.51 19.09
CA ARG B 820 -29.29 21.36 20.31
C ARG B 820 -28.43 20.67 21.36
N ASP B 821 -29.04 20.29 22.48
CA ASP B 821 -28.37 19.50 23.50
C ASP B 821 -29.17 18.23 23.73
N MET B 822 -28.47 17.10 23.81
CA MET B 822 -29.14 15.82 23.98
C MET B 822 -29.59 15.59 25.41
N TYR B 823 -29.17 16.44 26.34
CA TYR B 823 -29.56 16.30 27.74
C TYR B 823 -30.79 17.10 28.10
N VAL B 824 -30.76 18.41 27.88
CA VAL B 824 -31.89 19.30 28.13
C VAL B 824 -32.23 19.96 26.80
N ASP B 825 -33.51 20.20 26.55
CA ASP B 825 -33.96 20.83 25.31
C ASP B 825 -33.51 22.28 25.31
N GLN B 826 -32.30 22.48 24.79
CA GLN B 826 -31.57 23.73 24.84
C GLN B 826 -30.89 23.95 23.50
N GLU B 827 -30.49 25.19 23.26
CA GLU B 827 -29.67 25.53 22.10
C GLU B 827 -28.25 25.81 22.58
N LEU B 828 -27.28 25.10 22.00
CA LEU B 828 -25.89 25.31 22.37
C LEU B 828 -25.41 26.64 21.83
N ASP B 829 -24.95 27.50 22.73
CA ASP B 829 -24.50 28.82 22.33
C ASP B 829 -23.14 28.73 21.65
N ILE B 830 -23.06 29.25 20.44
CA ILE B 830 -21.93 29.00 19.57
C ILE B 830 -20.73 29.86 19.95
N ASN B 831 -20.99 31.13 20.31
CA ASN B 831 -19.91 32.02 20.72
C ASN B 831 -19.30 31.60 22.05
N ARG B 832 -20.07 30.94 22.90
CA ARG B 832 -19.63 30.56 24.24
C ARG B 832 -19.35 29.07 24.34
N LEU B 833 -18.91 28.44 23.24
CA LEU B 833 -18.58 27.02 23.29
C LEU B 833 -17.27 26.75 24.02
N SER B 834 -16.47 27.77 24.31
CA SER B 834 -15.15 27.55 24.88
C SER B 834 -15.23 27.09 26.34
N ASP B 835 -16.29 27.46 27.05
CA ASP B 835 -16.48 27.02 28.42
C ASP B 835 -17.30 25.75 28.52
N TYR B 836 -17.98 25.34 27.46
CA TYR B 836 -18.84 24.15 27.49
C TYR B 836 -17.96 22.91 27.53
N ASP B 837 -18.04 22.16 28.64
CA ASP B 837 -17.05 21.13 28.92
C ASP B 837 -17.29 19.89 28.07
N VAL B 838 -16.24 19.09 27.93
CA VAL B 838 -16.29 17.83 27.19
C VAL B 838 -16.85 16.77 28.12
N ASP B 839 -17.88 16.06 27.67
CA ASP B 839 -18.60 15.11 28.51
C ASP B 839 -18.57 13.72 27.88
N HIS B 840 -18.23 12.72 28.69
CA HIS B 840 -18.36 11.33 28.28
C HIS B 840 -19.79 10.84 28.56
N ILE B 841 -20.09 9.65 28.07
CA ILE B 841 -21.30 8.94 28.51
C ILE B 841 -20.93 7.77 29.40
N VAL B 842 -20.12 6.86 28.87
CA VAL B 842 -19.44 5.85 29.67
C VAL B 842 -18.14 6.48 30.16
N PRO B 843 -18.01 6.80 31.45
CA PRO B 843 -16.97 7.75 31.89
C PRO B 843 -15.56 7.24 31.83
N GLN B 844 -14.61 8.09 32.22
CA GLN B 844 -13.19 7.75 32.22
C GLN B 844 -12.79 6.80 33.34
N SER B 845 -13.72 6.44 34.22
CA SER B 845 -13.50 5.43 35.24
C SER B 845 -14.20 4.12 34.93
N PHE B 846 -14.80 3.98 33.76
CA PHE B 846 -15.38 2.73 33.27
C PHE B 846 -14.65 2.15 32.07
N LEU B 847 -14.20 3.00 31.14
CA LEU B 847 -13.16 2.68 30.17
C LEU B 847 -12.57 3.97 29.63
N LYS B 848 -11.27 3.98 29.39
CA LYS B 848 -10.63 5.12 28.74
C LYS B 848 -11.02 5.18 27.28
N ASP B 849 -11.64 6.27 26.85
CA ASP B 849 -12.01 6.43 25.47
C ASP B 849 -12.03 7.92 25.12
N ASP B 850 -11.70 8.23 23.87
CA ASP B 850 -11.74 9.59 23.34
C ASP B 850 -12.55 9.64 22.05
N SER B 851 -13.52 8.75 21.91
CA SER B 851 -14.26 8.63 20.66
C SER B 851 -15.55 9.44 20.70
N ILE B 852 -16.11 9.65 19.52
CA ILE B 852 -17.37 10.37 19.35
C ILE B 852 -18.53 9.57 19.92
N ASP B 853 -18.41 8.25 19.91
CA ASP B 853 -19.49 7.42 20.44
C ASP B 853 -19.48 7.40 21.96
N ASN B 854 -18.46 7.97 22.58
CA ASN B 854 -18.42 8.13 24.02
C ASN B 854 -18.43 9.61 24.43
N LYS B 855 -17.67 10.47 23.76
CA LYS B 855 -17.70 11.89 24.09
C LYS B 855 -18.94 12.54 23.50
N VAL B 856 -19.58 13.38 24.31
CA VAL B 856 -20.64 14.27 23.87
C VAL B 856 -20.33 15.67 24.38
N LEU B 857 -21.17 16.62 23.98
CA LEU B 857 -20.99 18.02 24.37
C LEU B 857 -22.29 18.53 24.99
N THR B 858 -22.14 19.27 26.09
CA THR B 858 -23.27 19.90 26.75
C THR B 858 -22.74 21.10 27.52
N ARG B 859 -23.67 21.89 28.06
CA ARG B 859 -23.31 23.17 28.67
C ARG B 859 -22.58 22.98 29.98
N SER B 860 -23.24 22.38 30.96
CA SER B 860 -22.71 22.26 32.30
C SER B 860 -21.95 20.96 32.46
N ASP B 861 -21.38 20.76 33.65
CA ASP B 861 -20.81 19.47 33.98
C ASP B 861 -21.88 18.44 34.31
N LYS B 862 -22.85 18.82 35.14
CA LYS B 862 -23.89 17.88 35.57
C LYS B 862 -25.29 18.28 35.10
N ASN B 863 -25.45 18.64 33.82
CA ASN B 863 -26.74 18.44 33.17
C ASN B 863 -27.04 16.97 32.96
N ARG B 864 -26.01 16.12 33.10
CA ARG B 864 -26.14 14.68 32.97
C ARG B 864 -27.10 14.09 34.01
N GLY B 865 -26.69 14.12 35.27
CA GLY B 865 -27.46 13.52 36.34
C GLY B 865 -26.60 13.35 37.59
N LYS B 866 -26.79 12.23 38.27
CA LYS B 866 -25.99 11.89 39.44
C LYS B 866 -25.57 10.42 39.45
N SER B 867 -25.95 9.64 38.46
CA SER B 867 -25.62 8.23 38.41
C SER B 867 -24.29 8.02 37.69
N ASP B 868 -23.50 7.07 38.19
CA ASP B 868 -22.24 6.70 37.56
C ASP B 868 -22.42 5.91 36.27
N ASN B 869 -23.64 5.42 36.00
CA ASN B 869 -23.97 4.77 34.75
C ASN B 869 -24.32 5.85 33.73
N VAL B 870 -24.92 5.49 32.60
CA VAL B 870 -25.70 6.39 31.76
C VAL B 870 -26.73 7.09 32.65
N PRO B 871 -26.95 8.40 32.49
CA PRO B 871 -27.79 9.16 33.43
C PRO B 871 -29.24 8.70 33.52
N SER B 872 -29.96 9.35 34.44
CA SER B 872 -31.14 8.78 35.06
C SER B 872 -32.31 8.66 34.09
N GLU B 873 -33.35 7.97 34.56
CA GLU B 873 -34.50 7.65 33.71
C GLU B 873 -35.29 8.90 33.37
N GLU B 874 -35.26 9.92 34.24
CA GLU B 874 -35.90 11.19 33.97
C GLU B 874 -35.28 11.90 32.77
N VAL B 875 -33.96 11.73 32.59
CA VAL B 875 -33.29 12.31 31.43
C VAL B 875 -33.69 11.57 30.16
N VAL B 876 -33.68 10.24 30.18
CA VAL B 876 -33.75 9.49 28.94
C VAL B 876 -35.19 9.34 28.45
N LYS B 877 -36.17 9.37 29.36
CA LYS B 877 -37.55 9.32 28.90
C LYS B 877 -37.98 10.64 28.29
N LYS B 878 -37.49 11.75 28.85
CA LYS B 878 -37.86 13.07 28.35
C LYS B 878 -37.21 13.35 27.00
N MET B 879 -35.98 12.87 26.81
CA MET B 879 -35.26 13.08 25.55
C MET B 879 -35.46 11.93 24.57
N LYS B 880 -36.41 11.03 24.87
CA LYS B 880 -36.67 9.89 23.98
C LYS B 880 -37.38 10.29 22.71
N ASN B 881 -38.04 11.46 22.69
CA ASN B 881 -38.62 11.95 21.46
C ASN B 881 -37.52 12.43 20.50
N TYR B 882 -36.62 13.28 20.98
CA TYR B 882 -35.57 13.89 20.18
C TYR B 882 -34.50 12.90 19.75
N TRP B 883 -34.22 11.89 20.58
CA TRP B 883 -33.16 10.94 20.26
C TRP B 883 -33.53 10.02 19.11
N ARG B 884 -34.79 9.62 19.00
CA ARG B 884 -35.21 8.82 17.85
C ARG B 884 -35.17 9.64 16.56
N GLN B 885 -35.56 10.91 16.64
CA GLN B 885 -35.52 11.80 15.50
C GLN B 885 -34.09 12.03 15.02
N LEU B 886 -33.14 12.07 15.95
CA LEU B 886 -31.77 12.32 15.55
C LEU B 886 -31.03 11.03 15.18
N LEU B 887 -31.49 9.88 15.68
CA LEU B 887 -30.85 8.63 15.28
C LEU B 887 -31.32 8.20 13.90
N ASN B 888 -32.60 8.43 13.58
CA ASN B 888 -33.10 8.03 12.27
C ASN B 888 -32.56 8.88 11.12
N ALA B 889 -31.89 9.99 11.42
CA ALA B 889 -31.17 10.75 10.40
C ALA B 889 -29.72 10.31 10.26
N LYS B 890 -29.27 9.38 11.11
CA LYS B 890 -27.88 8.92 11.20
C LYS B 890 -26.91 10.09 11.40
N LEU B 891 -26.94 10.70 12.57
CA LEU B 891 -25.80 11.49 13.00
C LEU B 891 -24.89 10.66 13.89
N ILE B 892 -25.48 9.91 14.81
CA ILE B 892 -24.76 9.18 15.85
C ILE B 892 -25.06 7.69 15.73
N THR B 893 -24.20 6.91 16.38
CA THR B 893 -24.14 5.47 16.20
C THR B 893 -25.29 4.79 16.94
N GLN B 894 -25.69 3.60 16.48
CA GLN B 894 -26.61 2.75 17.25
C GLN B 894 -25.96 2.30 18.57
N ARG B 895 -24.62 2.22 18.59
CA ARG B 895 -23.91 1.96 19.84
C ARG B 895 -24.14 3.06 20.85
N LYS B 896 -24.09 4.32 20.42
CA LYS B 896 -24.25 5.41 21.40
C LYS B 896 -25.71 5.58 21.79
N PHE B 897 -26.64 5.23 20.90
CA PHE B 897 -28.05 5.21 21.29
C PHE B 897 -28.33 4.10 22.28
N ASP B 898 -27.69 2.93 22.11
CA ASP B 898 -27.86 1.84 23.07
C ASP B 898 -27.18 2.16 24.39
N ASN B 899 -26.09 2.94 24.36
CA ASN B 899 -25.53 3.44 25.60
C ASN B 899 -26.48 4.42 26.28
N LEU B 900 -27.10 5.32 25.52
CA LEU B 900 -28.08 6.23 26.10
C LEU B 900 -29.44 5.59 26.34
N THR B 901 -29.67 4.38 25.86
CA THR B 901 -30.82 3.58 26.27
C THR B 901 -30.36 2.31 26.98
N LYS B 902 -29.34 2.44 27.83
CA LYS B 902 -28.89 1.34 28.67
C LYS B 902 -29.47 1.39 30.08
N ALA B 903 -29.87 2.57 30.56
CA ALA B 903 -30.48 2.68 31.88
C ALA B 903 -31.95 2.32 31.89
N GLU B 904 -32.61 2.31 30.72
CA GLU B 904 -34.04 1.99 30.68
C GLU B 904 -34.27 0.49 30.86
N ARG B 905 -33.25 -0.32 30.61
CA ARG B 905 -33.28 -1.76 30.89
C ARG B 905 -32.60 -2.12 32.20
N GLY B 906 -32.74 -1.31 33.24
CA GLY B 906 -32.12 -1.60 34.51
C GLY B 906 -30.76 -0.95 34.69
N GLY B 907 -29.79 -1.34 33.88
CA GLY B 907 -28.47 -0.77 33.98
C GLY B 907 -27.44 -1.69 33.35
N LEU B 908 -26.20 -1.52 33.79
CA LEU B 908 -25.08 -2.31 33.27
C LEU B 908 -25.19 -3.74 33.75
N SER B 909 -25.35 -4.67 32.81
CA SER B 909 -25.45 -6.09 33.14
C SER B 909 -24.05 -6.66 33.37
N GLU B 910 -24.00 -7.95 33.70
CA GLU B 910 -22.72 -8.64 33.76
C GLU B 910 -22.10 -8.77 32.38
N LEU B 911 -22.93 -9.05 31.36
CA LEU B 911 -22.44 -9.11 29.99
C LEU B 911 -22.00 -7.74 29.50
N ASP B 912 -22.60 -6.66 30.04
CA ASP B 912 -22.24 -5.32 29.59
C ASP B 912 -20.84 -4.94 30.07
N LYS B 913 -20.58 -5.06 31.37
CA LYS B 913 -19.22 -4.84 31.87
C LYS B 913 -18.23 -5.89 31.37
N ALA B 914 -18.71 -7.09 31.06
CA ALA B 914 -17.87 -8.06 30.37
C ALA B 914 -17.44 -7.55 29.00
N GLY B 915 -18.35 -6.86 28.31
CA GLY B 915 -17.97 -6.20 27.07
C GLY B 915 -16.99 -5.06 27.29
N PHE B 916 -17.20 -4.28 28.36
CA PHE B 916 -16.31 -3.15 28.61
C PHE B 916 -14.91 -3.59 29.04
N ILE B 917 -14.76 -4.81 29.56
CA ILE B 917 -13.41 -5.29 29.87
C ILE B 917 -12.85 -6.14 28.73
N LYS B 918 -13.69 -6.71 27.85
CA LYS B 918 -13.15 -7.33 26.65
C LYS B 918 -12.63 -6.29 25.66
N ARG B 919 -13.24 -5.10 25.63
CA ARG B 919 -12.85 -4.11 24.64
C ARG B 919 -11.64 -3.29 25.04
N GLN B 920 -10.89 -3.73 26.05
CA GLN B 920 -9.65 -3.08 26.44
C GLN B 920 -8.54 -4.09 26.69
N LEU B 921 -8.87 -5.36 26.81
CA LEU B 921 -7.91 -6.31 27.33
C LEU B 921 -7.53 -7.36 26.29
N VAL B 922 -8.51 -7.95 25.60
CA VAL B 922 -8.22 -8.93 24.57
C VAL B 922 -8.00 -8.19 23.26
N GLU B 923 -7.38 -8.86 22.31
CA GLU B 923 -6.97 -8.21 21.08
C GLU B 923 -7.42 -9.07 19.90
N THR B 924 -7.96 -8.43 18.86
CA THR B 924 -8.68 -9.14 17.82
C THR B 924 -7.88 -9.44 16.55
N ARG B 925 -6.79 -8.73 16.28
CA ARG B 925 -6.04 -9.00 15.06
C ARG B 925 -5.25 -10.30 15.24
N GLN B 926 -5.13 -11.07 14.17
CA GLN B 926 -4.61 -12.43 14.29
C GLN B 926 -3.10 -12.44 14.47
N ILE B 927 -2.42 -11.43 13.93
CA ILE B 927 -0.98 -11.50 13.80
C ILE B 927 -0.30 -11.30 15.14
N THR B 928 -0.95 -10.58 16.06
CA THR B 928 -0.40 -10.44 17.40
C THR B 928 -0.49 -11.76 18.16
N LYS B 929 -1.61 -12.47 18.00
CA LYS B 929 -1.74 -13.81 18.56
C LYS B 929 -0.72 -14.77 17.97
N HIS B 930 -0.40 -14.60 16.68
CA HIS B 930 0.59 -15.48 16.09
C HIS B 930 2.02 -15.15 16.54
N VAL B 931 2.32 -13.88 16.81
CA VAL B 931 3.63 -13.55 17.37
C VAL B 931 3.75 -14.11 18.77
N ALA B 932 2.67 -14.02 19.55
CA ALA B 932 2.67 -14.63 20.87
C ALA B 932 2.81 -16.15 20.78
N GLN B 933 2.24 -16.74 19.74
CA GLN B 933 2.37 -18.18 19.51
C GLN B 933 3.80 -18.55 19.20
N ILE B 934 4.48 -17.74 18.38
CA ILE B 934 5.90 -17.96 18.07
C ILE B 934 6.73 -17.88 19.33
N LEU B 935 6.51 -16.85 20.13
CA LEU B 935 7.40 -16.65 21.27
C LEU B 935 7.14 -17.62 22.42
N ASP B 936 5.90 -18.05 22.66
CA ASP B 936 5.74 -19.03 23.73
C ASP B 936 5.98 -20.45 23.23
N SER B 937 6.00 -20.65 21.91
CA SER B 937 6.42 -21.94 21.39
C SER B 937 7.94 -22.04 21.31
N ARG B 938 8.65 -20.92 21.28
CA ARG B 938 10.10 -21.02 21.28
C ARG B 938 10.70 -20.89 22.67
N MET B 939 10.03 -20.17 23.58
CA MET B 939 10.61 -19.96 24.90
C MET B 939 10.12 -20.97 25.94
N ASN B 940 8.88 -21.44 25.81
CA ASN B 940 8.37 -22.50 26.68
C ASN B 940 8.45 -23.79 25.89
N THR B 941 9.44 -24.62 26.19
CA THR B 941 9.71 -25.81 25.40
C THR B 941 9.80 -27.09 26.21
N LYS B 942 9.90 -27.02 27.53
CA LYS B 942 10.06 -28.21 28.35
C LYS B 942 8.70 -28.88 28.51
N TYR B 943 8.56 -30.10 28.00
CA TYR B 943 7.42 -30.90 28.40
C TYR B 943 7.72 -31.60 29.72
N ASP B 944 6.70 -32.24 30.27
CA ASP B 944 6.81 -32.92 31.55
C ASP B 944 6.39 -34.38 31.37
N GLU B 945 6.20 -35.06 32.51
CA GLU B 945 5.72 -36.43 32.48
C GLU B 945 4.30 -36.55 31.95
N ASN B 946 3.51 -35.48 32.05
CA ASN B 946 2.17 -35.44 31.48
C ASN B 946 2.24 -34.87 30.06
N ASP B 947 1.08 -34.53 29.50
CA ASP B 947 0.98 -34.02 28.14
C ASP B 947 0.84 -32.50 28.10
N LYS B 948 1.41 -31.80 29.06
CA LYS B 948 1.23 -30.36 29.16
C LYS B 948 2.58 -29.63 29.16
N LEU B 949 2.67 -28.61 28.32
CA LEU B 949 3.82 -27.72 28.34
C LEU B 949 3.83 -26.89 29.61
N ILE B 950 4.91 -26.96 30.38
CA ILE B 950 5.00 -26.10 31.56
C ILE B 950 5.28 -24.68 31.07
N ARG B 951 4.21 -23.89 30.99
CA ARG B 951 4.27 -22.56 30.37
C ARG B 951 4.92 -21.61 31.37
N GLU B 952 6.26 -21.66 31.40
CA GLU B 952 7.03 -20.87 32.34
C GLU B 952 6.98 -19.39 31.98
N VAL B 953 7.21 -19.06 30.72
CA VAL B 953 7.32 -17.67 30.28
C VAL B 953 5.98 -17.30 29.67
N LYS B 954 5.16 -16.58 30.42
CA LYS B 954 3.83 -16.20 29.96
C LYS B 954 3.94 -15.09 28.93
N VAL B 955 3.87 -15.43 27.66
CA VAL B 955 3.91 -14.41 26.61
C VAL B 955 2.55 -13.75 26.57
N ILE B 956 2.51 -12.47 26.89
CA ILE B 956 1.30 -11.77 27.24
C ILE B 956 1.10 -10.60 26.28
N THR B 957 -0.16 -10.29 25.97
CA THR B 957 -0.50 -9.39 24.89
C THR B 957 -1.18 -8.14 25.42
N LEU B 958 -0.60 -6.98 25.15
CA LEU B 958 -1.24 -5.70 25.39
C LEU B 958 -2.02 -5.25 24.16
N LYS B 959 -2.93 -4.32 24.38
CA LYS B 959 -3.33 -3.45 23.30
C LYS B 959 -2.46 -2.19 23.32
N SER B 960 -2.77 -1.28 22.42
CA SER B 960 -2.02 -0.03 22.39
C SER B 960 -2.61 1.01 23.33
N LYS B 961 -3.92 0.91 23.60
CA LYS B 961 -4.57 1.94 24.41
C LYS B 961 -4.13 1.90 25.87
N LEU B 962 -3.65 0.74 26.35
CA LEU B 962 -3.19 0.67 27.73
C LEU B 962 -1.90 1.46 27.93
N VAL B 963 -0.93 1.26 27.05
CA VAL B 963 0.28 2.08 27.15
C VAL B 963 -0.02 3.51 26.71
N SER B 964 -1.03 3.70 25.87
CA SER B 964 -1.39 5.05 25.45
C SER B 964 -1.98 5.89 26.58
N ASP B 965 -2.86 5.33 27.41
CA ASP B 965 -3.35 6.18 28.49
C ASP B 965 -2.47 6.14 29.73
N PHE B 966 -1.62 5.11 29.88
CA PHE B 966 -0.55 5.23 30.86
C PHE B 966 0.43 6.31 30.45
N ARG B 967 0.56 6.55 29.17
CA ARG B 967 1.43 7.57 28.65
C ARG B 967 0.83 8.96 28.83
N LYS B 968 -0.42 9.13 28.40
CA LYS B 968 -1.04 10.45 28.43
C LYS B 968 -1.50 10.85 29.83
N ASP B 969 -2.13 9.93 30.57
CA ASP B 969 -2.78 10.30 31.82
C ASP B 969 -1.76 10.63 32.91
N PHE B 970 -0.66 9.89 32.95
CA PHE B 970 0.35 10.14 33.95
C PHE B 970 1.51 10.94 33.41
N GLN B 971 1.31 11.58 32.25
CA GLN B 971 2.21 12.56 31.66
C GLN B 971 3.58 11.95 31.36
N PHE B 972 3.57 10.80 30.71
CA PHE B 972 4.79 10.24 30.14
C PHE B 972 4.86 10.52 28.64
N TYR B 973 4.79 11.81 28.32
CA TYR B 973 4.42 12.28 26.99
C TYR B 973 5.41 11.88 25.91
N LYS B 974 4.89 11.51 24.76
CA LYS B 974 5.67 11.00 23.64
C LYS B 974 5.73 12.04 22.55
N VAL B 975 6.94 12.39 22.14
CA VAL B 975 7.15 13.20 20.96
C VAL B 975 8.08 12.41 20.05
N ARG B 976 7.58 12.04 18.88
CA ARG B 976 8.37 11.23 17.96
C ARG B 976 9.57 12.00 17.44
N GLU B 977 9.43 13.29 17.26
CA GLU B 977 10.39 14.05 16.49
C GLU B 977 11.66 14.39 17.25
N ILE B 978 11.72 14.11 18.55
CA ILE B 978 12.90 14.48 19.33
C ILE B 978 14.05 13.52 19.04
N ASN B 979 13.81 12.24 19.26
CA ASN B 979 14.85 11.23 19.12
C ASN B 979 14.19 9.88 18.92
N ASN B 980 15.00 8.88 18.57
CA ASN B 980 14.49 7.54 18.36
C ASN B 980 14.41 6.74 19.64
N TYR B 981 14.52 7.38 20.80
CA TYR B 981 14.37 6.64 22.04
C TYR B 981 12.93 6.26 22.32
N HIS B 982 11.96 6.82 21.60
CA HIS B 982 10.57 6.57 21.97
C HIS B 982 10.12 5.16 21.66
N HIS B 983 10.82 4.46 20.76
CA HIS B 983 10.59 3.02 20.59
C HIS B 983 10.91 2.28 21.88
N ALA B 984 12.07 2.58 22.47
CA ALA B 984 12.48 1.90 23.68
C ALA B 984 11.68 2.33 24.89
N HIS B 985 11.28 3.59 24.96
CA HIS B 985 10.45 3.99 26.07
C HIS B 985 9.05 3.43 25.92
N ASP B 986 8.58 3.21 24.69
CA ASP B 986 7.32 2.54 24.52
C ASP B 986 7.44 1.07 24.91
N ALA B 987 8.61 0.48 24.68
CA ALA B 987 8.83 -0.90 25.12
C ALA B 987 8.86 -0.98 26.64
N TYR B 988 9.47 0.00 27.28
CA TYR B 988 9.50 0.02 28.73
C TYR B 988 8.11 0.19 29.33
N LEU B 989 7.29 1.04 28.72
CA LEU B 989 5.94 1.17 29.25
C LEU B 989 5.09 -0.05 28.94
N ASN B 990 5.40 -0.75 27.84
CA ASN B 990 4.81 -2.06 27.60
C ASN B 990 5.14 -3.02 28.72
N ALA B 991 6.40 -3.05 29.14
CA ALA B 991 6.82 -3.95 30.20
C ALA B 991 6.18 -3.60 31.54
N VAL B 992 6.06 -2.30 31.82
CA VAL B 992 5.48 -1.86 33.08
C VAL B 992 4.01 -2.20 33.15
N VAL B 993 3.24 -1.83 32.12
CA VAL B 993 1.81 -2.10 32.12
C VAL B 993 1.53 -3.60 32.07
N GLY B 994 2.35 -4.37 31.35
CA GLY B 994 2.12 -5.79 31.27
C GLY B 994 2.41 -6.53 32.57
N THR B 995 3.55 -6.26 33.19
CA THR B 995 3.86 -6.96 34.43
C THR B 995 3.00 -6.47 35.59
N ALA B 996 2.61 -5.19 35.59
CA ALA B 996 1.72 -4.72 36.62
C ALA B 996 0.33 -5.32 36.46
N LEU B 997 -0.14 -5.48 35.22
CA LEU B 997 -1.44 -6.13 35.04
C LEU B 997 -1.37 -7.63 35.31
N ILE B 998 -0.22 -8.26 35.14
CA ILE B 998 -0.18 -9.69 35.44
C ILE B 998 0.06 -9.94 36.92
N LYS B 999 0.62 -8.98 37.66
CA LYS B 999 0.69 -9.16 39.10
C LYS B 999 -0.62 -8.78 39.78
N LYS B 1000 -1.22 -7.66 39.38
CA LYS B 1000 -2.46 -7.24 40.03
C LYS B 1000 -3.63 -8.09 39.57
N TYR B 1001 -3.67 -8.49 38.31
CA TYR B 1001 -4.76 -9.30 37.77
C TYR B 1001 -4.23 -10.61 37.20
N PRO B 1002 -3.89 -11.59 38.04
CA PRO B 1002 -3.62 -12.93 37.49
C PRO B 1002 -4.90 -13.68 37.14
N LYS B 1003 -6.04 -13.19 37.61
CA LYS B 1003 -7.32 -13.84 37.37
C LYS B 1003 -7.81 -13.66 35.94
N LEU B 1004 -7.19 -12.78 35.17
CA LEU B 1004 -7.58 -12.51 33.78
C LEU B 1004 -6.54 -12.99 32.78
N GLU B 1005 -5.62 -13.84 33.20
CA GLU B 1005 -4.61 -14.39 32.30
C GLU B 1005 -5.20 -15.30 31.24
N SER B 1006 -6.43 -15.77 31.41
CA SER B 1006 -7.13 -16.56 30.41
C SER B 1006 -7.76 -15.71 29.32
N GLU B 1007 -7.45 -14.42 29.27
CA GLU B 1007 -7.95 -13.53 28.23
C GLU B 1007 -6.85 -12.87 27.41
N PHE B 1008 -5.66 -12.65 27.98
CA PHE B 1008 -4.64 -11.93 27.23
C PHE B 1008 -3.24 -12.48 27.45
N VAL B 1009 -3.12 -13.77 27.75
CA VAL B 1009 -1.87 -14.53 27.63
C VAL B 1009 -2.17 -15.70 26.71
N TYR B 1010 -1.24 -16.04 25.82
CA TYR B 1010 -1.51 -17.13 24.90
C TYR B 1010 -1.35 -18.47 25.61
N GLY B 1011 -2.29 -19.37 25.34
CA GLY B 1011 -2.35 -20.65 26.00
C GLY B 1011 -3.78 -21.10 26.04
N ASP B 1012 -4.03 -22.19 26.77
CA ASP B 1012 -5.38 -22.66 27.05
C ASP B 1012 -5.55 -22.73 28.56
N TYR B 1013 -5.91 -21.59 29.15
CA TYR B 1013 -6.11 -21.47 30.58
C TYR B 1013 -7.57 -21.74 30.92
N LYS B 1014 -7.99 -21.40 32.13
CA LYS B 1014 -9.29 -21.80 32.66
C LYS B 1014 -10.43 -21.08 31.95
N VAL B 1015 -11.61 -21.72 32.01
CA VAL B 1015 -12.82 -21.22 31.38
C VAL B 1015 -13.64 -20.38 32.38
N TYR B 1016 -13.05 -20.09 33.54
CA TYR B 1016 -13.70 -19.28 34.58
C TYR B 1016 -13.80 -17.84 34.08
N ASP B 1017 -14.99 -17.46 33.63
CA ASP B 1017 -15.20 -16.17 32.97
C ASP B 1017 -15.29 -15.07 34.02
N VAL B 1018 -15.76 -13.90 33.59
CA VAL B 1018 -15.80 -12.72 34.43
C VAL B 1018 -17.15 -12.53 35.09
N ARG B 1019 -17.95 -13.61 35.19
CA ARG B 1019 -19.22 -13.54 35.90
C ARG B 1019 -19.03 -13.39 37.40
N LYS B 1020 -17.87 -13.80 37.92
CA LYS B 1020 -17.62 -13.77 39.35
C LYS B 1020 -16.55 -12.79 39.78
N MET B 1021 -15.81 -12.20 38.85
CA MET B 1021 -14.77 -11.26 39.24
C MET B 1021 -15.15 -9.81 39.04
N ILE B 1022 -16.39 -9.52 38.65
CA ILE B 1022 -16.98 -8.20 38.80
C ILE B 1022 -18.14 -8.31 39.77
N ALA B 1023 -18.36 -7.27 40.56
CA ALA B 1023 -19.45 -7.31 41.52
C ALA B 1023 -20.78 -7.06 40.81
N LYS B 1024 -21.86 -7.64 41.35
CA LYS B 1024 -23.20 -7.34 40.88
C LYS B 1024 -23.78 -6.09 41.53
N SER B 1025 -23.02 -5.46 42.40
CA SER B 1025 -23.44 -4.27 43.16
C SER B 1025 -22.18 -3.46 43.41
N GLU B 1026 -22.22 -2.58 44.40
CA GLU B 1026 -21.12 -1.68 44.67
C GLU B 1026 -19.96 -2.42 45.38
N GLN B 1027 -19.07 -1.63 45.98
CA GLN B 1027 -17.75 -2.08 46.43
C GLN B 1027 -17.82 -3.20 47.46
N GLU B 1028 -16.95 -4.20 47.29
CA GLU B 1028 -16.98 -5.42 48.08
C GLU B 1028 -16.20 -5.24 49.37
N ILE B 1029 -15.98 -6.35 50.09
CA ILE B 1029 -15.30 -6.31 51.37
C ILE B 1029 -13.79 -6.34 51.16
N GLY B 1030 -13.06 -5.80 52.14
CA GLY B 1030 -11.63 -5.62 51.98
C GLY B 1030 -10.87 -6.94 52.13
N LYS B 1031 -9.95 -7.19 51.20
CA LYS B 1031 -8.97 -8.28 51.22
C LYS B 1031 -9.59 -9.67 51.14
N ALA B 1032 -10.90 -9.76 50.89
CA ALA B 1032 -11.57 -11.04 50.65
C ALA B 1032 -12.54 -10.91 49.49
N THR B 1033 -12.38 -9.87 48.68
CA THR B 1033 -13.29 -9.59 47.56
C THR B 1033 -13.05 -10.61 46.46
N ALA B 1034 -14.08 -11.41 46.16
CA ALA B 1034 -13.99 -12.30 45.00
C ALA B 1034 -14.00 -11.52 43.71
N LYS B 1035 -14.58 -10.33 43.70
CA LYS B 1035 -14.57 -9.47 42.53
C LYS B 1035 -13.23 -8.77 42.39
N TYR B 1036 -12.89 -8.42 41.15
CA TYR B 1036 -11.65 -7.71 40.87
C TYR B 1036 -11.83 -6.22 41.09
N PHE B 1037 -12.72 -5.61 40.30
CA PHE B 1037 -13.08 -4.21 40.46
C PHE B 1037 -14.43 -4.00 39.79
N PHE B 1038 -15.34 -3.34 40.50
CA PHE B 1038 -16.64 -3.03 39.91
C PHE B 1038 -16.53 -1.90 38.90
N TYR B 1039 -15.65 -0.94 39.15
CA TYR B 1039 -15.32 0.06 38.13
C TYR B 1039 -14.63 -0.65 36.98
N SER B 1040 -15.35 -0.79 35.88
CA SER B 1040 -14.99 -1.69 34.78
C SER B 1040 -13.76 -1.23 34.00
N ASN B 1041 -13.23 -0.05 34.27
CA ASN B 1041 -11.93 0.31 33.73
C ASN B 1041 -10.87 -0.53 34.40
N ILE B 1042 -9.93 -1.01 33.59
CA ILE B 1042 -8.84 -1.87 34.02
C ILE B 1042 -7.65 -1.05 34.48
N MET B 1043 -7.52 0.17 33.97
CA MET B 1043 -6.33 0.98 34.14
C MET B 1043 -6.37 1.82 35.42
N ASN B 1044 -7.39 1.62 36.28
CA ASN B 1044 -7.61 2.54 37.40
C ASN B 1044 -6.53 2.45 38.46
N PHE B 1045 -6.00 1.26 38.71
CA PHE B 1045 -5.18 1.08 39.91
C PHE B 1045 -3.82 1.75 39.85
N PHE B 1046 -3.45 2.30 38.70
CA PHE B 1046 -2.28 3.16 38.64
C PHE B 1046 -2.53 4.54 39.23
N LYS B 1047 -3.79 4.94 39.38
CA LYS B 1047 -4.13 6.32 39.71
C LYS B 1047 -4.01 6.58 41.21
N THR B 1048 -4.23 7.84 41.61
CA THR B 1048 -4.66 8.17 42.96
C THR B 1048 -6.11 8.65 42.96
N GLU B 1049 -6.41 9.71 42.22
CA GLU B 1049 -7.80 10.14 42.10
C GLU B 1049 -8.52 9.24 41.11
N ILE B 1050 -9.77 8.96 41.38
CA ILE B 1050 -10.66 8.34 40.40
C ILE B 1050 -11.80 9.33 40.25
N THR B 1051 -11.67 10.24 39.31
CA THR B 1051 -12.70 11.25 39.08
C THR B 1051 -13.86 10.59 38.36
N LEU B 1052 -15.01 10.52 39.02
CA LEU B 1052 -16.17 9.89 38.45
C LEU B 1052 -16.89 10.86 37.52
N ALA B 1053 -18.08 10.48 37.08
CA ALA B 1053 -18.96 11.42 36.39
C ALA B 1053 -19.82 12.22 37.36
N ASN B 1054 -19.49 12.20 38.65
CA ASN B 1054 -20.21 12.93 39.68
C ASN B 1054 -19.25 13.74 40.55
N GLY B 1055 -18.06 14.02 40.02
CA GLY B 1055 -17.11 14.88 40.69
C GLY B 1055 -16.37 14.28 41.86
N GLU B 1056 -16.70 13.07 42.27
CA GLU B 1056 -16.09 12.49 43.46
C GLU B 1056 -14.67 12.02 43.17
N ILE B 1057 -13.83 12.05 44.19
CA ILE B 1057 -12.52 11.43 44.16
C ILE B 1057 -12.66 10.16 45.00
N ARG B 1058 -12.99 9.06 44.34
CA ARG B 1058 -13.07 7.76 45.02
C ARG B 1058 -11.66 7.18 45.03
N LYS B 1059 -10.86 7.70 45.97
CA LYS B 1059 -9.43 7.44 45.99
C LYS B 1059 -9.13 5.99 46.34
N ARG B 1060 -8.27 5.38 45.55
CA ARG B 1060 -7.73 4.05 45.76
C ARG B 1060 -6.50 4.14 46.66
N PRO B 1061 -6.08 3.03 47.31
CA PRO B 1061 -4.93 3.10 48.23
C PRO B 1061 -3.64 3.51 47.54
N LEU B 1062 -2.72 4.03 48.37
CA LEU B 1062 -1.47 4.56 47.86
C LEU B 1062 -0.61 3.42 47.32
N ILE B 1063 -0.18 2.52 48.19
CA ILE B 1063 0.61 1.37 47.75
C ILE B 1063 -0.38 0.27 47.37
N GLU B 1064 -0.48 -0.01 46.08
CA GLU B 1064 -1.34 -1.09 45.61
C GLU B 1064 -0.77 -2.44 46.04
N THR B 1065 -1.67 -3.38 46.28
CA THR B 1065 -1.33 -4.76 46.60
C THR B 1065 -2.16 -5.68 45.74
N ASN B 1066 -1.82 -6.96 45.76
CA ASN B 1066 -2.62 -7.99 45.12
C ASN B 1066 -3.62 -8.54 46.13
N GLY B 1067 -4.78 -8.96 45.63
CA GLY B 1067 -5.80 -9.52 46.48
C GLY B 1067 -5.57 -10.97 46.82
N GLU B 1068 -5.20 -11.76 45.81
CA GLU B 1068 -5.08 -13.20 45.97
C GLU B 1068 -3.84 -13.61 46.76
N THR B 1069 -2.84 -12.75 46.88
CA THR B 1069 -1.63 -13.14 47.59
C THR B 1069 -1.08 -12.07 48.52
N GLY B 1070 -1.60 -10.84 48.47
CA GLY B 1070 -1.10 -9.81 49.37
C GLY B 1070 0.25 -9.24 49.01
N GLU B 1071 0.70 -9.41 47.77
CA GLU B 1071 1.96 -8.85 47.32
C GLU B 1071 1.72 -7.50 46.67
N ILE B 1072 2.66 -6.58 46.86
CA ILE B 1072 2.55 -5.25 46.27
C ILE B 1072 2.75 -5.35 44.77
N VAL B 1073 1.87 -4.69 44.02
CA VAL B 1073 2.01 -4.65 42.57
C VAL B 1073 2.44 -3.27 42.09
N TRP B 1074 2.19 -2.22 42.87
CA TRP B 1074 2.38 -0.88 42.33
C TRP B 1074 2.56 0.09 43.50
N ASP B 1075 3.78 0.58 43.67
CA ASP B 1075 4.14 1.50 44.74
C ASP B 1075 4.07 2.92 44.18
N LYS B 1076 2.92 3.57 44.37
CA LYS B 1076 2.61 4.84 43.73
C LYS B 1076 3.60 5.94 44.09
N GLY B 1077 4.23 5.86 45.26
CA GLY B 1077 5.17 6.87 45.65
C GLY B 1077 6.50 6.80 44.92
N ARG B 1078 6.94 5.60 44.55
CA ARG B 1078 8.25 5.45 43.92
C ARG B 1078 8.22 4.76 42.56
N ASP B 1079 7.16 4.04 42.20
CA ASP B 1079 7.12 3.41 40.88
C ASP B 1079 6.96 4.44 39.77
N PHE B 1080 6.18 5.50 40.01
CA PHE B 1080 6.18 6.57 39.03
C PHE B 1080 7.47 7.36 39.07
N ALA B 1081 8.13 7.43 40.23
CA ALA B 1081 9.48 7.97 40.26
C ALA B 1081 10.44 7.09 39.47
N THR B 1082 10.28 5.77 39.57
CA THR B 1082 11.14 4.85 38.84
C THR B 1082 10.91 4.92 37.34
N VAL B 1083 9.64 4.96 36.92
CA VAL B 1083 9.31 5.02 35.49
C VAL B 1083 9.72 6.35 34.89
N ARG B 1084 9.49 7.46 35.59
CA ARG B 1084 9.91 8.74 35.06
C ARG B 1084 11.42 8.92 35.15
N LYS B 1085 12.10 8.13 35.98
CA LYS B 1085 13.55 8.16 35.91
C LYS B 1085 14.06 7.30 34.75
N VAL B 1086 13.36 6.21 34.44
CA VAL B 1086 13.75 5.35 33.31
C VAL B 1086 13.51 6.07 32.00
N LEU B 1087 12.44 6.84 31.90
CA LEU B 1087 12.24 7.63 30.70
C LEU B 1087 13.14 8.87 30.63
N SER B 1088 14.06 9.03 31.57
CA SER B 1088 15.16 9.99 31.47
C SER B 1088 16.52 9.31 31.46
N MET B 1089 16.60 8.09 30.94
CA MET B 1089 17.90 7.50 30.66
C MET B 1089 18.59 8.31 29.57
N PRO B 1090 19.82 8.74 29.77
CA PRO B 1090 20.56 9.34 28.66
C PRO B 1090 21.21 8.33 27.75
N GLN B 1091 21.32 7.07 28.14
CA GLN B 1091 22.00 6.05 27.33
C GLN B 1091 20.99 4.95 27.03
N VAL B 1092 20.51 4.91 25.81
CA VAL B 1092 19.51 3.94 25.38
C VAL B 1092 19.98 3.33 24.07
N ASN B 1093 19.98 2.00 24.01
CA ASN B 1093 20.71 1.26 22.99
C ASN B 1093 19.98 1.33 21.65
N ILE B 1094 20.27 2.38 20.89
CA ILE B 1094 19.73 2.53 19.55
C ILE B 1094 20.71 1.95 18.55
N VAL B 1095 20.23 0.97 17.78
CA VAL B 1095 21.05 0.23 16.83
C VAL B 1095 20.41 0.36 15.47
N LYS B 1096 21.19 0.80 14.50
CA LYS B 1096 20.77 0.76 13.12
C LYS B 1096 21.34 -0.51 12.53
N LYS B 1097 20.47 -1.37 12.03
CA LYS B 1097 20.86 -2.71 11.60
C LYS B 1097 21.71 -2.61 10.34
N THR B 1098 22.97 -3.01 10.43
CA THR B 1098 23.87 -2.85 9.30
C THR B 1098 23.58 -3.91 8.26
N GLU B 1099 22.73 -3.61 7.28
CA GLU B 1099 22.43 -4.61 6.26
C GLU B 1099 23.24 -4.30 5.02
N VAL B 1100 23.55 -5.34 4.25
CA VAL B 1100 24.19 -5.17 2.95
C VAL B 1100 23.09 -4.89 1.93
N GLN B 1101 23.28 -3.86 1.12
CA GLN B 1101 22.24 -3.44 0.18
C GLN B 1101 22.08 -4.46 -0.95
N THR B 1102 20.96 -5.15 -0.92
CA THR B 1102 20.55 -6.05 -1.99
C THR B 1102 19.44 -5.40 -2.81
N GLY B 1103 19.60 -5.43 -4.12
CA GLY B 1103 18.66 -4.75 -4.98
C GLY B 1103 19.25 -4.59 -6.37
N GLY B 1104 18.76 -3.57 -7.05
CA GLY B 1104 19.15 -3.34 -8.42
C GLY B 1104 20.61 -2.95 -8.55
N PHE B 1105 21.13 -3.17 -9.75
CA PHE B 1105 22.52 -2.90 -10.02
C PHE B 1105 22.82 -1.41 -10.03
N SER B 1106 21.86 -0.60 -10.40
CA SER B 1106 22.07 0.83 -10.57
C SER B 1106 20.72 1.51 -10.66
N LYS B 1107 20.74 2.81 -10.90
CA LYS B 1107 19.58 3.47 -11.41
C LYS B 1107 19.33 2.97 -12.83
N GLU B 1108 18.06 2.86 -13.23
CA GLU B 1108 17.80 2.24 -14.52
C GLU B 1108 17.31 3.18 -15.60
N SER B 1109 17.43 4.48 -15.43
CA SER B 1109 17.22 5.37 -16.56
C SER B 1109 18.45 5.28 -17.45
N ILE B 1110 18.27 4.82 -18.68
CA ILE B 1110 19.40 4.66 -19.58
C ILE B 1110 19.80 6.03 -20.11
N LEU B 1111 20.96 6.53 -19.67
CA LEU B 1111 21.40 7.87 -19.92
C LEU B 1111 22.30 7.94 -21.13
N PRO B 1112 22.17 8.96 -21.99
CA PRO B 1112 22.72 8.89 -23.34
C PRO B 1112 24.24 9.01 -23.39
N LYS B 1113 24.75 9.08 -24.62
CA LYS B 1113 26.17 8.96 -24.89
C LYS B 1113 26.94 10.12 -24.30
N ARG B 1114 27.61 9.86 -23.19
CA ARG B 1114 28.33 10.90 -22.48
C ARG B 1114 29.75 10.40 -22.24
N ASN B 1115 30.69 11.34 -22.16
CA ASN B 1115 32.11 11.03 -22.07
C ASN B 1115 32.58 10.83 -20.62
N SER B 1116 31.68 10.46 -19.71
CA SER B 1116 32.06 10.31 -18.32
C SER B 1116 32.53 8.89 -18.02
N ASP B 1117 33.12 8.72 -16.84
CA ASP B 1117 33.49 7.40 -16.37
C ASP B 1117 32.41 6.80 -15.49
N LYS B 1118 31.46 7.62 -15.04
CA LYS B 1118 30.52 7.21 -14.00
C LYS B 1118 29.49 6.23 -14.54
N LEU B 1119 29.36 6.14 -15.85
CA LEU B 1119 28.30 5.32 -16.43
C LEU B 1119 28.65 3.85 -16.38
N ILE B 1120 27.63 3.01 -16.46
CA ILE B 1120 27.76 1.58 -16.47
C ILE B 1120 27.47 1.08 -17.87
N ALA B 1121 28.34 0.22 -18.39
CA ALA B 1121 28.11 -0.38 -19.69
C ALA B 1121 26.91 -1.31 -19.65
N ARG B 1122 26.08 -1.24 -20.68
CA ARG B 1122 24.89 -2.08 -20.72
C ARG B 1122 25.18 -3.50 -21.18
N LYS B 1123 26.29 -3.72 -21.86
CA LYS B 1123 26.84 -5.04 -22.13
C LYS B 1123 28.34 -4.93 -21.97
N LYS B 1124 29.05 -6.05 -22.06
CA LYS B 1124 30.49 -5.94 -21.84
C LYS B 1124 31.23 -5.32 -23.00
N ASP B 1125 30.62 -5.23 -24.18
CA ASP B 1125 31.29 -4.67 -25.34
C ASP B 1125 30.68 -3.35 -25.77
N TRP B 1126 29.91 -2.70 -24.92
CA TRP B 1126 29.23 -1.45 -25.24
C TRP B 1126 29.75 -0.38 -24.30
N ASP B 1127 30.86 0.25 -24.67
CA ASP B 1127 31.55 1.24 -23.86
C ASP B 1127 30.68 2.49 -23.75
N PRO B 1128 30.34 2.96 -22.54
CA PRO B 1128 29.41 4.09 -22.41
C PRO B 1128 29.91 5.41 -22.93
N LYS B 1129 31.17 5.53 -23.32
CA LYS B 1129 31.62 6.74 -24.00
C LYS B 1129 31.09 6.83 -25.40
N LYS B 1130 30.55 5.74 -25.95
CA LYS B 1130 30.00 5.74 -27.28
C LYS B 1130 28.57 5.21 -27.36
N TYR B 1131 28.10 4.47 -26.36
CA TYR B 1131 26.76 3.91 -26.38
C TYR B 1131 25.88 4.34 -25.24
N GLY B 1132 26.45 4.91 -24.18
CA GLY B 1132 25.63 5.28 -23.06
C GLY B 1132 25.24 4.07 -22.26
N GLY B 1133 24.63 4.31 -21.10
CA GLY B 1133 24.31 3.20 -20.24
C GLY B 1133 23.74 3.70 -18.95
N PHE B 1134 23.67 2.80 -17.98
CA PHE B 1134 23.09 3.13 -16.70
C PHE B 1134 24.06 3.98 -15.90
N ASP B 1135 23.55 4.53 -14.80
CA ASP B 1135 24.38 5.37 -13.94
C ASP B 1135 24.03 5.08 -12.49
N SER B 1136 24.94 5.50 -11.59
CA SER B 1136 24.86 5.40 -10.14
C SER B 1136 24.74 3.96 -9.66
N PRO B 1137 25.82 3.17 -9.71
CA PRO B 1137 25.75 1.82 -9.16
C PRO B 1137 25.55 1.83 -7.65
N THR B 1138 24.65 0.99 -7.18
CA THR B 1138 24.42 0.86 -5.75
C THR B 1138 25.55 0.06 -5.13
N VAL B 1139 26.25 0.64 -4.16
CA VAL B 1139 27.28 -0.11 -3.46
C VAL B 1139 26.61 -1.05 -2.46
N ALA B 1140 26.93 -2.34 -2.55
CA ALA B 1140 26.39 -3.29 -1.61
C ALA B 1140 27.04 -3.13 -0.25
N TYR B 1141 28.37 -3.08 -0.23
CA TYR B 1141 29.08 -2.76 0.99
C TYR B 1141 30.39 -2.09 0.64
N SER B 1142 30.74 -1.07 1.40
CA SER B 1142 31.97 -0.31 1.18
C SER B 1142 33.09 -0.99 1.95
N VAL B 1143 33.90 -1.78 1.27
CA VAL B 1143 34.94 -2.53 1.94
C VAL B 1143 36.13 -1.61 2.18
N LEU B 1144 37.09 -2.03 2.98
CA LEU B 1144 38.27 -1.23 3.29
C LEU B 1144 39.51 -1.87 2.69
N VAL B 1145 40.40 -1.05 2.16
CA VAL B 1145 41.64 -1.53 1.57
C VAL B 1145 42.79 -0.82 2.25
N VAL B 1146 43.72 -1.59 2.83
CA VAL B 1146 44.98 -1.05 3.34
C VAL B 1146 46.09 -1.68 2.51
N ALA B 1147 46.49 -1.00 1.46
CA ALA B 1147 47.42 -1.56 0.51
C ALA B 1147 48.27 -0.44 -0.05
N LYS B 1148 48.93 -0.68 -1.16
CA LYS B 1148 49.85 0.28 -1.75
C LYS B 1148 49.41 0.60 -3.16
N VAL B 1149 49.33 1.89 -3.48
CA VAL B 1149 49.13 2.34 -4.85
C VAL B 1149 50.43 2.91 -5.35
N GLU B 1150 50.54 2.99 -6.67
CA GLU B 1150 51.68 3.64 -7.32
C GLU B 1150 51.41 5.14 -7.34
N LYS B 1151 51.96 5.84 -6.35
CA LYS B 1151 51.71 7.26 -6.15
C LYS B 1151 52.90 8.08 -6.64
N GLY B 1152 52.61 9.29 -7.11
CA GLY B 1152 53.66 10.20 -7.52
C GLY B 1152 54.10 9.98 -8.96
N LYS B 1153 55.05 10.81 -9.39
CA LYS B 1153 55.56 10.72 -10.75
C LYS B 1153 56.46 9.50 -10.94
N SER B 1154 57.20 9.13 -9.89
CA SER B 1154 58.03 7.93 -9.95
C SER B 1154 57.24 6.66 -9.66
N LYS B 1155 55.94 6.79 -9.37
CA LYS B 1155 55.01 5.69 -9.13
C LYS B 1155 55.48 4.83 -7.95
N LYS B 1156 55.76 5.49 -6.83
CA LYS B 1156 56.22 4.81 -5.63
C LYS B 1156 55.05 4.05 -4.99
N LEU B 1157 55.33 2.86 -4.47
CA LEU B 1157 54.30 2.09 -3.79
C LEU B 1157 54.02 2.68 -2.42
N LYS B 1158 53.24 3.76 -2.38
CA LYS B 1158 52.92 4.46 -1.15
C LYS B 1158 51.80 3.74 -0.44
N SER B 1159 51.93 3.55 0.86
CA SER B 1159 50.92 2.86 1.64
C SER B 1159 49.69 3.74 1.80
N VAL B 1160 48.53 3.23 1.38
CA VAL B 1160 47.28 3.97 1.48
C VAL B 1160 46.26 3.15 2.25
N LYS B 1161 45.29 3.87 2.82
CA LYS B 1161 44.12 3.29 3.46
C LYS B 1161 42.91 3.99 2.88
N GLU B 1162 42.16 3.30 2.02
CA GLU B 1162 41.05 3.90 1.32
C GLU B 1162 39.82 3.03 1.45
N LEU B 1163 38.66 3.68 1.42
CA LEU B 1163 37.40 3.01 1.67
C LEU B 1163 36.76 2.74 0.32
N LEU B 1164 37.12 1.61 -0.27
CA LEU B 1164 36.71 1.24 -1.61
C LEU B 1164 35.23 0.90 -1.62
N GLY B 1165 34.57 1.14 -2.75
CA GLY B 1165 33.17 0.78 -2.86
C GLY B 1165 32.97 -0.43 -3.76
N ILE B 1166 32.24 -1.42 -3.25
CA ILE B 1166 31.95 -2.64 -3.99
C ILE B 1166 30.49 -2.60 -4.40
N THR B 1167 30.25 -2.52 -5.69
CA THR B 1167 28.91 -2.42 -6.21
C THR B 1167 28.22 -3.77 -6.15
N ILE B 1168 26.94 -3.81 -6.54
CA ILE B 1168 26.23 -5.08 -6.54
C ILE B 1168 26.56 -5.88 -7.79
N MET B 1169 26.87 -5.19 -8.89
CA MET B 1169 27.34 -5.85 -10.11
C MET B 1169 28.62 -6.63 -9.88
N GLU B 1170 29.43 -6.21 -8.93
CA GLU B 1170 30.78 -6.69 -8.81
C GLU B 1170 30.98 -7.50 -7.54
N ARG B 1171 29.91 -7.72 -6.75
CA ARG B 1171 30.05 -8.40 -5.47
C ARG B 1171 30.43 -9.87 -5.63
N SER B 1172 29.87 -10.53 -6.64
CA SER B 1172 30.18 -11.95 -6.85
C SER B 1172 31.62 -12.13 -7.30
N SER B 1173 32.06 -11.28 -8.24
CA SER B 1173 33.46 -11.31 -8.64
C SER B 1173 34.39 -10.87 -7.53
N PHE B 1174 33.90 -10.10 -6.56
CA PHE B 1174 34.72 -9.75 -5.42
C PHE B 1174 34.89 -10.93 -4.49
N GLU B 1175 33.78 -11.53 -4.05
CA GLU B 1175 33.88 -12.66 -3.13
C GLU B 1175 34.37 -13.93 -3.79
N LYS B 1176 34.59 -13.94 -5.12
CA LYS B 1176 35.31 -15.04 -5.74
C LYS B 1176 36.77 -15.06 -5.27
N ASN B 1177 37.51 -14.00 -5.55
CA ASN B 1177 38.88 -13.86 -5.05
C ASN B 1177 39.13 -12.39 -4.80
N PRO B 1178 39.00 -11.94 -3.54
CA PRO B 1178 39.01 -10.49 -3.29
C PRO B 1178 40.34 -9.83 -3.50
N ILE B 1179 41.44 -10.47 -3.14
CA ILE B 1179 42.73 -9.81 -3.35
C ILE B 1179 43.10 -9.84 -4.81
N ASP B 1180 42.54 -10.76 -5.59
CA ASP B 1180 42.76 -10.75 -7.04
C ASP B 1180 42.08 -9.55 -7.68
N PHE B 1181 40.84 -9.26 -7.26
CA PHE B 1181 40.17 -8.07 -7.78
C PHE B 1181 40.83 -6.80 -7.29
N LEU B 1182 41.29 -6.76 -6.04
CA LEU B 1182 41.93 -5.54 -5.58
C LEU B 1182 43.30 -5.33 -6.19
N GLU B 1183 43.96 -6.41 -6.62
CA GLU B 1183 45.14 -6.24 -7.46
C GLU B 1183 44.75 -5.76 -8.85
N ALA B 1184 43.59 -6.19 -9.34
CA ALA B 1184 43.14 -5.74 -10.66
C ALA B 1184 42.73 -4.28 -10.65
N LYS B 1185 42.23 -3.78 -9.52
CA LYS B 1185 41.72 -2.43 -9.43
C LYS B 1185 42.83 -1.39 -9.39
N GLY B 1186 43.98 -1.72 -8.81
CA GLY B 1186 45.03 -0.73 -8.68
C GLY B 1186 45.49 -0.57 -7.26
N TYR B 1187 45.33 -1.62 -6.47
CA TYR B 1187 45.90 -1.70 -5.13
C TYR B 1187 46.90 -2.85 -5.12
N LYS B 1188 48.11 -2.58 -4.65
CA LYS B 1188 49.19 -3.55 -4.71
C LYS B 1188 49.62 -3.90 -3.29
N GLU B 1189 50.05 -5.16 -3.15
CA GLU B 1189 50.36 -5.80 -1.86
C GLU B 1189 49.16 -5.68 -0.92
N VAL B 1190 48.03 -6.18 -1.39
CA VAL B 1190 46.81 -6.12 -0.61
C VAL B 1190 46.86 -7.20 0.46
N LYS B 1191 46.37 -6.87 1.65
CA LYS B 1191 46.47 -7.74 2.81
C LYS B 1191 45.10 -8.35 3.07
N LYS B 1192 45.00 -9.68 2.88
CA LYS B 1192 43.71 -10.36 2.86
C LYS B 1192 43.07 -10.42 4.24
N ASP B 1193 43.88 -10.49 5.30
CA ASP B 1193 43.33 -10.46 6.65
C ASP B 1193 42.89 -9.05 7.02
N LEU B 1194 43.54 -8.05 6.44
CA LEU B 1194 43.35 -6.67 6.84
C LEU B 1194 42.21 -5.98 6.07
N ILE B 1195 41.32 -6.77 5.47
CA ILE B 1195 40.13 -6.25 4.81
C ILE B 1195 38.97 -6.38 5.77
N ILE B 1196 38.25 -5.29 5.99
CA ILE B 1196 37.09 -5.32 6.87
C ILE B 1196 35.87 -4.85 6.10
N LYS B 1197 34.82 -5.65 6.15
CA LYS B 1197 33.59 -5.39 5.42
C LYS B 1197 32.74 -4.37 6.17
N LEU B 1198 32.30 -3.32 5.49
CA LEU B 1198 31.45 -2.29 6.08
C LEU B 1198 30.22 -2.11 5.24
N PRO B 1199 29.09 -2.61 5.65
CA PRO B 1199 27.87 -2.37 4.87
C PRO B 1199 27.34 -0.97 5.05
N LYS B 1200 26.16 -0.70 4.50
CA LYS B 1200 25.46 0.52 4.84
C LYS B 1200 25.08 0.48 6.31
N TYR B 1201 25.03 1.67 6.92
CA TYR B 1201 24.75 1.89 8.34
C TYR B 1201 25.82 1.28 9.24
N SER B 1202 27.04 1.16 8.73
CA SER B 1202 28.14 0.68 9.56
C SER B 1202 28.59 1.79 10.48
N LEU B 1203 28.35 1.61 11.78
CA LEU B 1203 28.55 2.67 12.76
C LEU B 1203 30.03 2.85 13.06
N PHE B 1204 30.50 4.08 12.95
CA PHE B 1204 31.82 4.47 13.42
C PHE B 1204 31.67 5.30 14.68
N GLU B 1205 32.79 5.60 15.31
CA GLU B 1205 32.79 6.57 16.40
C GLU B 1205 34.08 7.34 16.35
N LEU B 1206 33.97 8.65 16.41
CA LEU B 1206 35.10 9.52 16.15
C LEU B 1206 35.40 10.22 17.47
N GLU B 1207 36.21 11.28 17.44
CA GLU B 1207 36.60 11.98 18.66
C GLU B 1207 35.39 12.57 19.38
N ASN B 1208 35.53 12.68 20.71
CA ASN B 1208 34.58 13.33 21.62
C ASN B 1208 33.20 12.70 21.61
N GLY B 1209 33.09 11.43 21.23
CA GLY B 1209 31.78 10.80 21.22
C GLY B 1209 30.96 11.07 19.98
N ARG B 1210 31.59 11.55 18.92
CA ARG B 1210 30.89 11.77 17.66
C ARG B 1210 30.72 10.44 16.94
N LYS B 1211 29.47 10.00 16.78
CA LYS B 1211 29.13 8.74 16.10
C LYS B 1211 28.58 9.05 14.72
N ARG B 1212 29.17 8.46 13.68
CA ARG B 1212 28.72 8.67 12.30
C ARG B 1212 28.60 7.34 11.57
N MET B 1213 27.38 7.01 11.16
CA MET B 1213 27.13 5.76 10.47
C MET B 1213 27.36 5.95 8.98
N LEU B 1214 28.16 5.06 8.40
CA LEU B 1214 28.46 5.08 6.98
C LEU B 1214 27.20 4.84 6.16
N ALA B 1215 27.10 5.45 4.98
CA ALA B 1215 25.91 5.26 4.16
C ALA B 1215 26.23 5.06 2.70
N SER B 1216 27.47 5.25 2.29
CA SER B 1216 27.86 5.09 0.89
C SER B 1216 29.35 4.81 0.83
N ALA B 1217 29.96 4.95 -0.34
CA ALA B 1217 31.40 4.82 -0.43
C ALA B 1217 32.10 5.99 0.26
N GLY B 1218 31.48 7.16 0.23
CA GLY B 1218 32.08 8.32 0.87
C GLY B 1218 31.12 9.28 1.53
N GLU B 1219 29.93 8.83 1.92
CA GLU B 1219 28.97 9.70 2.57
C GLU B 1219 28.61 9.12 3.92
N LEU B 1220 28.56 9.96 4.94
CA LEU B 1220 28.27 9.52 6.29
C LEU B 1220 26.84 9.88 6.63
N GLN B 1221 26.40 9.51 7.84
CA GLN B 1221 25.13 9.95 8.37
C GLN B 1221 25.35 10.32 9.82
N LYS B 1222 24.30 10.84 10.44
CA LYS B 1222 24.35 11.24 11.84
C LYS B 1222 24.01 10.02 12.68
N GLY B 1223 24.98 9.50 13.39
CA GLY B 1223 24.78 8.34 14.22
C GLY B 1223 24.47 8.61 15.67
N ASN B 1224 24.38 9.87 16.08
CA ASN B 1224 24.14 10.20 17.47
C ASN B 1224 22.68 10.49 17.73
N GLU B 1225 22.20 10.01 18.87
CA GLU B 1225 20.88 10.33 19.37
C GLU B 1225 20.96 11.49 20.36
N LEU B 1226 19.87 12.23 20.47
CA LEU B 1226 19.79 13.36 21.38
C LEU B 1226 18.89 13.00 22.54
N ALA B 1227 19.49 12.76 23.69
CA ALA B 1227 18.70 12.48 24.88
C ALA B 1227 18.20 13.77 25.47
N LEU B 1228 16.96 13.77 25.89
CA LEU B 1228 16.33 14.97 26.39
C LEU B 1228 15.58 14.55 27.66
N PRO B 1229 15.74 15.26 28.77
CA PRO B 1229 15.04 14.87 30.01
C PRO B 1229 13.54 14.98 29.87
N SER B 1230 12.84 14.25 30.73
CA SER B 1230 11.41 14.03 30.53
C SER B 1230 10.59 15.28 30.81
N LYS B 1231 11.14 16.21 31.60
CA LYS B 1231 10.46 17.49 31.80
C LYS B 1231 10.40 18.29 30.51
N TYR B 1232 11.47 18.25 29.71
CA TYR B 1232 11.48 19.00 28.46
C TYR B 1232 10.54 18.36 27.45
N VAL B 1233 10.47 17.04 27.44
CA VAL B 1233 9.60 16.35 26.49
C VAL B 1233 8.14 16.56 26.86
N ASN B 1234 7.84 16.56 28.17
CA ASN B 1234 6.50 16.89 28.63
C ASN B 1234 6.13 18.32 28.26
N PHE B 1235 7.10 19.23 28.38
CA PHE B 1235 6.84 20.61 28.01
C PHE B 1235 6.59 20.75 26.52
N LEU B 1236 7.35 20.05 25.69
CA LEU B 1236 7.16 20.19 24.26
C LEU B 1236 5.87 19.52 23.79
N TYR B 1237 5.44 18.45 24.45
CA TYR B 1237 4.18 17.86 24.05
C TYR B 1237 3.01 18.70 24.51
N LEU B 1238 3.10 19.30 25.70
CA LEU B 1238 2.01 20.15 26.14
C LEU B 1238 1.95 21.44 25.36
N ALA B 1239 3.10 22.04 25.09
CA ALA B 1239 3.11 23.31 24.39
C ALA B 1239 2.79 23.13 22.91
N SER B 1240 3.17 21.99 22.32
CA SER B 1240 2.79 21.79 20.93
C SER B 1240 1.41 21.19 20.77
N HIS B 1241 0.75 20.84 21.86
CA HIS B 1241 -0.66 20.48 21.81
C HIS B 1241 -1.41 21.40 22.76
N TYR B 1242 -1.13 22.71 22.66
CA TYR B 1242 -1.62 23.66 23.65
C TYR B 1242 -3.10 23.95 23.47
N GLU B 1243 -3.67 23.63 22.32
CA GLU B 1243 -5.10 23.84 22.13
C GLU B 1243 -5.90 22.54 22.09
N LYS B 1244 -5.33 21.46 21.55
CA LYS B 1244 -6.06 20.25 21.22
C LYS B 1244 -5.97 19.20 22.32
N LEU B 1245 -6.03 19.63 23.58
CA LEU B 1245 -5.84 18.73 24.73
C LEU B 1245 -6.92 17.65 24.78
N LYS B 1246 -8.17 18.02 24.47
CA LYS B 1246 -9.34 17.14 24.46
C LYS B 1246 -9.56 16.49 25.83
N GLY B 1247 -9.87 17.35 26.79
CA GLY B 1247 -10.22 16.91 28.13
C GLY B 1247 -11.08 17.92 28.85
N SER B 1248 -11.39 17.66 30.11
CA SER B 1248 -12.06 18.66 30.94
C SER B 1248 -11.13 19.85 31.17
N PRO B 1249 -11.64 21.07 31.23
CA PRO B 1249 -10.74 22.24 31.34
C PRO B 1249 -10.06 22.40 32.69
N GLU B 1250 -10.31 21.54 33.68
CA GLU B 1250 -9.65 21.70 34.98
C GLU B 1250 -8.17 21.37 34.88
N ASP B 1251 -7.85 20.12 34.55
CA ASP B 1251 -6.45 19.76 34.34
C ASP B 1251 -5.90 20.38 33.06
N ASN B 1252 -6.75 20.84 32.14
CA ASN B 1252 -6.23 21.60 31.01
C ASN B 1252 -5.74 22.96 31.44
N GLU B 1253 -6.44 23.62 32.37
CA GLU B 1253 -5.93 24.84 32.98
C GLU B 1253 -4.65 24.57 33.75
N GLN B 1254 -4.59 23.43 34.44
CA GLN B 1254 -3.38 23.01 35.13
C GLN B 1254 -2.19 22.89 34.18
N LYS B 1255 -2.38 22.16 33.08
CA LYS B 1255 -1.29 21.95 32.13
C LYS B 1255 -0.97 23.20 31.34
N GLN B 1256 -1.96 24.07 31.10
CA GLN B 1256 -1.70 25.30 30.38
C GLN B 1256 -0.91 26.27 31.25
N LEU B 1257 -1.17 26.28 32.55
CA LEU B 1257 -0.33 27.05 33.46
C LEU B 1257 1.06 26.44 33.57
N PHE B 1258 1.15 25.11 33.46
CA PHE B 1258 2.45 24.46 33.40
C PHE B 1258 3.22 24.86 32.14
N VAL B 1259 2.51 25.06 31.04
CA VAL B 1259 3.14 25.55 29.82
C VAL B 1259 3.63 26.98 30.02
N GLU B 1260 2.74 27.85 30.47
CA GLU B 1260 3.01 29.28 30.46
C GLU B 1260 4.03 29.68 31.53
N GLN B 1261 4.15 28.89 32.61
CA GLN B 1261 5.15 29.25 33.61
C GLN B 1261 6.54 28.80 33.22
N HIS B 1262 6.66 27.66 32.53
CA HIS B 1262 7.97 27.13 32.18
C HIS B 1262 8.38 27.57 30.77
N LYS B 1263 8.33 28.88 30.54
CA LYS B 1263 8.77 29.41 29.26
C LYS B 1263 10.29 29.38 29.13
N HIS B 1264 11.01 29.27 30.25
CA HIS B 1264 12.46 29.14 30.24
C HIS B 1264 12.92 27.83 29.58
N TYR B 1265 12.03 26.84 29.47
CA TYR B 1265 12.41 25.57 28.86
C TYR B 1265 12.75 25.70 27.38
N LEU B 1266 12.17 26.66 26.67
CA LEU B 1266 12.51 26.82 25.27
C LEU B 1266 13.94 27.31 25.09
N ASP B 1267 14.34 28.29 25.91
CA ASP B 1267 15.73 28.74 25.88
C ASP B 1267 16.67 27.65 26.36
N GLU B 1268 16.22 26.82 27.31
CA GLU B 1268 17.07 25.72 27.77
C GLU B 1268 17.23 24.65 26.70
N ILE B 1269 16.17 24.38 25.94
CA ILE B 1269 16.25 23.36 24.88
C ILE B 1269 17.13 23.84 23.75
N ILE B 1270 17.03 25.13 23.38
CA ILE B 1270 17.90 25.61 22.31
C ILE B 1270 19.34 25.70 22.79
N GLU B 1271 19.55 26.00 24.08
CA GLU B 1271 20.88 25.89 24.69
C GLU B 1271 21.42 24.47 24.57
N GLN B 1272 20.56 23.49 24.80
CA GLN B 1272 21.00 22.10 24.82
C GLN B 1272 21.29 21.57 23.42
N ILE B 1273 20.46 21.95 22.45
CA ILE B 1273 20.69 21.58 21.06
C ILE B 1273 21.95 22.24 20.54
N SER B 1274 22.25 23.46 21.00
CA SER B 1274 23.49 24.09 20.58
C SER B 1274 24.72 23.43 21.20
N GLU B 1275 24.64 23.09 22.50
CA GLU B 1275 25.73 22.39 23.16
C GLU B 1275 25.90 20.96 22.65
N PHE B 1276 24.90 20.42 21.97
CA PHE B 1276 24.98 19.10 21.35
C PHE B 1276 25.56 19.17 19.94
N SER B 1277 25.02 20.06 19.12
CA SER B 1277 25.47 20.22 17.74
C SER B 1277 26.83 20.88 17.62
N LYS B 1278 27.34 21.52 18.67
CA LYS B 1278 28.73 21.93 18.63
C LYS B 1278 29.69 20.79 18.94
N ARG B 1279 29.17 19.62 19.27
CA ARG B 1279 29.97 18.46 19.63
C ARG B 1279 29.89 17.35 18.62
N VAL B 1280 28.69 16.89 18.28
CA VAL B 1280 28.52 15.69 17.47
C VAL B 1280 27.81 15.93 16.16
N ILE B 1281 27.59 17.18 15.76
CA ILE B 1281 27.05 17.48 14.45
C ILE B 1281 28.02 18.37 13.66
N LEU B 1282 28.59 19.38 14.32
CA LEU B 1282 29.59 20.29 13.75
C LEU B 1282 29.08 21.05 12.53
N ALA B 1283 27.78 21.33 12.52
CA ALA B 1283 27.20 22.24 11.54
C ALA B 1283 27.29 23.62 12.16
N ASP B 1284 28.40 24.31 11.90
CA ASP B 1284 28.61 25.62 12.51
C ASP B 1284 27.68 26.67 11.94
N ALA B 1285 27.65 26.77 10.61
CA ALA B 1285 26.85 27.80 9.96
C ALA B 1285 25.36 27.51 10.11
N ASN B 1286 24.99 26.24 10.11
CA ASN B 1286 23.59 25.89 10.30
C ASN B 1286 23.12 26.15 11.73
N LEU B 1287 24.00 25.91 12.71
CA LEU B 1287 23.63 26.23 14.08
C LEU B 1287 23.55 27.73 14.29
N ASP B 1288 24.41 28.50 13.62
CA ASP B 1288 24.34 29.94 13.76
C ASP B 1288 23.08 30.49 13.09
N LYS B 1289 22.66 29.88 11.97
CA LYS B 1289 21.40 30.27 11.35
C LYS B 1289 20.22 29.98 12.27
N VAL B 1290 20.19 28.81 12.90
CA VAL B 1290 19.03 28.56 13.74
C VAL B 1290 19.07 29.29 15.08
N LEU B 1291 20.26 29.66 15.56
CA LEU B 1291 20.31 30.53 16.73
C LEU B 1291 19.81 31.93 16.42
N SER B 1292 20.21 32.49 15.27
CA SER B 1292 19.74 33.82 14.90
C SER B 1292 18.24 33.81 14.61
N ALA B 1293 17.76 32.76 13.95
CA ALA B 1293 16.34 32.66 13.69
C ALA B 1293 15.54 32.37 14.95
N TYR B 1294 16.16 31.76 15.96
CA TYR B 1294 15.50 31.65 17.24
C TYR B 1294 15.43 33.00 17.93
N ASN B 1295 16.50 33.80 17.82
CA ASN B 1295 16.52 35.09 18.49
C ASN B 1295 15.52 36.06 17.89
N LYS B 1296 15.29 35.99 16.58
CA LYS B 1296 14.35 36.91 15.95
C LYS B 1296 12.91 36.61 16.37
N HIS B 1297 12.55 35.34 16.45
CA HIS B 1297 11.18 34.95 16.73
C HIS B 1297 10.96 34.61 18.20
N ARG B 1298 11.73 35.24 19.09
CA ARG B 1298 11.67 34.90 20.51
C ARG B 1298 10.34 35.33 21.14
N ASP B 1299 9.75 36.40 20.61
CA ASP B 1299 8.51 36.94 21.14
C ASP B 1299 7.26 36.28 20.56
N LYS B 1300 7.42 35.27 19.71
CA LYS B 1300 6.30 34.55 19.15
C LYS B 1300 5.61 33.73 20.24
N PRO B 1301 4.34 33.36 20.06
CA PRO B 1301 3.64 32.59 21.10
C PRO B 1301 4.20 31.18 21.25
N ILE B 1302 3.82 30.55 22.36
CA ILE B 1302 4.45 29.30 22.78
C ILE B 1302 4.01 28.13 21.89
N ARG B 1303 2.79 28.16 21.37
CA ARG B 1303 2.33 27.07 20.51
C ARG B 1303 3.12 27.02 19.20
N GLU B 1304 3.25 28.17 18.53
CA GLU B 1304 4.00 28.21 17.28
C GLU B 1304 5.48 28.00 17.51
N GLN B 1305 6.02 28.55 18.59
CA GLN B 1305 7.44 28.40 18.87
C GLN B 1305 7.78 26.98 19.28
N ALA B 1306 6.84 26.31 19.95
CA ALA B 1306 7.06 24.93 20.33
C ALA B 1306 7.00 24.01 19.12
N GLU B 1307 6.02 24.22 18.23
CA GLU B 1307 5.95 23.40 17.03
C GLU B 1307 7.16 23.64 16.13
N ASN B 1308 7.71 24.84 16.14
CA ASN B 1308 8.91 25.04 15.36
C ASN B 1308 10.18 24.55 16.04
N ILE B 1309 10.19 24.37 17.36
CA ILE B 1309 11.36 23.70 17.92
C ILE B 1309 11.28 22.18 17.71
N ILE B 1310 10.07 21.63 17.70
CA ILE B 1310 9.91 20.23 17.29
C ILE B 1310 10.27 20.05 15.81
N HIS B 1311 10.05 21.07 14.97
CA HIS B 1311 10.67 21.04 13.65
C HIS B 1311 12.18 21.21 13.71
N LEU B 1312 12.68 21.96 14.70
CA LEU B 1312 14.11 22.24 14.78
C LEU B 1312 14.92 21.01 15.16
N PHE B 1313 14.29 20.00 15.74
CA PHE B 1313 15.06 18.80 16.10
C PHE B 1313 15.58 17.98 14.92
N THR B 1314 15.28 18.33 13.67
CA THR B 1314 15.79 17.57 12.53
C THR B 1314 17.27 17.84 12.29
N LEU B 1315 17.86 18.80 12.99
CA LEU B 1315 19.31 18.94 12.93
C LEU B 1315 20.02 17.80 13.63
N THR B 1316 19.37 17.17 14.63
CA THR B 1316 20.03 16.20 15.48
C THR B 1316 19.41 14.80 15.45
N ASN B 1317 18.53 14.49 14.51
CA ASN B 1317 17.98 13.15 14.47
C ASN B 1317 18.99 12.16 13.91
N LEU B 1318 18.57 10.91 13.85
CA LEU B 1318 19.45 9.84 13.41
C LEU B 1318 19.35 9.69 11.91
N GLY B 1319 20.49 9.41 11.27
CA GLY B 1319 20.43 9.08 9.87
C GLY B 1319 20.84 10.22 8.98
N ALA B 1320 20.14 10.37 7.87
CA ALA B 1320 20.55 11.34 6.87
C ALA B 1320 20.22 12.76 7.34
N PRO B 1321 21.05 13.74 7.00
CA PRO B 1321 20.72 15.13 7.34
C PRO B 1321 19.61 15.62 6.44
N ALA B 1322 18.78 16.51 6.96
CA ALA B 1322 17.63 17.00 6.20
C ALA B 1322 17.52 18.50 6.34
N ALA B 1323 16.65 19.07 5.52
CA ALA B 1323 16.33 20.49 5.53
C ALA B 1323 14.97 20.67 6.20
N PHE B 1324 14.88 21.64 7.09
CA PHE B 1324 13.75 21.76 8.00
C PHE B 1324 13.34 23.22 8.14
N LYS B 1325 12.04 23.45 8.29
CA LYS B 1325 11.48 24.78 8.27
C LYS B 1325 11.32 25.29 9.70
N TYR B 1326 12.25 26.12 10.14
CA TYR B 1326 12.04 26.98 11.29
C TYR B 1326 11.51 28.26 10.67
N PHE B 1327 10.93 29.15 11.51
CA PHE B 1327 9.76 30.05 11.23
C PHE B 1327 9.72 30.51 9.78
N ASP B 1328 10.75 31.20 9.28
CA ASP B 1328 10.83 31.44 7.85
C ASP B 1328 12.14 30.91 7.30
N THR B 1329 13.13 30.73 8.16
CA THR B 1329 14.44 30.31 7.69
C THR B 1329 14.41 28.83 7.34
N THR B 1330 14.05 28.54 6.10
CA THR B 1330 14.20 27.20 5.56
C THR B 1330 15.70 27.00 5.34
N ILE B 1331 16.30 26.23 6.23
CA ILE B 1331 17.75 26.15 6.37
C ILE B 1331 18.27 24.96 5.59
N ASP B 1332 19.29 25.21 4.79
CA ASP B 1332 19.92 24.18 3.97
C ASP B 1332 20.67 23.19 4.86
N ARG B 1333 20.73 21.95 4.41
CA ARG B 1333 21.37 20.91 5.20
C ARG B 1333 22.87 20.89 4.93
N LYS B 1334 23.59 20.08 5.67
CA LYS B 1334 25.00 19.84 5.42
C LYS B 1334 25.23 18.35 5.30
N ARG B 1335 25.97 17.95 4.27
CA ARG B 1335 26.26 16.54 4.02
C ARG B 1335 27.70 16.25 4.42
N TYR B 1336 27.92 15.04 4.93
CA TYR B 1336 29.11 14.72 5.69
C TYR B 1336 30.16 14.00 4.88
N THR B 1337 30.38 14.43 3.64
CA THR B 1337 31.10 13.64 2.64
C THR B 1337 32.57 13.39 2.94
N SER B 1338 33.10 13.99 4.00
CA SER B 1338 34.45 13.68 4.41
C SER B 1338 34.54 12.25 4.91
N THR B 1339 35.17 11.40 4.11
CA THR B 1339 35.39 10.02 4.50
C THR B 1339 36.85 9.73 4.78
N LYS B 1340 37.71 10.76 4.79
CA LYS B 1340 39.07 10.58 5.24
C LYS B 1340 39.23 10.83 6.73
N GLU B 1341 38.19 11.35 7.38
CA GLU B 1341 38.15 11.50 8.83
C GLU B 1341 37.66 10.23 9.51
N VAL B 1342 37.17 9.28 8.74
CA VAL B 1342 36.52 8.11 9.29
C VAL B 1342 37.54 7.03 9.59
N LEU B 1343 38.51 6.87 8.70
CA LEU B 1343 39.43 5.76 8.72
C LEU B 1343 40.46 5.87 9.82
N ASP B 1344 40.49 6.97 10.55
CA ASP B 1344 41.36 7.10 11.70
C ASP B 1344 40.63 6.84 13.00
N ALA B 1345 39.38 6.39 12.93
CA ALA B 1345 38.49 6.44 14.08
C ALA B 1345 37.93 5.06 14.38
N THR B 1346 37.32 4.97 15.55
CA THR B 1346 36.86 3.71 16.10
C THR B 1346 35.65 3.19 15.34
N LEU B 1347 35.78 1.99 14.81
CA LEU B 1347 34.65 1.25 14.28
C LEU B 1347 34.00 0.47 15.42
N ILE B 1348 32.68 0.36 15.40
CA ILE B 1348 31.97 -0.44 16.37
C ILE B 1348 31.14 -1.45 15.63
N HIS B 1349 31.29 -2.72 16.01
CA HIS B 1349 30.46 -3.79 15.49
C HIS B 1349 29.43 -4.12 16.54
N GLN B 1350 28.29 -3.44 16.47
CA GLN B 1350 27.20 -3.67 17.40
C GLN B 1350 26.46 -4.96 17.06
N SER B 1351 25.93 -5.63 18.07
CA SER B 1351 25.15 -6.83 17.87
C SER B 1351 23.73 -6.47 17.43
N ILE B 1352 22.84 -7.44 17.46
CA ILE B 1352 21.49 -7.17 16.96
C ILE B 1352 20.67 -6.40 17.98
N THR B 1353 21.13 -6.32 19.22
CA THR B 1353 20.54 -5.43 20.20
C THR B 1353 21.50 -4.33 20.61
N GLY B 1354 22.77 -4.47 20.31
CA GLY B 1354 23.74 -3.45 20.62
C GLY B 1354 24.40 -3.59 21.95
N LEU B 1355 24.06 -4.62 22.70
CA LEU B 1355 24.69 -4.84 23.98
C LEU B 1355 26.12 -5.36 23.82
N TYR B 1356 26.43 -5.99 22.69
CA TYR B 1356 27.72 -6.62 22.45
C TYR B 1356 28.43 -5.84 21.36
N GLU B 1357 29.55 -5.22 21.71
CA GLU B 1357 30.28 -4.41 20.76
C GLU B 1357 31.68 -4.98 20.57
N THR B 1358 32.15 -5.00 19.34
CA THR B 1358 33.50 -5.43 19.00
C THR B 1358 34.20 -4.22 18.40
N ARG B 1359 34.80 -3.39 19.25
CA ARG B 1359 35.29 -2.08 18.83
C ARG B 1359 36.62 -2.24 18.13
N ILE B 1360 36.60 -2.22 16.80
CA ILE B 1360 37.82 -2.24 16.00
C ILE B 1360 38.31 -0.82 15.83
N ASP B 1361 39.56 -0.56 16.18
CA ASP B 1361 40.19 0.73 15.91
C ASP B 1361 40.84 0.66 14.54
N LEU B 1362 40.61 1.67 13.71
CA LEU B 1362 41.12 1.65 12.35
C LEU B 1362 42.41 2.44 12.19
N SER B 1363 42.75 3.30 13.14
CA SER B 1363 44.01 4.03 13.06
C SER B 1363 45.20 3.14 13.35
N GLN B 1364 44.97 1.99 13.98
CA GLN B 1364 46.04 1.04 14.24
C GLN B 1364 46.46 0.29 12.99
N LEU B 1365 45.63 0.28 11.95
CA LEU B 1365 46.02 -0.40 10.73
C LEU B 1365 47.05 0.44 9.98
N GLY B 1366 47.68 -0.18 8.99
CA GLY B 1366 48.72 0.47 8.23
C GLY B 1366 48.24 1.58 7.31
N MET C 1 -0.55 -3.49 -14.64
CA MET C 1 -1.35 -4.43 -13.87
C MET C 1 -1.15 -4.22 -12.37
N THR C 2 -0.05 -4.73 -11.86
CA THR C 2 0.37 -4.45 -10.49
C THR C 2 1.65 -3.64 -10.60
N LEU C 3 1.81 -2.67 -9.72
CA LEU C 3 2.85 -1.67 -9.88
C LEU C 3 3.84 -1.67 -8.73
N THR C 4 4.98 -1.04 -8.99
CA THR C 4 6.17 -1.05 -8.15
C THR C 4 5.92 -0.20 -6.91
N ARG C 5 6.76 -0.42 -5.89
CA ARG C 5 6.74 0.40 -4.68
C ARG C 5 6.98 1.88 -4.99
N ALA C 6 7.82 2.17 -5.98
CA ALA C 6 8.14 3.56 -6.30
C ALA C 6 6.94 4.27 -6.90
N GLN C 7 6.15 3.59 -7.72
CA GLN C 7 4.94 4.22 -8.23
C GLN C 7 3.72 3.80 -7.43
N LYS C 8 3.92 3.07 -6.35
CA LYS C 8 2.88 2.98 -5.32
C LYS C 8 2.96 4.18 -4.40
N LYS C 9 4.17 4.56 -3.99
CA LYS C 9 4.32 5.69 -3.07
C LYS C 9 4.02 7.00 -3.77
N TYR C 10 4.25 7.05 -5.08
CA TYR C 10 3.77 8.17 -5.88
C TYR C 10 2.26 8.17 -5.98
N ALA C 11 1.65 6.98 -5.91
CA ALA C 11 0.21 6.90 -6.14
C ALA C 11 -0.58 7.44 -4.96
N GLU C 12 -0.08 7.27 -3.72
CA GLU C 12 -0.78 7.92 -2.62
C GLU C 12 -0.33 9.37 -2.49
N ALA C 13 0.81 9.71 -3.06
CA ALA C 13 1.29 11.09 -3.00
C ALA C 13 0.41 11.99 -3.86
N MET C 14 0.12 11.57 -5.07
CA MET C 14 -0.79 12.34 -5.91
C MET C 14 -2.21 12.20 -5.40
N HIS C 15 -2.52 11.10 -4.71
CA HIS C 15 -3.83 10.97 -4.11
C HIS C 15 -4.00 11.91 -2.92
N GLU C 16 -2.88 12.30 -2.30
CA GLU C 16 -2.94 13.30 -1.25
C GLU C 16 -2.98 14.69 -1.86
N PHE C 17 -2.66 14.80 -3.15
CA PHE C 17 -2.73 16.08 -3.85
C PHE C 17 -4.13 16.34 -4.40
N ILE C 18 -4.78 15.31 -4.97
CA ILE C 18 -5.95 15.55 -5.81
C ILE C 18 -7.16 15.94 -4.97
N ASN C 19 -7.14 15.67 -3.67
CA ASN C 19 -8.32 15.92 -2.86
C ASN C 19 -8.34 17.34 -2.30
N MET C 20 -7.18 17.87 -1.93
CA MET C 20 -7.17 18.98 -0.99
C MET C 20 -6.95 20.33 -1.68
N VAL C 21 -6.51 20.34 -2.95
CA VAL C 21 -6.42 21.62 -3.63
C VAL C 21 -7.78 22.07 -4.13
N ASP C 22 -8.39 21.32 -5.05
CA ASP C 22 -9.65 21.62 -5.72
C ASP C 22 -10.17 20.32 -6.32
N ASP C 23 -11.15 20.46 -7.21
CA ASP C 23 -11.55 19.38 -8.10
C ASP C 23 -11.18 19.80 -9.52
N PHE C 24 -10.68 18.85 -10.31
CA PHE C 24 -10.15 19.17 -11.63
C PHE C 24 -10.18 17.94 -12.52
N GLU C 25 -10.19 18.18 -13.83
CA GLU C 25 -10.00 17.15 -14.82
C GLU C 25 -8.53 17.14 -15.24
N GLU C 26 -8.21 16.36 -16.30
CA GLU C 26 -6.87 16.13 -16.86
C GLU C 26 -5.82 15.86 -15.77
N SER C 27 -5.98 14.75 -15.07
CA SER C 27 -5.17 14.50 -13.89
C SER C 27 -3.74 14.10 -14.23
N THR C 28 -3.55 13.21 -15.18
CA THR C 28 -2.33 12.40 -15.24
C THR C 28 -1.17 13.09 -15.95
N PRO C 29 0.02 13.21 -15.30
CA PRO C 29 1.24 12.84 -16.03
C PRO C 29 1.59 11.38 -15.76
N ASP C 30 1.59 11.13 -14.46
CA ASP C 30 1.66 9.90 -13.66
C ASP C 30 3.01 9.21 -13.78
N PHE C 31 3.66 9.16 -14.95
CA PHE C 31 5.04 9.52 -15.30
C PHE C 31 5.55 8.52 -16.32
N ALA C 32 6.80 8.65 -16.73
CA ALA C 32 7.58 7.50 -17.15
C ALA C 32 7.93 6.70 -15.90
N LYS C 33 7.99 5.38 -16.05
CA LYS C 33 8.07 4.51 -14.88
C LYS C 33 9.50 4.37 -14.37
N GLU C 34 10.49 4.36 -15.27
CA GLU C 34 11.86 4.17 -14.82
C GLU C 34 12.41 5.42 -14.16
N VAL C 35 11.75 6.56 -14.36
CA VAL C 35 12.22 7.80 -13.76
C VAL C 35 11.67 7.94 -12.34
N LEU C 36 10.52 7.31 -12.07
CA LEU C 36 9.98 7.30 -10.72
C LEU C 36 10.81 6.45 -9.78
N HIS C 37 11.57 5.51 -10.33
CA HIS C 37 12.39 4.65 -9.48
C HIS C 37 13.58 5.40 -8.90
N ASP C 38 14.32 6.10 -9.76
CA ASP C 38 15.59 6.68 -9.40
C ASP C 38 15.48 8.14 -9.00
N SER C 39 14.44 8.50 -8.26
CA SER C 39 14.22 9.85 -7.82
C SER C 39 13.68 9.81 -6.40
N ASP C 40 14.20 10.69 -5.53
CA ASP C 40 13.99 10.51 -4.11
C ASP C 40 12.73 11.20 -3.61
N TYR C 41 12.27 12.24 -4.31
CA TYR C 41 11.18 13.03 -3.79
C TYR C 41 10.19 13.37 -4.89
N VAL C 42 8.92 13.50 -4.50
CA VAL C 42 7.91 14.11 -5.33
C VAL C 42 7.45 15.35 -4.61
N VAL C 43 7.94 16.50 -5.03
CA VAL C 43 7.49 17.78 -4.52
C VAL C 43 6.39 18.22 -5.45
N ILE C 44 5.60 19.19 -5.02
CA ILE C 44 4.65 19.88 -5.88
C ILE C 44 4.70 21.36 -5.51
N THR C 45 5.17 22.19 -6.43
CA THR C 45 5.21 23.62 -6.17
C THR C 45 4.05 24.32 -6.88
N LYS C 46 3.89 25.60 -6.60
CA LYS C 46 2.78 26.39 -7.12
C LYS C 46 3.32 27.40 -8.11
N ASN C 47 2.85 27.32 -9.35
CA ASN C 47 3.08 28.21 -10.50
C ASN C 47 4.51 28.16 -11.02
N GLU C 48 5.42 27.43 -10.40
CA GLU C 48 6.81 27.44 -10.80
C GLU C 48 7.37 26.03 -10.68
N LYS C 49 8.49 25.81 -11.34
CA LYS C 49 9.25 24.59 -11.17
C LYS C 49 9.77 24.49 -9.75
N TYR C 50 10.10 23.29 -9.32
CA TYR C 50 10.84 23.15 -8.07
C TYR C 50 12.25 23.61 -8.33
N ALA C 51 12.52 24.87 -8.05
CA ALA C 51 13.90 25.34 -8.01
C ALA C 51 14.64 24.55 -6.96
N VAL C 52 15.80 24.04 -7.34
CA VAL C 52 16.40 22.91 -6.65
C VAL C 52 16.93 23.33 -5.28
N ALA C 53 16.58 22.56 -4.25
CA ALA C 53 17.09 22.81 -2.92
C ALA C 53 18.58 22.50 -2.85
N LEU C 54 19.22 22.93 -1.78
CA LEU C 54 20.67 22.98 -1.83
C LEU C 54 21.26 22.69 -0.46
N CYS C 55 22.55 22.39 -0.43
CA CYS C 55 23.22 21.84 0.73
C CYS C 55 24.65 22.34 0.77
N SER C 56 25.47 21.69 1.58
CA SER C 56 26.91 21.94 1.63
C SER C 56 27.63 20.68 2.07
N LEU C 57 28.81 20.43 1.53
CA LEU C 57 29.56 19.24 1.90
C LEU C 57 30.80 19.64 2.67
N SER C 58 30.88 19.22 3.93
CA SER C 58 32.07 19.48 4.72
C SER C 58 33.17 18.54 4.30
N THR C 59 34.30 19.09 3.85
CA THR C 59 35.33 18.30 3.18
C THR C 59 36.62 18.32 3.98
N ASP C 60 36.93 17.17 4.59
CA ASP C 60 38.21 16.87 5.26
C ASP C 60 38.49 17.84 6.40
N GLU C 61 37.43 18.19 7.13
CA GLU C 61 37.45 19.01 8.35
C GLU C 61 38.07 20.40 8.15
N CYS C 62 38.10 20.88 6.91
CA CYS C 62 38.55 22.23 6.60
C CYS C 62 37.55 22.80 5.58
N GLU C 63 36.27 22.67 5.92
CA GLU C 63 35.20 23.12 5.04
C GLU C 63 35.21 24.62 4.91
N TYR C 64 35.22 25.09 3.66
CA TYR C 64 35.42 26.51 3.39
C TYR C 64 34.17 27.31 3.74
N ASP C 65 34.31 28.63 3.66
CA ASP C 65 33.28 29.56 4.11
C ASP C 65 32.12 29.60 3.12
N THR C 66 31.10 28.79 3.41
CA THR C 66 29.76 28.86 2.80
C THR C 66 29.82 28.69 1.27
N ASN C 67 30.20 27.49 0.85
CA ASN C 67 30.06 27.09 -0.55
C ASN C 67 28.86 26.15 -0.63
N LEU C 68 27.81 26.61 -1.29
CA LEU C 68 26.60 25.81 -1.35
C LEU C 68 26.53 25.01 -2.64
N TYR C 69 25.92 23.84 -2.55
CA TYR C 69 25.93 22.83 -3.60
C TYR C 69 24.51 22.31 -3.75
N LEU C 70 24.18 21.80 -4.93
CA LEU C 70 22.81 21.39 -5.22
C LEU C 70 22.63 19.92 -4.89
N ASP C 71 22.10 19.63 -3.70
CA ASP C 71 21.95 18.24 -3.29
C ASP C 71 20.86 17.54 -4.08
N GLU C 72 19.75 18.21 -4.31
CA GLU C 72 18.70 17.69 -5.17
C GLU C 72 19.11 17.95 -6.62
N LYS C 73 18.31 17.42 -7.53
CA LYS C 73 18.51 17.61 -8.96
C LYS C 73 17.22 17.26 -9.66
N LEU C 74 16.61 18.25 -10.30
CA LEU C 74 15.34 18.03 -10.97
C LEU C 74 15.55 17.18 -12.21
N VAL C 75 14.75 16.13 -12.34
CA VAL C 75 14.88 15.26 -13.50
C VAL C 75 13.65 15.35 -14.39
N ASP C 76 12.47 15.61 -13.82
CA ASP C 76 11.24 15.65 -14.59
C ASP C 76 10.22 16.51 -13.88
N TYR C 77 9.71 17.52 -14.58
CA TYR C 77 8.59 18.33 -14.12
C TYR C 77 7.48 18.22 -15.14
N SER C 78 6.25 18.24 -14.67
CA SER C 78 5.08 18.09 -15.54
C SER C 78 3.89 18.73 -14.87
N THR C 79 3.19 19.59 -15.59
CA THR C 79 2.25 20.49 -14.94
C THR C 79 0.82 20.00 -14.99
N VAL C 80 0.07 20.31 -13.95
CA VAL C 80 -1.37 20.09 -13.89
C VAL C 80 -2.03 21.44 -13.70
N ASP C 81 -3.14 21.67 -14.38
CA ASP C 81 -3.74 23.00 -14.48
C ASP C 81 -5.02 23.01 -13.66
N VAL C 82 -4.88 23.24 -12.36
CA VAL C 82 -6.00 23.39 -11.45
C VAL C 82 -6.50 24.82 -11.58
N ASN C 83 -7.83 24.98 -11.68
CA ASN C 83 -8.60 25.87 -12.58
C ASN C 83 -7.83 27.15 -12.91
N GLY C 84 -7.32 27.88 -11.92
CA GLY C 84 -6.61 29.11 -12.22
C GLY C 84 -5.12 28.97 -12.37
N VAL C 85 -4.51 28.15 -11.53
CA VAL C 85 -3.05 28.13 -11.40
C VAL C 85 -2.46 26.89 -12.05
N THR C 86 -1.15 26.85 -12.13
CA THR C 86 -0.44 25.75 -12.76
C THR C 86 0.47 25.09 -11.74
N TYR C 87 -0.04 24.06 -11.07
CA TYR C 87 0.76 23.28 -10.14
C TYR C 87 1.75 22.45 -10.94
N TYR C 88 3.02 22.50 -10.54
CA TYR C 88 4.07 21.73 -11.17
C TYR C 88 4.40 20.50 -10.35
N ILE C 89 3.88 19.35 -10.77
CA ILE C 89 4.24 18.07 -10.20
C ILE C 89 5.59 17.73 -10.76
N ASN C 90 6.57 17.52 -9.88
CA ASN C 90 7.94 17.34 -10.32
C ASN C 90 8.70 16.42 -9.39
N ILE C 91 9.20 15.33 -9.94
CA ILE C 91 9.86 14.29 -9.17
C ILE C 91 11.36 14.55 -9.24
N VAL C 92 12.02 14.50 -8.09
CA VAL C 92 13.37 15.03 -7.96
C VAL C 92 14.31 13.98 -7.43
N GLU C 93 15.40 13.72 -8.13
CA GLU C 93 16.45 12.85 -7.61
C GLU C 93 17.41 13.70 -6.81
N THR C 94 18.17 13.05 -5.94
CA THR C 94 19.25 13.73 -5.25
C THR C 94 20.48 13.64 -6.14
N ASN C 95 21.45 14.50 -5.87
CA ASN C 95 22.75 14.32 -6.50
C ASN C 95 23.61 13.43 -5.62
N ASP C 96 24.53 12.72 -6.25
CA ASP C 96 25.49 11.93 -5.51
C ASP C 96 26.57 12.84 -4.94
N ILE C 97 27.59 12.21 -4.36
CA ILE C 97 28.61 12.99 -3.67
C ILE C 97 29.67 13.53 -4.61
N ASP C 98 30.14 12.73 -5.56
CA ASP C 98 31.28 13.14 -6.37
C ASP C 98 30.88 14.19 -7.40
N ASP C 99 29.61 14.22 -7.79
CA ASP C 99 29.15 15.10 -8.86
C ASP C 99 28.33 16.28 -8.34
N LEU C 100 28.65 16.81 -7.17
CA LEU C 100 28.04 18.04 -6.73
C LEU C 100 28.70 19.24 -7.41
N GLU C 101 27.90 20.24 -7.73
CA GLU C 101 28.40 21.46 -8.37
C GLU C 101 28.03 22.65 -7.50
N ILE C 102 28.76 23.76 -7.69
CA ILE C 102 28.54 24.92 -6.84
C ILE C 102 27.34 25.69 -7.36
N ALA C 103 26.42 26.03 -6.46
CA ALA C 103 25.24 26.79 -6.83
C ALA C 103 25.53 28.28 -6.77
N THR C 104 24.87 29.02 -7.66
CA THR C 104 25.06 30.46 -7.71
C THR C 104 24.22 31.15 -6.64
N ASP C 105 24.37 32.48 -6.57
CA ASP C 105 23.74 33.22 -5.48
C ASP C 105 22.25 33.42 -5.73
N GLU C 106 21.79 33.19 -6.95
CA GLU C 106 20.37 33.34 -7.25
C GLU C 106 19.57 32.22 -6.61
N ASP C 107 20.14 31.01 -6.57
CA ASP C 107 19.38 29.83 -6.16
C ASP C 107 19.13 29.81 -4.66
N GLU C 108 19.94 30.54 -3.90
CA GLU C 108 19.73 30.62 -2.46
C GLU C 108 18.47 31.41 -2.15
N MET C 109 18.10 32.34 -3.05
CA MET C 109 16.86 33.07 -2.91
C MET C 109 15.67 32.21 -3.31
N LYS C 110 15.87 31.31 -4.29
CA LYS C 110 14.75 30.61 -4.89
C LYS C 110 14.13 29.60 -3.94
N SER C 111 14.95 28.91 -3.15
CA SER C 111 14.42 27.93 -2.21
C SER C 111 13.68 28.62 -1.07
N GLY C 112 14.10 29.83 -0.70
CA GLY C 112 13.33 30.60 0.26
C GLY C 112 12.12 31.25 -0.38
N ASN C 113 12.12 31.37 -1.70
CA ASN C 113 10.97 31.95 -2.40
C ASN C 113 9.88 30.91 -2.60
N GLN C 114 10.23 29.63 -2.49
CA GLN C 114 9.33 28.56 -2.89
C GLN C 114 8.15 28.41 -1.96
N GLU C 115 7.13 27.75 -2.50
CA GLU C 115 5.92 27.37 -1.78
C GLU C 115 5.71 25.86 -2.00
N ILE C 116 6.38 25.06 -1.18
CA ILE C 116 6.29 23.61 -1.29
C ILE C 116 4.94 23.18 -0.76
N ILE C 117 4.08 22.67 -1.64
CA ILE C 117 2.79 22.19 -1.18
C ILE C 117 2.93 20.86 -0.48
N LEU C 118 3.65 19.93 -1.08
CA LEU C 118 3.78 18.59 -0.52
C LEU C 118 5.07 17.96 -1.03
N LYS C 119 6.01 17.72 -0.13
CA LYS C 119 7.19 16.92 -0.44
C LYS C 119 6.98 15.55 0.17
N SER C 120 6.85 14.54 -0.68
CA SER C 120 6.60 13.17 -0.25
C SER C 120 7.76 12.32 -0.72
N GLU C 121 8.48 11.72 0.22
CA GLU C 121 9.65 10.94 -0.13
C GLU C 121 9.23 9.60 -0.72
N LEU C 122 10.06 9.09 -1.62
CA LEU C 122 9.92 7.75 -2.18
C LEU C 122 11.27 7.30 -2.70
N LYS C 123 11.68 6.09 -2.32
CA LYS C 123 13.00 5.60 -2.68
C LYS C 123 13.04 5.16 -4.15
#